data_3FWU
# 
_entry.id   3FWU 
# 
_audit_conform.dict_name       mmcif_pdbx.dic 
_audit_conform.dict_version    5.378 
_audit_conform.dict_location   http://mmcif.pdb.org/dictionaries/ascii/mmcif_pdbx.dic 
# 
loop_
_database_2.database_id 
_database_2.database_code 
_database_2.pdbx_database_accession 
_database_2.pdbx_DOI 
PDB   3FWU         pdb_00003fwu 10.2210/pdb3fwu/pdb 
RCSB  RCSB051141   ?            ?                   
WWPDB D_1000051141 ?            ?                   
# 
_pdbx_database_related.db_name        PDB 
_pdbx_database_related.db_id          3FWT 
_pdbx_database_related.details        'Structure of Leishmania major MIF 2' 
_pdbx_database_related.content_type   unspecified 
# 
_pdbx_database_status.entry_id                        3FWU 
_pdbx_database_status.deposit_site                    RCSB 
_pdbx_database_status.process_site                    RCSB 
_pdbx_database_status.recvd_initial_deposition_date   2009-01-19 
_pdbx_database_status.status_code                     REL 
_pdbx_database_status.status_code_sf                  REL 
_pdbx_database_status.status_code_mr                  ? 
_pdbx_database_status.SG_entry                        . 
_pdbx_database_status.pdb_format_compatible           Y 
_pdbx_database_status.status_code_cs                  ? 
_pdbx_database_status.status_code_nmr_data            ? 
_pdbx_database_status.methods_development_category    ? 
# 
loop_
_audit_author.name 
_audit_author.pdbx_ordinal 
'RIchardson, J.M.' 1 
'Walkinshaw, M.D.' 2 
# 
_citation.id                        primary 
_citation.title                     'Structures of Leishmania major orthologues of macrophage migration inhibitory factor' 
_citation.journal_abbrev            Biochem.Biophys.Res.Commun. 
_citation.journal_volume            380 
_citation.page_first                442 
_citation.page_last                 448 
_citation.year                      2009 
_citation.journal_id_ASTM           BBRCA9 
_citation.country                   US 
_citation.journal_id_ISSN           0006-291X 
_citation.journal_id_CSD            0146 
_citation.book_publisher            ? 
_citation.pdbx_database_id_PubMed   19187777 
_citation.pdbx_database_id_DOI      10.1016/j.bbrc.2009.01.030 
# 
loop_
_citation_author.citation_id 
_citation_author.name 
_citation_author.ordinal 
_citation_author.identifier_ORCID 
primary 'Richardson, J.M.' 1 ? 
primary 'Morrison, L.S.'   2 ? 
primary 'Bland, N.D.'      3 ? 
primary 'Bruce, S.'        4 ? 
primary 'Coombs, G.H.'     5 ? 
primary 'Mottram, J.C.'    6 ? 
primary 'Walkinshaw, M.D.' 7 ? 
# 
_cell.length_a           52.321 
_cell.length_b           52.321 
_cell.length_c           97.940 
_cell.angle_alpha        90.000 
_cell.angle_beta         90.000 
_cell.angle_gamma        120.000 
_cell.entry_id           3FWU 
_cell.pdbx_unique_axis   ? 
_cell.Z_PDB              9 
_cell.length_a_esd       ? 
_cell.length_b_esd       ? 
_cell.length_c_esd       ? 
_cell.angle_alpha_esd    ? 
_cell.angle_beta_esd     ? 
_cell.angle_gamma_esd    ? 
# 
_symmetry.space_group_name_H-M             'H 3' 
_symmetry.entry_id                         3FWU 
_symmetry.pdbx_full_space_group_name_H-M   ? 
_symmetry.Int_Tables_number                146 
_symmetry.cell_setting                     ? 
_symmetry.space_group_name_Hall            ? 
# 
loop_
_entity.id 
_entity.type 
_entity.src_method 
_entity.pdbx_description 
_entity.formula_weight 
_entity.pdbx_number_of_molecules 
_entity.pdbx_ec 
_entity.pdbx_mutation 
_entity.pdbx_fragment 
_entity.details 
1 polymer man 'Macrophage migration inhibitory factor-like protein' 14697.716 1  ? ? ? ? 
2 water   nat water                                                 18.015    56 ? ? ? ? 
# 
_entity_poly.entity_id                      1 
_entity_poly.type                           'polypeptide(L)' 
_entity_poly.nstd_linkage                   no 
_entity_poly.nstd_monomer                   no 
_entity_poly.pdbx_seq_one_letter_code       
;MGSSHHHHHHSSGLVPRGSHMPVIQTFVSTPLDHHKRENLAQVYRAVTRDVLGKPEDLVMMTFHDSTPMHFFGSTDPVAC
VRVEALGGYGPSEPEKVTSIVTAAITKECGIVADRIFVLYFSPLHCGWNGTNF
;
_entity_poly.pdbx_seq_one_letter_code_can   
;MGSSHHHHHHSSGLVPRGSHMPVIQTFVSTPLDHHKRENLAQVYRAVTRDVLGKPEDLVMMTFHDSTPMHFFGSTDPVAC
VRVEALGGYGPSEPEKVTSIVTAAITKECGIVADRIFVLYFSPLHCGWNGTNF
;
_entity_poly.pdbx_strand_id                 A 
_entity_poly.pdbx_target_identifier         ? 
# 
loop_
_entity_poly_seq.entity_id 
_entity_poly_seq.num 
_entity_poly_seq.mon_id 
_entity_poly_seq.hetero 
1 1   MET n 
1 2   GLY n 
1 3   SER n 
1 4   SER n 
1 5   HIS n 
1 6   HIS n 
1 7   HIS n 
1 8   HIS n 
1 9   HIS n 
1 10  HIS n 
1 11  SER n 
1 12  SER n 
1 13  GLY n 
1 14  LEU n 
1 15  VAL n 
1 16  PRO n 
1 17  ARG n 
1 18  GLY n 
1 19  SER n 
1 20  HIS n 
1 21  MET n 
1 22  PRO n 
1 23  VAL n 
1 24  ILE n 
1 25  GLN n 
1 26  THR n 
1 27  PHE n 
1 28  VAL n 
1 29  SER n 
1 30  THR n 
1 31  PRO n 
1 32  LEU n 
1 33  ASP n 
1 34  HIS n 
1 35  HIS n 
1 36  LYS n 
1 37  ARG n 
1 38  GLU n 
1 39  ASN n 
1 40  LEU n 
1 41  ALA n 
1 42  GLN n 
1 43  VAL n 
1 44  TYR n 
1 45  ARG n 
1 46  ALA n 
1 47  VAL n 
1 48  THR n 
1 49  ARG n 
1 50  ASP n 
1 51  VAL n 
1 52  LEU n 
1 53  GLY n 
1 54  LYS n 
1 55  PRO n 
1 56  GLU n 
1 57  ASP n 
1 58  LEU n 
1 59  VAL n 
1 60  MET n 
1 61  MET n 
1 62  THR n 
1 63  PHE n 
1 64  HIS n 
1 65  ASP n 
1 66  SER n 
1 67  THR n 
1 68  PRO n 
1 69  MET n 
1 70  HIS n 
1 71  PHE n 
1 72  PHE n 
1 73  GLY n 
1 74  SER n 
1 75  THR n 
1 76  ASP n 
1 77  PRO n 
1 78  VAL n 
1 79  ALA n 
1 80  CYS n 
1 81  VAL n 
1 82  ARG n 
1 83  VAL n 
1 84  GLU n 
1 85  ALA n 
1 86  LEU n 
1 87  GLY n 
1 88  GLY n 
1 89  TYR n 
1 90  GLY n 
1 91  PRO n 
1 92  SER n 
1 93  GLU n 
1 94  PRO n 
1 95  GLU n 
1 96  LYS n 
1 97  VAL n 
1 98  THR n 
1 99  SER n 
1 100 ILE n 
1 101 VAL n 
1 102 THR n 
1 103 ALA n 
1 104 ALA n 
1 105 ILE n 
1 106 THR n 
1 107 LYS n 
1 108 GLU n 
1 109 CYS n 
1 110 GLY n 
1 111 ILE n 
1 112 VAL n 
1 113 ALA n 
1 114 ASP n 
1 115 ARG n 
1 116 ILE n 
1 117 PHE n 
1 118 VAL n 
1 119 LEU n 
1 120 TYR n 
1 121 PHE n 
1 122 SER n 
1 123 PRO n 
1 124 LEU n 
1 125 HIS n 
1 126 CYS n 
1 127 GLY n 
1 128 TRP n 
1 129 ASN n 
1 130 GLY n 
1 131 THR n 
1 132 ASN n 
1 133 PHE n 
# 
_entity_src_gen.entity_id                          1 
_entity_src_gen.pdbx_src_id                        1 
_entity_src_gen.pdbx_alt_source_flag               sample 
_entity_src_gen.pdbx_seq_type                      ? 
_entity_src_gen.pdbx_beg_seq_num                   ? 
_entity_src_gen.pdbx_end_seq_num                   ? 
_entity_src_gen.gene_src_common_name               ? 
_entity_src_gen.gene_src_genus                     ? 
_entity_src_gen.pdbx_gene_src_gene                 LmjF33.1740 
_entity_src_gen.gene_src_species                   ? 
_entity_src_gen.gene_src_strain                    Friedlin 
_entity_src_gen.gene_src_tissue                    ? 
_entity_src_gen.gene_src_tissue_fraction           ? 
_entity_src_gen.gene_src_details                   ? 
_entity_src_gen.pdbx_gene_src_fragment             ? 
_entity_src_gen.pdbx_gene_src_scientific_name      'Leishmania major' 
_entity_src_gen.pdbx_gene_src_ncbi_taxonomy_id     5664 
_entity_src_gen.pdbx_gene_src_variant              ? 
_entity_src_gen.pdbx_gene_src_cell_line            ? 
_entity_src_gen.pdbx_gene_src_atcc                 ? 
_entity_src_gen.pdbx_gene_src_organ                ? 
_entity_src_gen.pdbx_gene_src_organelle            ? 
_entity_src_gen.pdbx_gene_src_cell                 ? 
_entity_src_gen.pdbx_gene_src_cellular_location    ? 
_entity_src_gen.host_org_common_name               ? 
_entity_src_gen.pdbx_host_org_scientific_name      'Escherichia coli' 
_entity_src_gen.pdbx_host_org_ncbi_taxonomy_id     562 
_entity_src_gen.host_org_genus                     ? 
_entity_src_gen.pdbx_host_org_gene                 ? 
_entity_src_gen.pdbx_host_org_organ                ? 
_entity_src_gen.host_org_species                   ? 
_entity_src_gen.pdbx_host_org_tissue               ? 
_entity_src_gen.pdbx_host_org_tissue_fraction      ? 
_entity_src_gen.pdbx_host_org_strain               'BL21(DE3)' 
_entity_src_gen.pdbx_host_org_variant              ? 
_entity_src_gen.pdbx_host_org_cell_line            ? 
_entity_src_gen.pdbx_host_org_atcc                 ? 
_entity_src_gen.pdbx_host_org_culture_collection   ? 
_entity_src_gen.pdbx_host_org_cell                 ? 
_entity_src_gen.pdbx_host_org_organelle            ? 
_entity_src_gen.pdbx_host_org_cellular_location    ? 
_entity_src_gen.pdbx_host_org_vector_type          plasmid 
_entity_src_gen.pdbx_host_org_vector               ? 
_entity_src_gen.host_org_details                   ? 
_entity_src_gen.expression_system_id               ? 
_entity_src_gen.plasmid_name                       pET28a 
_entity_src_gen.plasmid_details                    ? 
_entity_src_gen.pdbx_description                   ? 
# 
_struct_ref.id                         1 
_struct_ref.db_name                    UNP 
_struct_ref.db_code                    Q4Q413_LEIMA 
_struct_ref.pdbx_db_accession          Q4Q413 
_struct_ref.entity_id                  1 
_struct_ref.pdbx_seq_one_letter_code   
;MPVIQTFVSTPLDHHKRENLAQVYRAVTRDVLGKPEDLVMMTFHDSTPMHFFGSTDPVACVRVEALGGYGPSEPEKVTSI
VTAAITKECGIVADRIFVLYFSPLHCGWNGTNF
;
_struct_ref.pdbx_align_begin           1 
_struct_ref.pdbx_db_isoform            ? 
# 
_struct_ref_seq.align_id                      1 
_struct_ref_seq.ref_id                        1 
_struct_ref_seq.pdbx_PDB_id_code              3FWU 
_struct_ref_seq.pdbx_strand_id                A 
_struct_ref_seq.seq_align_beg                 21 
_struct_ref_seq.pdbx_seq_align_beg_ins_code   ? 
_struct_ref_seq.seq_align_end                 133 
_struct_ref_seq.pdbx_seq_align_end_ins_code   ? 
_struct_ref_seq.pdbx_db_accession             Q4Q413 
_struct_ref_seq.db_align_beg                  1 
_struct_ref_seq.pdbx_db_align_beg_ins_code    ? 
_struct_ref_seq.db_align_end                  113 
_struct_ref_seq.pdbx_db_align_end_ins_code    ? 
_struct_ref_seq.pdbx_auth_seq_align_beg       0 
_struct_ref_seq.pdbx_auth_seq_align_end       112 
# 
loop_
_struct_ref_seq_dif.align_id 
_struct_ref_seq_dif.pdbx_pdb_id_code 
_struct_ref_seq_dif.mon_id 
_struct_ref_seq_dif.pdbx_pdb_strand_id 
_struct_ref_seq_dif.seq_num 
_struct_ref_seq_dif.pdbx_pdb_ins_code 
_struct_ref_seq_dif.pdbx_seq_db_name 
_struct_ref_seq_dif.pdbx_seq_db_accession_code 
_struct_ref_seq_dif.db_mon_id 
_struct_ref_seq_dif.pdbx_seq_db_seq_num 
_struct_ref_seq_dif.details 
_struct_ref_seq_dif.pdbx_auth_seq_num 
_struct_ref_seq_dif.pdbx_ordinal 
1 3FWU MET A 1  ? UNP Q4Q413 ? ? 'expression tag' -20 1  
1 3FWU GLY A 2  ? UNP Q4Q413 ? ? 'expression tag' -19 2  
1 3FWU SER A 3  ? UNP Q4Q413 ? ? 'expression tag' -18 3  
1 3FWU SER A 4  ? UNP Q4Q413 ? ? 'expression tag' -17 4  
1 3FWU HIS A 5  ? UNP Q4Q413 ? ? 'expression tag' -16 5  
1 3FWU HIS A 6  ? UNP Q4Q413 ? ? 'expression tag' -15 6  
1 3FWU HIS A 7  ? UNP Q4Q413 ? ? 'expression tag' -14 7  
1 3FWU HIS A 8  ? UNP Q4Q413 ? ? 'expression tag' -13 8  
1 3FWU HIS A 9  ? UNP Q4Q413 ? ? 'expression tag' -12 9  
1 3FWU HIS A 10 ? UNP Q4Q413 ? ? 'expression tag' -11 10 
1 3FWU SER A 11 ? UNP Q4Q413 ? ? 'expression tag' -10 11 
1 3FWU SER A 12 ? UNP Q4Q413 ? ? 'expression tag' -9  12 
1 3FWU GLY A 13 ? UNP Q4Q413 ? ? 'expression tag' -8  13 
1 3FWU LEU A 14 ? UNP Q4Q413 ? ? 'expression tag' -7  14 
1 3FWU VAL A 15 ? UNP Q4Q413 ? ? 'expression tag' -6  15 
1 3FWU PRO A 16 ? UNP Q4Q413 ? ? 'expression tag' -5  16 
1 3FWU ARG A 17 ? UNP Q4Q413 ? ? 'expression tag' -4  17 
1 3FWU GLY A 18 ? UNP Q4Q413 ? ? 'expression tag' -3  18 
1 3FWU SER A 19 ? UNP Q4Q413 ? ? 'expression tag' -2  19 
1 3FWU HIS A 20 ? UNP Q4Q413 ? ? 'expression tag' -1  20 
# 
loop_
_chem_comp.id 
_chem_comp.type 
_chem_comp.mon_nstd_flag 
_chem_comp.name 
_chem_comp.pdbx_synonyms 
_chem_comp.formula 
_chem_comp.formula_weight 
ALA 'L-peptide linking' y ALANINE         ? 'C3 H7 N O2'     89.093  
ARG 'L-peptide linking' y ARGININE        ? 'C6 H15 N4 O2 1' 175.209 
ASN 'L-peptide linking' y ASPARAGINE      ? 'C4 H8 N2 O3'    132.118 
ASP 'L-peptide linking' y 'ASPARTIC ACID' ? 'C4 H7 N O4'     133.103 
CYS 'L-peptide linking' y CYSTEINE        ? 'C3 H7 N O2 S'   121.158 
GLN 'L-peptide linking' y GLUTAMINE       ? 'C5 H10 N2 O3'   146.144 
GLU 'L-peptide linking' y 'GLUTAMIC ACID' ? 'C5 H9 N O4'     147.129 
GLY 'peptide linking'   y GLYCINE         ? 'C2 H5 N O2'     75.067  
HIS 'L-peptide linking' y HISTIDINE       ? 'C6 H10 N3 O2 1' 156.162 
HOH non-polymer         . WATER           ? 'H2 O'           18.015  
ILE 'L-peptide linking' y ISOLEUCINE      ? 'C6 H13 N O2'    131.173 
LEU 'L-peptide linking' y LEUCINE         ? 'C6 H13 N O2'    131.173 
LYS 'L-peptide linking' y LYSINE          ? 'C6 H15 N2 O2 1' 147.195 
MET 'L-peptide linking' y METHIONINE      ? 'C5 H11 N O2 S'  149.211 
PHE 'L-peptide linking' y PHENYLALANINE   ? 'C9 H11 N O2'    165.189 
PRO 'L-peptide linking' y PROLINE         ? 'C5 H9 N O2'     115.130 
SER 'L-peptide linking' y SERINE          ? 'C3 H7 N O3'     105.093 
THR 'L-peptide linking' y THREONINE       ? 'C4 H9 N O3'     119.119 
TRP 'L-peptide linking' y TRYPTOPHAN      ? 'C11 H12 N2 O2'  204.225 
TYR 'L-peptide linking' y TYROSINE        ? 'C9 H11 N O3'    181.189 
VAL 'L-peptide linking' y VALINE          ? 'C5 H11 N O2'    117.146 
# 
_exptl.crystals_number   1 
_exptl.entry_id          3FWU 
_exptl.method            'X-RAY DIFFRACTION' 
# 
_exptl_crystal.id                    1 
_exptl_crystal.density_Matthews      1.76 
_exptl_crystal.density_meas          ? 
_exptl_crystal.density_percent_sol   29.93 
_exptl_crystal.description           ? 
_exptl_crystal.F_000                 ? 
_exptl_crystal.preparation           ? 
# 
_exptl_crystal_grow.crystal_id      1 
_exptl_crystal_grow.method          'VAPOR DIFFUSION, HANGING DROP' 
_exptl_crystal_grow.pH              6.5 
_exptl_crystal_grow.temp            290 
_exptl_crystal_grow.pdbx_details    
'30% w/v PEG 4000, 100mM Imidazole, pH 6.5, Hanging drop, temperature 290K, VAPOR DIFFUSION, HANGING DROP' 
_exptl_crystal_grow.temp_details    ? 
_exptl_crystal_grow.pdbx_pH_range   . 
# 
_diffrn.id                     1 
_diffrn.ambient_temp           77 
_diffrn.ambient_temp_details   ? 
_diffrn.crystal_id             1 
# 
_diffrn_detector.diffrn_id              1 
_diffrn_detector.detector               CCD 
_diffrn_detector.type                   'MAR CCD 165 mm' 
_diffrn_detector.pdbx_collection_date   2006-06-06 
_diffrn_detector.details                ? 
# 
_diffrn_radiation.diffrn_id                        1 
_diffrn_radiation.pdbx_diffrn_protocol             'SINGLE WAVELENGTH' 
_diffrn_radiation.monochromator                    ? 
_diffrn_radiation.wavelength_id                    1 
_diffrn_radiation.pdbx_monochromatic_or_laue_m_l   M 
_diffrn_radiation.pdbx_scattering_type             x-ray 
# 
_diffrn_radiation_wavelength.id           1 
_diffrn_radiation_wavelength.wavelength   0.97650 
_diffrn_radiation_wavelength.wt           1.0 
# 
_diffrn_source.diffrn_id                   1 
_diffrn_source.source                      SYNCHROTRON 
_diffrn_source.type                        'ESRF BEAMLINE BM14' 
_diffrn_source.pdbx_wavelength_list        0.97650 
_diffrn_source.pdbx_wavelength             ? 
_diffrn_source.pdbx_synchrotron_site       ESRF 
_diffrn_source.pdbx_synchrotron_beamline   BM14 
# 
_reflns.entry_id                     3FWU 
_reflns.observed_criterion_sigma_F   ? 
_reflns.observed_criterion_sigma_I   ? 
_reflns.d_resolution_high            1.8 
_reflns.d_resolution_low             25 
_reflns.number_all                   ? 
_reflns.number_obs                   9160 
_reflns.percent_possible_obs         98.8 
_reflns.pdbx_Rmerge_I_obs            0.069 
_reflns.pdbx_Rsym_value              ? 
_reflns.B_iso_Wilson_estimate        18.3 
_reflns.pdbx_redundancy              5.7 
_reflns.R_free_details               ? 
_reflns.limit_h_max                  ? 
_reflns.limit_h_min                  ? 
_reflns.limit_k_max                  ? 
_reflns.limit_k_min                  ? 
_reflns.limit_l_max                  ? 
_reflns.limit_l_min                  ? 
_reflns.observed_criterion_F_max     ? 
_reflns.observed_criterion_F_min     ? 
_reflns.pdbx_chi_squared             ? 
_reflns.pdbx_scaling_rejects         ? 
_reflns.pdbx_netI_over_sigmaI        ? 
_reflns.pdbx_diffrn_id               1 
_reflns.pdbx_ordinal                 1 
# 
_reflns_shell.d_res_high             1.8 
_reflns_shell.d_res_low              1.9 
_reflns_shell.percent_possible_obs   ? 
_reflns_shell.percent_possible_all   93.4 
_reflns_shell.Rmerge_I_obs           0.121 
_reflns_shell.meanI_over_sigI_obs    7.2 
_reflns_shell.pdbx_Rsym_value        ? 
_reflns_shell.pdbx_redundancy        3.5 
_reflns_shell.number_unique_all      1242 
_reflns_shell.number_measured_all    ? 
_reflns_shell.number_measured_obs    ? 
_reflns_shell.number_unique_obs      ? 
_reflns_shell.pdbx_chi_squared       ? 
_reflns_shell.pdbx_diffrn_id         ? 
_reflns_shell.pdbx_ordinal           1 
# 
_refine.entry_id                                 3FWU 
_refine.ls_d_res_high                            1.800 
_refine.ls_d_res_low                             21.54 
_refine.pdbx_ls_sigma_F                          0.00 
_refine.ls_percent_reflns_obs                    98.800 
_refine.ls_number_reflns_obs                     9160 
_refine.pdbx_ls_cross_valid_method               THROUGHOUT 
_refine.pdbx_R_Free_selection_details            RANDOM 
_refine.details                                  'HYDROGENS HAVE BEEN ADDED IN THE RIDING POSITIONS, U VALUES REFINED INDIVIDUALLY' 
_refine.ls_R_factor_obs                          0.203 
_refine.ls_R_factor_R_work                       0.200 
_refine.ls_R_factor_R_free                       0.264 
_refine.ls_percent_reflns_R_free                 4.800 
_refine.ls_number_reflns_R_free                  439 
_refine.B_iso_mean                               18.299 
_refine.aniso_B[1][1]                            0.510 
_refine.aniso_B[2][2]                            0.510 
_refine.aniso_B[3][3]                            -0.770 
_refine.aniso_B[1][2]                            0.260 
_refine.aniso_B[1][3]                            0.000 
_refine.aniso_B[2][3]                            0.000 
_refine.correlation_coeff_Fo_to_Fc               0.943 
_refine.correlation_coeff_Fo_to_Fc_free          0.880 
_refine.pdbx_overall_ESU_R                       0.161 
_refine.pdbx_overall_ESU_R_Free                  0.160 
_refine.overall_SU_ML                            0.118 
_refine.overall_SU_B                             3.850 
_refine.solvent_model_details                    MASK 
_refine.pdbx_solvent_vdw_probe_radii             1.400 
_refine.pdbx_solvent_ion_probe_radii             0.800 
_refine.pdbx_solvent_shrinkage_radii             0.800 
_refine.pdbx_method_to_determine_struct          'MOLECULAR REPLACEMENT' 
_refine.pdbx_stereochemistry_target_values       'MAXIMUM LIKELIHOOD' 
_refine.B_iso_max                                49.23 
_refine.B_iso_min                                9.41 
_refine.occupancy_max                            1.00 
_refine.occupancy_min                            0.50 
_refine.pdbx_ls_sigma_I                          ? 
_refine.ls_number_reflns_all                     ? 
_refine.ls_R_factor_all                          ? 
_refine.ls_redundancy_reflns_obs                 ? 
_refine.pdbx_data_cutoff_high_absF               ? 
_refine.pdbx_data_cutoff_low_absF                ? 
_refine.ls_number_parameters                     ? 
_refine.ls_number_restraints                     ? 
_refine.ls_R_factor_R_free_error                 ? 
_refine.ls_R_factor_R_free_error_details         ? 
_refine.pdbx_starting_model                      'PDB entry 1UIZ' 
_refine.pdbx_stereochem_target_val_spec_case     ? 
_refine.solvent_model_param_bsol                 ? 
_refine.solvent_model_param_ksol                 ? 
_refine.pdbx_isotropic_thermal_model             ? 
_refine.overall_SU_R_Cruickshank_DPI             ? 
_refine.overall_SU_R_free                        ? 
_refine.pdbx_data_cutoff_high_rms_absF           ? 
_refine.ls_wR_factor_R_free                      ? 
_refine.ls_wR_factor_R_work                      ? 
_refine.overall_FOM_free_R_set                   ? 
_refine.overall_FOM_work_R_set                   ? 
_refine.pdbx_overall_phase_error                 ? 
_refine.pdbx_refine_id                           'X-RAY DIFFRACTION' 
_refine.pdbx_diffrn_id                           1 
_refine.pdbx_TLS_residual_ADP_flag               ? 
_refine.pdbx_overall_SU_R_free_Cruickshank_DPI   ? 
_refine.pdbx_overall_SU_R_Blow_DPI               ? 
_refine.pdbx_overall_SU_R_free_Blow_DPI          ? 
# 
_refine_hist.pdbx_refine_id                   'X-RAY DIFFRACTION' 
_refine_hist.cycle_id                         LAST 
_refine_hist.pdbx_number_atoms_protein        890 
_refine_hist.pdbx_number_atoms_nucleic_acid   0 
_refine_hist.pdbx_number_atoms_ligand         0 
_refine_hist.number_atoms_solvent             56 
_refine_hist.number_atoms_total               946 
_refine_hist.d_res_high                       1.800 
_refine_hist.d_res_low                        21.54 
# 
loop_
_refine_ls_restr.type 
_refine_ls_restr.number 
_refine_ls_restr.dev_ideal 
_refine_ls_restr.dev_ideal_target 
_refine_ls_restr.weight 
_refine_ls_restr.pdbx_refine_id 
_refine_ls_restr.pdbx_restraint_function 
r_bond_refined_d       917  0.008  0.022  ? 'X-RAY DIFFRACTION' ? 
r_angle_refined_deg    1256 1.185  1.949  ? 'X-RAY DIFFRACTION' ? 
r_dihedral_angle_1_deg 118  4.769  5.000  ? 'X-RAY DIFFRACTION' ? 
r_dihedral_angle_2_deg 38   29.568 23.158 ? 'X-RAY DIFFRACTION' ? 
r_dihedral_angle_3_deg 143  13.585 15.000 ? 'X-RAY DIFFRACTION' ? 
r_dihedral_angle_4_deg 5    22.879 15.000 ? 'X-RAY DIFFRACTION' ? 
r_chiral_restr         145  0.072  0.200  ? 'X-RAY DIFFRACTION' ? 
r_gen_planes_refined   702  0.006  0.021  ? 'X-RAY DIFFRACTION' ? 
r_mcbond_it            574  0.587  1.500  ? 'X-RAY DIFFRACTION' ? 
r_mcangle_it           944  1.092  2.000  ? 'X-RAY DIFFRACTION' ? 
r_scbond_it            343  1.835  3.000  ? 'X-RAY DIFFRACTION' ? 
r_scangle_it           309  3.018  4.500  ? 'X-RAY DIFFRACTION' ? 
# 
_refine_ls_shell.d_res_high                       1.800 
_refine_ls_shell.d_res_low                        1.847 
_refine_ls_shell.pdbx_total_number_of_bins_used   20 
_refine_ls_shell.percent_reflns_obs               90.740 
_refine_ls_shell.number_reflns_R_work             603 
_refine_ls_shell.R_factor_all                     ? 
_refine_ls_shell.R_factor_R_work                  0.240 
_refine_ls_shell.R_factor_R_free                  0.385 
_refine_ls_shell.percent_reflns_R_free            ? 
_refine_ls_shell.number_reflns_R_free             24 
_refine_ls_shell.R_factor_R_free_error            ? 
_refine_ls_shell.number_reflns_all                627 
_refine_ls_shell.number_reflns_obs                ? 
_refine_ls_shell.redundancy_reflns_obs            ? 
_refine_ls_shell.pdbx_refine_id                   'X-RAY DIFFRACTION' 
# 
_struct.entry_id                  3FWU 
_struct.title                     'Crystal structure of Leishmania major MIF1' 
_struct.pdbx_model_details        ? 
_struct.pdbx_CASP_flag            ? 
_struct.pdbx_model_type_details   ? 
# 
_struct_keywords.entry_id        3FWU 
_struct_keywords.text            'homotrimer, tautomerase, CYTOKINE' 
_struct_keywords.pdbx_keywords   CYTOKINE 
# 
loop_
_struct_asym.id 
_struct_asym.pdbx_blank_PDB_chainid_flag 
_struct_asym.pdbx_modified 
_struct_asym.entity_id 
_struct_asym.details 
A N N 1 ? 
B N N 2 ? 
# 
_struct_biol.id        1 
_struct_biol.details   ? 
# 
loop_
_struct_conf.conf_type_id 
_struct_conf.id 
_struct_conf.pdbx_PDB_helix_id 
_struct_conf.beg_label_comp_id 
_struct_conf.beg_label_asym_id 
_struct_conf.beg_label_seq_id 
_struct_conf.pdbx_beg_PDB_ins_code 
_struct_conf.end_label_comp_id 
_struct_conf.end_label_asym_id 
_struct_conf.end_label_seq_id 
_struct_conf.pdbx_end_PDB_ins_code 
_struct_conf.beg_auth_comp_id 
_struct_conf.beg_auth_asym_id 
_struct_conf.beg_auth_seq_id 
_struct_conf.end_auth_comp_id 
_struct_conf.end_auth_asym_id 
_struct_conf.end_auth_seq_id 
_struct_conf.pdbx_PDB_helix_class 
_struct_conf.details 
_struct_conf.pdbx_PDB_helix_length 
HELX_P HELX_P1 1 ASP A 33  ? VAL A 51  ? ASP A 12 VAL A 30 1 ? 19 
HELX_P HELX_P2 2 PRO A 55  ? VAL A 59  ? PRO A 34 VAL A 38 5 ? 5  
HELX_P HELX_P3 3 SER A 92  ? GLY A 110 ? SER A 71 GLY A 89 1 ? 19 
HELX_P HELX_P4 4 VAL A 112 ? ASP A 114 ? VAL A 91 ASP A 93 5 ? 3  
# 
_struct_conf_type.id          HELX_P 
_struct_conf_type.criteria    ? 
_struct_conf_type.reference   ? 
# 
loop_
_struct_sheet.id 
_struct_sheet.type 
_struct_sheet.number_strands 
_struct_sheet.details 
A ? 4 ? 
B ? 2 ? 
# 
loop_
_struct_sheet_order.sheet_id 
_struct_sheet_order.range_id_1 
_struct_sheet_order.range_id_2 
_struct_sheet_order.offset 
_struct_sheet_order.sense 
A 1 2 ? parallel      
A 2 3 ? anti-parallel 
A 3 4 ? parallel      
B 1 2 ? anti-parallel 
# 
loop_
_struct_sheet_range.sheet_id 
_struct_sheet_range.id 
_struct_sheet_range.beg_label_comp_id 
_struct_sheet_range.beg_label_asym_id 
_struct_sheet_range.beg_label_seq_id 
_struct_sheet_range.pdbx_beg_PDB_ins_code 
_struct_sheet_range.end_label_comp_id 
_struct_sheet_range.end_label_asym_id 
_struct_sheet_range.end_label_seq_id 
_struct_sheet_range.pdbx_end_PDB_ins_code 
_struct_sheet_range.beg_auth_comp_id 
_struct_sheet_range.beg_auth_asym_id 
_struct_sheet_range.beg_auth_seq_id 
_struct_sheet_range.end_auth_comp_id 
_struct_sheet_range.end_auth_asym_id 
_struct_sheet_range.end_auth_seq_id 
A 1 MET A 60  ? HIS A 64  ? MET A 39  HIS A 43  
A 2 VAL A 23  ? VAL A 28  ? VAL A 2   VAL A 7   
A 3 ALA A 79  ? GLU A 84  ? ALA A 58  GLU A 63  
A 4 ILE A 116 ? PHE A 121 ? ILE A 95  PHE A 100 
B 1 GLY A 127 ? TRP A 128 ? GLY A 106 TRP A 107 
B 2 THR A 131 ? ASN A 132 ? THR A 110 ASN A 111 
# 
loop_
_pdbx_struct_sheet_hbond.sheet_id 
_pdbx_struct_sheet_hbond.range_id_1 
_pdbx_struct_sheet_hbond.range_id_2 
_pdbx_struct_sheet_hbond.range_1_label_atom_id 
_pdbx_struct_sheet_hbond.range_1_label_comp_id 
_pdbx_struct_sheet_hbond.range_1_label_asym_id 
_pdbx_struct_sheet_hbond.range_1_label_seq_id 
_pdbx_struct_sheet_hbond.range_1_PDB_ins_code 
_pdbx_struct_sheet_hbond.range_1_auth_atom_id 
_pdbx_struct_sheet_hbond.range_1_auth_comp_id 
_pdbx_struct_sheet_hbond.range_1_auth_asym_id 
_pdbx_struct_sheet_hbond.range_1_auth_seq_id 
_pdbx_struct_sheet_hbond.range_2_label_atom_id 
_pdbx_struct_sheet_hbond.range_2_label_comp_id 
_pdbx_struct_sheet_hbond.range_2_label_asym_id 
_pdbx_struct_sheet_hbond.range_2_label_seq_id 
_pdbx_struct_sheet_hbond.range_2_PDB_ins_code 
_pdbx_struct_sheet_hbond.range_2_auth_atom_id 
_pdbx_struct_sheet_hbond.range_2_auth_comp_id 
_pdbx_struct_sheet_hbond.range_2_auth_asym_id 
_pdbx_struct_sheet_hbond.range_2_auth_seq_id 
A 1 2 O HIS A 64  ? O HIS A 43  N THR A 26  ? N THR A 5   
A 2 3 N VAL A 23  ? N VAL A 2   O GLU A 84  ? O GLU A 63  
A 3 4 N VAL A 83  ? N VAL A 62  O PHE A 121 ? O PHE A 100 
B 1 2 N TRP A 128 ? N TRP A 107 O THR A 131 ? O THR A 110 
# 
_atom_sites.entry_id                    3FWU 
_atom_sites.fract_transf_matrix[1][1]   0.00262781 
_atom_sites.fract_transf_matrix[1][2]   -0.02093905 
_atom_sites.fract_transf_matrix[1][3]   -0.00645978 
_atom_sites.fract_transf_matrix[2][1]   0.01892016 
_atom_sites.fract_transf_matrix[2][2]   -0.00634948 
_atom_sites.fract_transf_matrix[2][3]   -0.00942320 
_atom_sites.fract_transf_matrix[3][1]   0.00378307 
_atom_sites.fract_transf_matrix[3][2]   -0.00235890 
_atom_sites.fract_transf_matrix[3][3]   0.00918521 
_atom_sites.fract_transf_vector[1]      -0.259518 
_atom_sites.fract_transf_vector[2]      -0.177582 
_atom_sites.fract_transf_vector[3]      0.011155 
# 
loop_
_atom_type.symbol 
C 
N 
O 
S 
# 
loop_
_atom_site.group_PDB 
_atom_site.id 
_atom_site.type_symbol 
_atom_site.label_atom_id 
_atom_site.label_alt_id 
_atom_site.label_comp_id 
_atom_site.label_asym_id 
_atom_site.label_entity_id 
_atom_site.label_seq_id 
_atom_site.pdbx_PDB_ins_code 
_atom_site.Cartn_x 
_atom_site.Cartn_y 
_atom_site.Cartn_z 
_atom_site.occupancy 
_atom_site.B_iso_or_equiv 
_atom_site.pdbx_formal_charge 
_atom_site.auth_seq_id 
_atom_site.auth_comp_id 
_atom_site.auth_asym_id 
_atom_site.auth_atom_id 
_atom_site.pdbx_PDB_model_num 
ATOM   1   N N   . MET A 1 21  ? 13.243  1.889   3.499   1.00 26.56 ? 0   MET A N   1 
ATOM   2   C CA  . MET A 1 21  ? 12.812  1.661   2.096   1.00 25.87 ? 0   MET A CA  1 
ATOM   3   C C   . MET A 1 21  ? 11.614  0.725   2.042   1.00 24.26 ? 0   MET A C   1 
ATOM   4   O O   . MET A 1 21  ? 11.765  -0.457  1.744   1.00 24.82 ? 0   MET A O   1 
ATOM   5   C CB  . MET A 1 21  ? 13.973  1.070   1.284   1.00 26.81 ? 0   MET A CB  1 
ATOM   6   C CG  . MET A 1 21  ? 15.282  1.834   1.464   1.00 29.61 ? 0   MET A CG  1 
ATOM   7   S SD  . MET A 1 21  ? 16.767  0.942   0.934   1.00 35.91 ? 0   MET A SD  1 
ATOM   8   C CE  . MET A 1 21  ? 16.793  -0.435  2.080   1.00 34.61 ? 0   MET A CE  1 
ATOM   9   N N   . PRO A 1 22  ? 10.409  1.243   2.327   1.00 22.42 ? 1   PRO A N   1 
ATOM   10  C CA  . PRO A 1 22  ? 9.247   0.367   2.258   1.00 20.78 ? 1   PRO A CA  1 
ATOM   11  C C   . PRO A 1 22  ? 8.768   0.124   0.817   1.00 19.13 ? 1   PRO A C   1 
ATOM   12  O O   . PRO A 1 22  ? 9.065   0.909   -0.090  1.00 18.62 ? 1   PRO A O   1 
ATOM   13  C CB  . PRO A 1 22  ? 8.185   1.140   3.038   1.00 21.37 ? 1   PRO A CB  1 
ATOM   14  C CG  . PRO A 1 22  ? 8.552   2.567   2.857   1.00 21.44 ? 1   PRO A CG  1 
ATOM   15  C CD  . PRO A 1 22  ? 10.054  2.615   2.720   1.00 22.47 ? 1   PRO A CD  1 
ATOM   16  N N   . VAL A 1 23  ? 8.047   -0.973  0.617   1.00 16.70 ? 2   VAL A N   1 
ATOM   17  C CA  . VAL A 1 23  ? 7.416   -1.249  -0.662  1.00 14.91 ? 2   VAL A CA  1 
ATOM   18  C C   . VAL A 1 23  ? 5.922   -1.368  -0.405  1.00 14.12 ? 2   VAL A C   1 
ATOM   19  O O   . VAL A 1 23  ? 5.495   -1.962  0.598   1.00 13.19 ? 2   VAL A O   1 
ATOM   20  C CB  . VAL A 1 23  ? 7.956   -2.528  -1.321  1.00 14.88 ? 2   VAL A CB  1 
ATOM   21  C CG1 . VAL A 1 23  ? 7.125   -2.887  -2.528  1.00 14.79 ? 2   VAL A CG1 1 
ATOM   22  C CG2 . VAL A 1 23  ? 9.434   -2.334  -1.741  1.00 15.28 ? 2   VAL A CG2 1 
ATOM   23  N N   . ILE A 1 24  ? 5.126   -0.767  -1.279  1.00 13.14 ? 3   ILE A N   1 
ATOM   24  C CA  . ILE A 1 24  ? 3.674   -0.901  -1.176  1.00 12.67 ? 3   ILE A CA  1 
ATOM   25  C C   . ILE A 1 24  ? 3.107   -1.346  -2.517  1.00 12.26 ? 3   ILE A C   1 
ATOM   26  O O   . ILE A 1 24  ? 3.184   -0.618  -3.510  1.00 12.67 ? 3   ILE A O   1 
ATOM   27  C CB  . ILE A 1 24  ? 3.022   0.402   -0.714  1.00 12.12 ? 3   ILE A CB  1 
ATOM   28  C CG1 . ILE A 1 24  ? 3.634   0.844   0.624   1.00 12.67 ? 3   ILE A CG1 1 
ATOM   29  C CG2 . ILE A 1 24  ? 1.497   0.243   -0.620  1.00 12.39 ? 3   ILE A CG2 1 
ATOM   30  C CD1 . ILE A 1 24  ? 3.093   2.166   1.132   1.00 12.98 ? 3   ILE A CD1 1 
ATOM   31  N N   . GLN A 1 25  ? 2.564   -2.555  -2.550  1.00 11.75 ? 4   GLN A N   1 
ATOM   32  C CA  . GLN A 1 25  ? 1.917   -3.060  -3.754  1.00 12.30 ? 4   GLN A CA  1 
ATOM   33  C C   . GLN A 1 25  ? 0.413   -2.950  -3.591  1.00 11.24 ? 4   GLN A C   1 
ATOM   34  O O   . GLN A 1 25  ? -0.151  -3.466  -2.618  1.00 10.62 ? 4   GLN A O   1 
ATOM   35  C CB  . GLN A 1 25  ? 2.234   -4.532  -3.975  1.00 12.76 ? 4   GLN A CB  1 
ATOM   36  C CG  . GLN A 1 25  ? 3.692   -4.859  -4.133  1.00 16.28 ? 4   GLN A CG  1 
ATOM   37  C CD  . GLN A 1 25  ? 3.872   -6.331  -4.452  1.00 22.02 ? 4   GLN A CD  1 
ATOM   38  O OE1 . GLN A 1 25  ? 3.269   -7.194  -3.809  1.00 25.62 ? 4   GLN A OE1 1 
ATOM   39  N NE2 . GLN A 1 25  ? 4.682   -6.624  -5.447  1.00 26.25 ? 4   GLN A NE2 1 
ATOM   40  N N   . THR A 1 26  ? -0.224  -2.318  -4.568  1.00 10.98 ? 5   THR A N   1 
ATOM   41  C CA  . THR A 1 26  ? -1.660  -2.109  -4.539  1.00 10.61 ? 5   THR A CA  1 
ATOM   42  C C   . THR A 1 26  ? -2.354  -2.932  -5.628  1.00 10.64 ? 5   THR A C   1 
ATOM   43  O O   . THR A 1 26  ? -2.204  -2.666  -6.822  1.00 10.96 ? 5   THR A O   1 
ATOM   44  C CB  . THR A 1 26  ? -2.003  -0.622  -4.732  1.00 11.03 ? 5   THR A CB  1 
ATOM   45  O OG1 . THR A 1 26  ? -1.468  0.133   -3.642  1.00 11.21 ? 5   THR A OG1 1 
ATOM   46  C CG2 . THR A 1 26  ? -3.512  -0.429  -4.798  1.00 9.87  ? 5   THR A CG2 1 
ATOM   47  N N   . PHE A 1 27  ? -3.105  -3.944  -5.217  1.00 10.83 ? 6   PHE A N   1 
ATOM   48  C CA  . PHE A 1 27  ? -3.950  -4.679  -6.139  1.00 10.81 ? 6   PHE A CA  1 
ATOM   49  C C   . PHE A 1 27  ? -5.403  -4.236  -5.995  1.00 10.58 ? 6   PHE A C   1 
ATOM   50  O O   . PHE A 1 27  ? -5.982  -4.282  -4.894  1.00 10.76 ? 6   PHE A O   1 
ATOM   51  C CB  . PHE A 1 27  ? -3.880  -6.178  -5.884  1.00 11.27 ? 6   PHE A CB  1 
ATOM   52  C CG  . PHE A 1 27  ? -2.517  -6.778  -6.104  1.00 11.47 ? 6   PHE A CG  1 
ATOM   53  C CD1 . PHE A 1 27  ? -1.565  -6.739  -5.104  1.00 12.89 ? 6   PHE A CD1 1 
ATOM   54  C CD2 . PHE A 1 27  ? -2.201  -7.398  -7.312  1.00 11.41 ? 6   PHE A CD2 1 
ATOM   55  C CE1 . PHE A 1 27  ? -0.297  -7.306  -5.300  1.00 14.64 ? 6   PHE A CE1 1 
ATOM   56  C CE2 . PHE A 1 27  ? -0.953  -7.960  -7.515  1.00 13.44 ? 6   PHE A CE2 1 
ATOM   57  C CZ  . PHE A 1 27  ? 0.002   -7.912  -6.501  1.00 14.04 ? 6   PHE A CZ  1 
ATOM   58  N N   . VAL A 1 28  ? -6.010  -3.829  -7.102  1.00 10.10 ? 7   VAL A N   1 
ATOM   59  C CA  . VAL A 1 28  ? -7.445  -3.595  -7.080  1.00 10.15 ? 7   VAL A CA  1 
ATOM   60  C C   . VAL A 1 28  ? -8.119  -4.285  -8.259  1.00 10.52 ? 7   VAL A C   1 
ATOM   61  O O   . VAL A 1 28  ? -7.497  -4.543  -9.275  1.00 9.41  ? 7   VAL A O   1 
ATOM   62  C CB  . VAL A 1 28  ? -7.798  -2.088  -7.041  1.00 10.28 ? 7   VAL A CB  1 
ATOM   63  C CG1 . VAL A 1 28  ? -7.275  -1.472  -5.750  1.00 11.09 ? 7   VAL A CG1 1 
ATOM   64  C CG2 . VAL A 1 28  ? -7.236  -1.350  -8.255  1.00 10.88 ? 7   VAL A CG2 1 
ATOM   65  N N   . SER A 1 29  ? -9.395  -4.595  -8.107  1.00 11.09 ? 8   SER A N   1 
ATOM   66  C CA  . SER A 1 29  ? -10.114 -5.312  -9.153  1.00 11.42 ? 8   SER A CA  1 
ATOM   67  C C   . SER A 1 29  ? -10.686 -4.337  -10.175 1.00 12.53 ? 8   SER A C   1 
ATOM   68  O O   . SER A 1 29  ? -11.171 -4.750  -11.236 1.00 13.54 ? 8   SER A O   1 
ATOM   69  C CB  . SER A 1 29  ? -11.238 -6.146  -8.531  1.00 10.88 ? 8   SER A CB  1 
ATOM   70  O OG  . SER A 1 29  ? -12.231 -5.320  -7.931  1.00 9.62  ? 8   SER A OG  1 
ATOM   71  N N   . THR A 1 30  ? -10.650 -3.054  -9.825  1.00 13.16 ? 9   THR A N   1 
ATOM   72  C CA  . THR A 1 30  ? -11.147 -1.978  -10.679 1.00 14.04 ? 9   THR A CA  1 
ATOM   73  C C   . THR A 1 30  ? -9.991  -1.374  -11.460 1.00 14.47 ? 9   THR A C   1 
ATOM   74  O O   . THR A 1 30  ? -8.822  -1.566  -11.096 1.00 13.99 ? 9   THR A O   1 
ATOM   75  C CB  . THR A 1 30  ? -11.774 -0.851  -9.829  1.00 14.43 ? 9   THR A CB  1 
ATOM   76  O OG1 . THR A 1 30  ? -10.832 -0.401  -8.851  1.00 14.51 ? 9   THR A OG1 1 
ATOM   77  C CG2 . THR A 1 30  ? -13.009 -1.339  -9.112  1.00 13.55 ? 9   THR A CG2 1 
ATOM   78  N N   . PRO A 1 31  ? -10.308 -0.623  -12.530 1.00 14.71 ? 10  PRO A N   1 
ATOM   79  C CA  . PRO A 1 31  ? -9.310  0.116   -13.296 1.00 15.02 ? 10  PRO A CA  1 
ATOM   80  C C   . PRO A 1 31  ? -8.750  1.296   -12.503 1.00 15.53 ? 10  PRO A C   1 
ATOM   81  O O   . PRO A 1 31  ? -9.480  1.927   -11.743 1.00 15.55 ? 10  PRO A O   1 
ATOM   82  C CB  . PRO A 1 31  ? -10.101 0.633   -14.510 1.00 15.18 ? 10  PRO A CB  1 
ATOM   83  C CG  . PRO A 1 31  ? -11.364 -0.186  -14.544 1.00 15.50 ? 10  PRO A CG  1 
ATOM   84  C CD  . PRO A 1 31  ? -11.655 -0.510  -13.116 1.00 15.08 ? 10  PRO A CD  1 
ATOM   85  N N   . LEU A 1 32  ? -7.456  1.558   -12.652 1.00 15.14 ? 11  LEU A N   1 
ATOM   86  C CA  . LEU A 1 32  ? -6.856  2.766   -12.098 1.00 16.27 ? 11  LEU A CA  1 
ATOM   87  C C   . LEU A 1 32  ? -6.416  3.677   -13.234 1.00 16.63 ? 11  LEU A C   1 
ATOM   88  O O   . LEU A 1 32  ? -5.787  3.223   -14.186 1.00 18.12 ? 11  LEU A O   1 
ATOM   89  C CB  . LEU A 1 32  ? -5.635  2.429   -11.254 1.00 15.13 ? 11  LEU A CB  1 
ATOM   90  C CG  . LEU A 1 32  ? -5.876  1.737   -9.923  1.00 16.72 ? 11  LEU A CG  1 
ATOM   91  C CD1 . LEU A 1 32  ? -4.545  1.343   -9.275  1.00 16.36 ? 11  LEU A CD1 1 
ATOM   92  C CD2 . LEU A 1 32  ? -6.709  2.651   -9.008  1.00 16.30 ? 11  LEU A CD2 1 
ATOM   93  N N   . ASP A 1 33  ? -6.716  4.959   -13.136 1.00 16.87 ? 12  ASP A N   1 
ATOM   94  C CA  . ASP A 1 33  ? -6.240  5.884   -14.142 1.00 17.29 ? 12  ASP A CA  1 
ATOM   95  C C   . ASP A 1 33  ? -5.138  6.748   -13.565 1.00 17.05 ? 12  ASP A C   1 
ATOM   96  O O   . ASP A 1 33  ? -4.766  6.597   -12.403 1.00 16.63 ? 12  ASP A O   1 
ATOM   97  C CB  . ASP A 1 33  ? -7.384  6.743   -14.687 1.00 17.61 ? 12  ASP A CB  1 
ATOM   98  C CG  . ASP A 1 33  ? -8.155  7.474   -13.589 1.00 18.62 ? 12  ASP A CG  1 
ATOM   99  O OD1 . ASP A 1 33  ? -7.791  7.372   -12.403 1.00 20.36 ? 12  ASP A OD1 1 
ATOM   100 O OD2 . ASP A 1 33  ? -9.131  8.166   -13.918 1.00 21.52 ? 12  ASP A OD2 1 
ATOM   101 N N   . HIS A 1 34  ? -4.610  7.657   -14.382 1.00 17.19 ? 13  HIS A N   1 
ATOM   102 C CA  . HIS A 1 34  ? -3.553  8.534   -13.925 1.00 17.06 ? 13  HIS A CA  1 
ATOM   103 C C   . HIS A 1 34  ? -3.926  9.202   -12.608 1.00 16.85 ? 13  HIS A C   1 
ATOM   104 O O   . HIS A 1 34  ? -3.134  9.217   -11.647 1.00 17.35 ? 13  HIS A O   1 
ATOM   105 C CB  . HIS A 1 34  ? -3.253  9.610   -14.965 1.00 17.87 ? 13  HIS A CB  1 
ATOM   106 C CG  . HIS A 1 34  ? -2.194  10.560  -14.526 1.00 19.32 ? 13  HIS A CG  1 
ATOM   107 N ND1 . HIS A 1 34  ? -0.852  10.294  -14.690 1.00 21.25 ? 13  HIS A ND1 1 
ATOM   108 C CD2 . HIS A 1 34  ? -2.272  11.751  -13.883 1.00 20.19 ? 13  HIS A CD2 1 
ATOM   109 C CE1 . HIS A 1 34  ? -0.148  11.292  -14.183 1.00 22.18 ? 13  HIS A CE1 1 
ATOM   110 N NE2 . HIS A 1 34  ? -0.984  12.185  -13.683 1.00 20.66 ? 13  HIS A NE2 1 
ATOM   111 N N   . HIS A 1 35  ? -5.137  9.741   -12.570 1.00 16.32 ? 14  HIS A N   1 
ATOM   112 C CA  . HIS A 1 35  ? -5.619  10.505  -11.434 1.00 16.64 ? 14  HIS A CA  1 
ATOM   113 C C   . HIS A 1 35  ? -5.593  9.693   -10.139 1.00 16.30 ? 14  HIS A C   1 
ATOM   114 O O   . HIS A 1 35  ? -5.121  10.171  -9.119  1.00 16.26 ? 14  HIS A O   1 
ATOM   115 C CB  . HIS A 1 35  ? -7.033  11.039  -11.716 1.00 16.83 ? 14  HIS A CB  1 
ATOM   116 C CG  . HIS A 1 35  ? -7.617  11.830  -10.588 1.00 17.03 ? 14  HIS A CG  1 
ATOM   117 N ND1 . HIS A 1 35  ? -7.179  13.100  -10.261 1.00 19.53 ? 14  HIS A ND1 1 
ATOM   118 C CD2 . HIS A 1 35  ? -8.612  11.541  -9.716  1.00 17.99 ? 14  HIS A CD2 1 
ATOM   119 C CE1 . HIS A 1 35  ? -7.872  13.551  -9.232  1.00 19.59 ? 14  HIS A CE1 1 
ATOM   120 N NE2 . HIS A 1 35  ? -8.747  12.624  -8.880  1.00 20.01 ? 14  HIS A NE2 1 
ATOM   121 N N   . LYS A 1 36  ? -6.083  8.463   -10.188 1.00 16.07 ? 15  LYS A N   1 
ATOM   122 C CA  . LYS A 1 36  ? -6.143  7.623   -8.997  1.00 16.25 ? 15  LYS A CA  1 
ATOM   123 C C   . LYS A 1 36  ? -4.760  7.182   -8.545  1.00 15.97 ? 15  LYS A C   1 
ATOM   124 O O   . LYS A 1 36  ? -4.479  7.150   -7.353  1.00 16.24 ? 15  LYS A O   1 
ATOM   125 C CB  . LYS A 1 36  ? -7.018  6.394   -9.246  1.00 16.24 ? 15  LYS A CB  1 
ATOM   126 C CG  . LYS A 1 36  ? -8.487  6.725   -9.502  1.00 17.17 ? 15  LYS A CG  1 
ATOM   127 C CD  . LYS A 1 36  ? -9.257  5.478   -9.885  1.00 17.39 ? 15  LYS A CD  1 
ATOM   128 C CE  . LYS A 1 36  ? -10.730 5.781   -10.155 1.00 18.38 ? 15  LYS A CE  1 
ATOM   129 N NZ  . LYS A 1 36  ? -10.888 6.467   -11.451 1.00 20.31 ? 15  LYS A NZ  1 
ATOM   130 N N   . ARG A 1 37  ? -3.894  6.847   -9.495  1.00 15.86 ? 16  ARG A N   1 
ATOM   131 C CA  . ARG A 1 37  ? -2.544  6.407   -9.161  1.00 15.75 ? 16  ARG A CA  1 
ATOM   132 C C   . ARG A 1 37  ? -1.720  7.538   -8.556  1.00 15.59 ? 16  ARG A C   1 
ATOM   133 O O   . ARG A 1 37  ? -1.011  7.346   -7.568  1.00 15.45 ? 16  ARG A O   1 
ATOM   134 C CB  . ARG A 1 37  ? -1.850  5.812   -10.387 1.00 15.55 ? 16  ARG A CB  1 
ATOM   135 C CG  . ARG A 1 37  ? -2.456  4.484   -10.829 1.00 16.52 ? 16  ARG A CG  1 
ATOM   136 C CD  . ARG A 1 37  ? -1.618  3.800   -11.920 1.00 21.41 ? 16  ARG A CD  1 
ATOM   137 N NE  . ARG A 1 37  ? -2.018  4.290   -13.232 1.00 24.69 ? 16  ARG A NE  1 
ATOM   138 C CZ  . ARG A 1 37  ? -1.247  5.018   -14.017 1.00 26.01 ? 16  ARG A CZ  1 
ATOM   139 N NH1 . ARG A 1 37  ? -0.003  5.302   -13.639 1.00 30.07 ? 16  ARG A NH1 1 
ATOM   140 N NH2 . ARG A 1 37  ? -1.710  5.444   -15.184 1.00 26.48 ? 16  ARG A NH2 1 
ATOM   141 N N   . GLU A 1 38  ? -1.824  8.725   -9.136  1.00 15.36 ? 17  GLU A N   1 
ATOM   142 C CA  . GLU A 1 38  ? -1.180  9.893   -8.537  1.00 16.00 ? 17  GLU A CA  1 
ATOM   143 C C   . GLU A 1 38  ? -1.708  10.175  -7.118  1.00 15.55 ? 17  GLU A C   1 
ATOM   144 O O   . GLU A 1 38  ? -0.928  10.388  -6.193  1.00 16.18 ? 17  GLU A O   1 
ATOM   145 C CB  . GLU A 1 38  ? -1.363  11.139  -9.423  1.00 16.08 ? 17  GLU A CB  1 
ATOM   146 C CG  . GLU A 1 38  ? -0.729  12.380  -8.817  1.00 19.31 ? 17  GLU A CG  1 
ATOM   147 C CD  . GLU A 1 38  ? 0.714   12.130  -8.402  1.00 23.89 ? 17  GLU A CD  1 
ATOM   148 O OE1 . GLU A 1 38  ? 1.473   11.531  -9.211  1.00 25.13 ? 17  GLU A OE1 1 
ATOM   149 O OE2 . GLU A 1 38  ? 1.083   12.512  -7.262  1.00 26.23 ? 17  GLU A OE2 1 
ATOM   150 N N   . ASN A 1 39  ? -3.029  10.191  -6.949  1.00 15.86 ? 18  ASN A N   1 
ATOM   151 C CA  . ASN A 1 39  ? -3.640  10.453  -5.644  1.00 14.99 ? 18  ASN A CA  1 
ATOM   152 C C   . ASN A 1 39  ? -3.235  9.405   -4.606  1.00 14.78 ? 18  ASN A C   1 
ATOM   153 O O   . ASN A 1 39  ? -2.939  9.732   -3.460  1.00 13.90 ? 18  ASN A O   1 
ATOM   154 C CB  . ASN A 1 39  ? -5.161  10.507  -5.756  1.00 16.21 ? 18  ASN A CB  1 
ATOM   155 C CG  . ASN A 1 39  ? -5.660  11.835  -6.320  1.00 17.95 ? 18  ASN A CG  1 
ATOM   156 O OD1 . ASN A 1 39  ? -4.885  12.767  -6.528  1.00 20.28 ? 18  ASN A OD1 1 
ATOM   157 N ND2 . ASN A 1 39  ? -6.955  11.919  -6.572  1.00 20.19 ? 18  ASN A ND2 1 
ATOM   158 N N   . LEU A 1 40  ? -3.242  8.135   -5.000  1.00 14.03 ? 19  LEU A N   1 
ATOM   159 C CA  . LEU A 1 40  ? -2.772  7.103   -4.084  1.00 13.63 ? 19  LEU A CA  1 
ATOM   160 C C   . LEU A 1 40  ? -1.287  7.242   -3.776  1.00 13.72 ? 19  LEU A C   1 
ATOM   161 O O   . LEU A 1 40  ? -0.879  7.130   -2.624  1.00 14.26 ? 19  LEU A O   1 
ATOM   162 C CB  . LEU A 1 40  ? -3.101  5.707   -4.615  1.00 13.26 ? 19  LEU A CB  1 
ATOM   163 C CG  . LEU A 1 40  ? -4.587  5.377   -4.728  1.00 12.87 ? 19  LEU A CG  1 
ATOM   164 C CD1 . LEU A 1 40  ? -4.744  4.024   -5.422  1.00 13.32 ? 19  LEU A CD1 1 
ATOM   165 C CD2 . LEU A 1 40  ? -5.225  5.346   -3.377  1.00 13.20 ? 19  LEU A CD2 1 
ATOM   166 N N   . ALA A 1 41  ? -0.461  7.480   -4.791  1.00 13.52 ? 20  ALA A N   1 
ATOM   167 C CA  . ALA A 1 41  ? 0.958   7.661   -4.528  1.00 13.33 ? 20  ALA A CA  1 
ATOM   168 C C   . ALA A 1 41  ? 1.199   8.781   -3.519  1.00 13.79 ? 20  ALA A C   1 
ATOM   169 O O   . ALA A 1 41  ? 2.061   8.669   -2.653  1.00 13.47 ? 20  ALA A O   1 
ATOM   170 C CB  . ALA A 1 41  ? 1.728   7.928   -5.815  1.00 13.35 ? 20  ALA A CB  1 
ATOM   171 N N   . GLN A 1 42  ? 0.425   9.858   -3.608  1.00 14.54 ? 21  GLN A N   1 
ATOM   172 C CA  . GLN A 1 42  ? 0.616   10.954  -2.669  1.00 15.13 ? 21  GLN A CA  1 
ATOM   173 C C   . GLN A 1 42  ? 0.149   10.580  -1.262  1.00 15.26 ? 21  GLN A C   1 
ATOM   174 O O   . GLN A 1 42  ? 0.773   10.955  -0.275  1.00 14.34 ? 21  GLN A O   1 
ATOM   175 C CB  . GLN A 1 42  ? -0.038  12.239  -3.172  1.00 15.86 ? 21  GLN A CB  1 
ATOM   176 C CG  . GLN A 1 42  ? 0.611   12.799  -4.444  1.00 18.36 ? 21  GLN A CG  1 
ATOM   177 C CD  . GLN A 1 42  ? 2.121   13.033  -4.313  1.00 22.74 ? 21  GLN A CD  1 
ATOM   178 O OE1 . GLN A 1 42  ? 2.627   13.388  -3.243  1.00 24.14 ? 21  GLN A OE1 1 
ATOM   179 N NE2 . GLN A 1 42  ? 2.844   12.839  -5.414  1.00 22.83 ? 21  GLN A NE2 1 
ATOM   180 N N   . VAL A 1 43  ? -0.932  9.806   -1.170  1.00 15.47 ? 22  VAL A N   1 
ATOM   181 C CA  . VAL A 1 43  ? -1.330  9.236   0.113   1.00 15.57 ? 22  VAL A CA  1 
ATOM   182 C C   . VAL A 1 43  ? -0.231  8.368   0.725   1.00 15.16 ? 22  VAL A C   1 
ATOM   183 O O   . VAL A 1 43  ? 0.068   8.479   1.928   1.00 14.33 ? 22  VAL A O   1 
ATOM   184 C CB  . VAL A 1 43  ? -2.611  8.398   -0.010  1.00 15.69 ? 22  VAL A CB  1 
ATOM   185 C CG1 . VAL A 1 43  ? -2.785  7.529   1.223   1.00 16.19 ? 22  VAL A CG1 1 
ATOM   186 C CG2 . VAL A 1 43  ? -3.828  9.313   -0.198  1.00 15.73 ? 22  VAL A CG2 1 
ATOM   187 N N   . TYR A 1 44  ? 0.375   7.507   -0.093  1.00 15.17 ? 23  TYR A N   1 
ATOM   188 C CA  . TYR A 1 44  ? 1.402   6.598   0.408   1.00 15.14 ? 23  TYR A CA  1 
ATOM   189 C C   . TYR A 1 44  ? 2.690   7.332   0.767   1.00 15.91 ? 23  TYR A C   1 
ATOM   190 O O   . TYR A 1 44  ? 3.398   6.948   1.705   1.00 16.15 ? 23  TYR A O   1 
ATOM   191 C CB  . TYR A 1 44  ? 1.708   5.488   -0.592  1.00 15.06 ? 23  TYR A CB  1 
ATOM   192 C CG  . TYR A 1 44  ? 0.551   4.588   -0.950  1.00 14.53 ? 23  TYR A CG  1 
ATOM   193 C CD1 . TYR A 1 44  ? -0.461  4.303   -0.035  1.00 15.74 ? 23  TYR A CD1 1 
ATOM   194 C CD2 . TYR A 1 44  ? 0.480   3.999   -2.209  1.00 14.54 ? 23  TYR A CD2 1 
ATOM   195 C CE1 . TYR A 1 44  ? -1.506  3.467   -0.377  1.00 14.74 ? 23  TYR A CE1 1 
ATOM   196 C CE2 . TYR A 1 44  ? -0.557  3.171   -2.553  1.00 11.87 ? 23  TYR A CE2 1 
ATOM   197 C CZ  . TYR A 1 44  ? -1.544  2.897   -1.638  1.00 12.13 ? 23  TYR A CZ  1 
ATOM   198 O OH  . TYR A 1 44  ? -2.575  2.051   -1.992  1.00 12.00 ? 23  TYR A OH  1 
ATOM   199 N N   . ARG A 1 45  ? 2.997   8.395   0.030   1.00 16.04 ? 24  ARG A N   1 
ATOM   200 C CA  . ARG A 1 45  ? 4.162   9.217   0.356   1.00 16.94 ? 24  ARG A CA  1 
ATOM   201 C C   . ARG A 1 45  ? 3.953   9.864   1.725   1.00 16.97 ? 24  ARG A C   1 
ATOM   202 O O   . ARG A 1 45  ? 4.845   9.843   2.566   1.00 16.85 ? 24  ARG A O   1 
ATOM   203 C CB  . ARG A 1 45  ? 4.405   10.279  -0.722  1.00 16.38 ? 24  ARG A CB  1 
ATOM   204 C CG  . ARG A 1 45  ? 4.936   9.707   -2.042  1.00 17.24 ? 24  ARG A CG  1 
ATOM   205 C CD  . ARG A 1 45  ? 4.897   10.726  -3.164  1.00 15.04 ? 24  ARG A CD  1 
ATOM   206 N NE  . ARG A 1 45  ? 5.647   11.931  -2.822  1.00 16.15 ? 24  ARG A NE  1 
ATOM   207 C CZ  . ARG A 1 45  ? 6.971   12.044  -2.914  1.00 18.84 ? 24  ARG A CZ  1 
ATOM   208 N NH1 . ARG A 1 45  ? 7.702   11.019  -3.348  1.00 19.54 ? 24  ARG A NH1 1 
ATOM   209 N NH2 . ARG A 1 45  ? 7.572   13.187  -2.574  1.00 18.72 ? 24  ARG A NH2 1 
ATOM   210 N N   . ALA A 1 46  ? 2.754   10.393  1.951   1.00 17.39 ? 25  ALA A N   1 
ATOM   211 C CA  . ALA A 1 46  ? 2.410   11.023  3.228   1.00 17.92 ? 25  ALA A CA  1 
ATOM   212 C C   . ALA A 1 46  ? 2.464   10.049  4.417   1.00 18.23 ? 25  ALA A C   1 
ATOM   213 O O   . ALA A 1 46  ? 2.987   10.395  5.471   1.00 18.09 ? 25  ALA A O   1 
ATOM   214 C CB  . ALA A 1 46  ? 1.031   11.690  3.148   1.00 18.25 ? 25  ALA A CB  1 
ATOM   215 N N   . VAL A 1 47  ? 1.918   8.844   4.260   1.00 18.57 ? 26  VAL A N   1 
ATOM   216 C CA  A VAL A 1 47  ? 1.913   7.923   5.390   0.50 18.78 ? 26  VAL A CA  1 
ATOM   217 C CA  B VAL A 1 47  ? 1.895   7.834   5.322   0.50 18.76 ? 26  VAL A CA  1 
ATOM   218 C C   . VAL A 1 47  ? 3.301   7.367   5.684   1.00 18.96 ? 26  VAL A C   1 
ATOM   219 O O   . VAL A 1 47  ? 3.597   7.021   6.825   1.00 19.25 ? 26  VAL A O   1 
ATOM   220 C CB  A VAL A 1 47  ? 0.872   6.793   5.242   0.50 19.15 ? 26  VAL A CB  1 
ATOM   221 C CB  B VAL A 1 47  ? 1.105   6.592   4.865   0.50 18.95 ? 26  VAL A CB  1 
ATOM   222 C CG1 A VAL A 1 47  ? 1.461   5.619   4.491   0.50 19.19 ? 26  VAL A CG1 1 
ATOM   223 C CG1 B VAL A 1 47  ? -0.348  6.942   4.587   0.50 18.62 ? 26  VAL A CG1 1 
ATOM   224 C CG2 A VAL A 1 47  ? 0.384   6.353   6.623   0.50 18.43 ? 26  VAL A CG2 1 
ATOM   225 C CG2 B VAL A 1 47  ? 1.748   5.998   3.632   0.50 19.09 ? 26  VAL A CG2 1 
ATOM   226 N N   . THR A 1 48  ? 4.162   7.316   4.675   1.00 19.21 ? 27  THR A N   1 
ATOM   227 C CA  . THR A 1 48  ? 5.533   6.855   4.855   1.00 20.05 ? 27  THR A CA  1 
ATOM   228 C C   . THR A 1 48  ? 6.300   7.838   5.721   1.00 20.99 ? 27  THR A C   1 
ATOM   229 O O   . THR A 1 48  ? 7.084   7.454   6.596   1.00 21.33 ? 27  THR A O   1 
ATOM   230 C CB  . THR A 1 48  ? 6.233   6.741   3.513   1.00 19.77 ? 27  THR A CB  1 
ATOM   231 O OG1 . THR A 1 48  ? 5.649   5.659   2.786   1.00 19.83 ? 27  THR A OG1 1 
ATOM   232 C CG2 . THR A 1 48  ? 7.721   6.470   3.699   1.00 20.85 ? 27  THR A CG2 1 
ATOM   233 N N   . ARG A 1 49  ? 6.066   9.117   5.465   1.00 21.89 ? 28  ARG A N   1 
ATOM   234 C CA  . ARG A 1 49  ? 6.759   10.164  6.182   1.00 23.16 ? 28  ARG A CA  1 
ATOM   235 C C   . ARG A 1 49  ? 6.143   10.374  7.554   1.00 23.42 ? 28  ARG A C   1 
ATOM   236 O O   . ARG A 1 49  ? 6.856   10.413  8.552   1.00 23.48 ? 28  ARG A O   1 
ATOM   237 C CB  . ARG A 1 49  ? 6.709   11.465  5.383   1.00 23.62 ? 28  ARG A CB  1 
ATOM   238 C CG  . ARG A 1 49  ? 7.254   12.674  6.129   1.00 25.77 ? 28  ARG A CG  1 
ATOM   239 C CD  . ARG A 1 49  ? 6.874   13.964  5.403   1.00 28.40 ? 28  ARG A CD  1 
ATOM   240 N NE  . ARG A 1 49  ? 5.426   14.176  5.363   1.00 29.56 ? 28  ARG A NE  1 
ATOM   241 C CZ  . ARG A 1 49  ? 4.741   14.404  4.249   1.00 31.40 ? 28  ARG A CZ  1 
ATOM   242 N NH1 . ARG A 1 49  ? 5.375   14.444  3.082   1.00 31.67 ? 28  ARG A NH1 1 
ATOM   243 N NH2 . ARG A 1 49  ? 3.430   14.598  4.299   1.00 31.18 ? 28  ARG A NH2 1 
ATOM   244 N N   . ASP A 1 50  ? 4.820   10.499  7.605   1.00 23.78 ? 29  ASP A N   1 
ATOM   245 C CA  . ASP A 1 50  ? 4.134   10.906  8.833   1.00 24.78 ? 29  ASP A CA  1 
ATOM   246 C C   . ASP A 1 50  ? 3.879   9.792   9.837   1.00 24.72 ? 29  ASP A C   1 
ATOM   247 O O   . ASP A 1 50  ? 3.881   10.033  11.044  1.00 25.29 ? 29  ASP A O   1 
ATOM   248 C CB  . ASP A 1 50  ? 2.799   11.564  8.515   1.00 24.94 ? 29  ASP A CB  1 
ATOM   249 C CG  . ASP A 1 50  ? 2.940   12.756  7.606   1.00 27.25 ? 29  ASP A CG  1 
ATOM   250 O OD1 . ASP A 1 50  ? 3.950   13.492  7.716   1.00 29.47 ? 29  ASP A OD1 1 
ATOM   251 O OD2 . ASP A 1 50  ? 2.023   12.958  6.783   1.00 30.60 ? 29  ASP A OD2 1 
ATOM   252 N N   . VAL A 1 51  ? 3.606   8.589   9.350   1.00 24.86 ? 30  VAL A N   1 
ATOM   253 C CA  . VAL A 1 51  ? 3.320   7.474   10.246  1.00 24.63 ? 30  VAL A CA  1 
ATOM   254 C C   . VAL A 1 51  ? 4.536   6.581   10.381  1.00 25.28 ? 30  VAL A C   1 
ATOM   255 O O   . VAL A 1 51  ? 4.917   6.197   11.485  1.00 25.23 ? 30  VAL A O   1 
ATOM   256 C CB  . VAL A 1 51  ? 2.141   6.639   9.748   1.00 24.53 ? 30  VAL A CB  1 
ATOM   257 C CG1 . VAL A 1 51  ? 1.951   5.407   10.642  1.00 23.55 ? 30  VAL A CG1 1 
ATOM   258 C CG2 . VAL A 1 51  ? 0.882   7.496   9.691   1.00 24.05 ? 30  VAL A CG2 1 
ATOM   259 N N   . LEU A 1 52  ? 5.155   6.258   9.254   1.00 25.92 ? 31  LEU A N   1 
ATOM   260 C CA  . LEU A 1 52  ? 6.309   5.363   9.259   1.00 26.36 ? 31  LEU A CA  1 
ATOM   261 C C   . LEU A 1 52  ? 7.606   6.076   9.638   1.00 27.00 ? 31  LEU A C   1 
ATOM   262 O O   . LEU A 1 52  ? 8.599   5.427   9.969   1.00 27.60 ? 31  LEU A O   1 
ATOM   263 C CB  . LEU A 1 52  ? 6.455   4.668   7.909   1.00 26.06 ? 31  LEU A CB  1 
ATOM   264 C CG  . LEU A 1 52  ? 5.298   3.745   7.525   1.00 26.38 ? 31  LEU A CG  1 
ATOM   265 C CD1 . LEU A 1 52  ? 5.727   2.797   6.427   1.00 25.47 ? 31  LEU A CD1 1 
ATOM   266 C CD2 . LEU A 1 52  ? 4.800   2.956   8.746   1.00 25.63 ? 31  LEU A CD2 1 
ATOM   267 N N   . GLY A 1 53  ? 7.597   7.406   9.597   1.00 27.48 ? 32  GLY A N   1 
ATOM   268 C CA  . GLY A 1 53  ? 8.791   8.194   9.906   1.00 28.32 ? 32  GLY A CA  1 
ATOM   269 C C   . GLY A 1 53  ? 9.962   7.968   8.959   1.00 28.69 ? 32  GLY A C   1 
ATOM   270 O O   . GLY A 1 53  ? 11.120  7.961   9.381   1.00 28.60 ? 32  GLY A O   1 
ATOM   271 N N   . LYS A 1 54  ? 9.667   7.798   7.671   1.00 28.94 ? 33  LYS A N   1 
ATOM   272 C CA  . LYS A 1 54  ? 10.702  7.509   6.670   1.00 29.35 ? 33  LYS A CA  1 
ATOM   273 C C   . LYS A 1 54  ? 10.621  8.483   5.496   1.00 29.41 ? 33  LYS A C   1 
ATOM   274 O O   . LYS A 1 54  ? 9.587   9.114   5.288   1.00 29.46 ? 33  LYS A O   1 
ATOM   275 C CB  . LYS A 1 54  ? 10.559  6.071   6.184   1.00 29.33 ? 33  LYS A CB  1 
ATOM   276 C CG  . LYS A 1 54  ? 10.791  5.052   7.286   1.00 30.66 ? 33  LYS A CG  1 
ATOM   277 C CD  . LYS A 1 54  ? 10.289  3.681   6.881   1.00 31.95 ? 33  LYS A CD  1 
ATOM   278 C CE  . LYS A 1 54  ? 10.549  2.658   7.978   1.00 31.94 ? 33  LYS A CE  1 
ATOM   279 N NZ  . LYS A 1 54  ? 9.967   1.352   7.589   1.00 32.96 ? 33  LYS A NZ  1 
ATOM   280 N N   . PRO A 1 55  ? 11.712  8.618   4.721   1.00 29.59 ? 34  PRO A N   1 
ATOM   281 C CA  . PRO A 1 55  ? 11.616  9.575   3.618   1.00 29.27 ? 34  PRO A CA  1 
ATOM   282 C C   . PRO A 1 55  ? 10.612  9.098   2.568   1.00 28.89 ? 34  PRO A C   1 
ATOM   283 O O   . PRO A 1 55  ? 10.621  7.928   2.178   1.00 28.78 ? 34  PRO A O   1 
ATOM   284 C CB  . PRO A 1 55  ? 13.041  9.612   3.057   1.00 29.32 ? 34  PRO A CB  1 
ATOM   285 C CG  . PRO A 1 55  ? 13.626  8.285   3.413   1.00 29.72 ? 34  PRO A CG  1 
ATOM   286 C CD  . PRO A 1 55  ? 12.979  7.859   4.704   1.00 29.52 ? 34  PRO A CD  1 
ATOM   287 N N   . GLU A 1 56  ? 9.741   10.000  2.134   1.00 28.73 ? 35  GLU A N   1 
ATOM   288 C CA  . GLU A 1 56  ? 8.666   9.652   1.200   1.00 28.52 ? 35  GLU A CA  1 
ATOM   289 C C   . GLU A 1 56  ? 9.180   9.291   -0.193  1.00 27.43 ? 35  GLU A C   1 
ATOM   290 O O   . GLU A 1 56  ? 8.498   8.601   -0.955  1.00 27.29 ? 35  GLU A O   1 
ATOM   291 C CB  . GLU A 1 56  ? 7.667   10.796  1.098   1.00 28.83 ? 35  GLU A CB  1 
ATOM   292 C CG  . GLU A 1 56  ? 8.319   12.127  0.827   1.00 30.96 ? 35  GLU A CG  1 
ATOM   293 C CD  . GLU A 1 56  ? 7.312   13.245  0.718   1.00 34.06 ? 35  GLU A CD  1 
ATOM   294 O OE1 . GLU A 1 56  ? 6.104   12.957  0.547   1.00 34.46 ? 35  GLU A OE1 1 
ATOM   295 O OE2 . GLU A 1 56  ? 7.731   14.418  0.797   1.00 35.89 ? 35  GLU A OE2 1 
ATOM   296 N N   . ASP A 1 57  ? 10.382  9.758   -0.516  1.00 26.44 ? 36  ASP A N   1 
ATOM   297 C CA  . ASP A 1 57  ? 11.005  9.456   -1.802  1.00 25.44 ? 36  ASP A CA  1 
ATOM   298 C C   . ASP A 1 57  ? 11.447  8.003   -1.872  1.00 24.37 ? 36  ASP A C   1 
ATOM   299 O O   . ASP A 1 57  ? 11.722  7.485   -2.951  1.00 24.60 ? 36  ASP A O   1 
ATOM   300 C CB  . ASP A 1 57  ? 12.220  10.360  -2.039  1.00 25.40 ? 36  ASP A CB  1 
ATOM   301 C CG  . ASP A 1 57  ? 11.884  11.605  -2.829  1.00 25.84 ? 36  ASP A CG  1 
ATOM   302 O OD1 . ASP A 1 57  ? 10.879  11.598  -3.553  1.00 25.60 ? 36  ASP A OD1 1 
ATOM   303 O OD2 . ASP A 1 57  ? 12.642  12.597  -2.733  1.00 26.73 ? 36  ASP A OD2 1 
ATOM   304 N N   . LEU A 1 58  ? 11.549  7.352   -0.718  1.00 23.40 ? 37  LEU A N   1 
ATOM   305 C CA  . LEU A 1 58  ? 12.072  5.986   -0.687  1.00 21.88 ? 37  LEU A CA  1 
ATOM   306 C C   . LEU A 1 58  ? 11.012  4.905   -0.582  1.00 20.62 ? 37  LEU A C   1 
ATOM   307 O O   . LEU A 1 58  ? 11.356  3.747   -0.380  1.00 20.65 ? 37  LEU A O   1 
ATOM   308 C CB  . LEU A 1 58  ? 13.056  5.841   0.476   1.00 20.00 ? 37  LEU A CB  1 
ATOM   309 C CG  . LEU A 1 58  ? 14.500  6.266   0.198   1.00 20.00 ? 37  LEU A CG  1 
ATOM   310 C CD1 . LEU A 1 58  ? 14.579  7.763   -0.052  1.00 20.00 ? 37  LEU A CD1 1 
ATOM   311 C CD2 . LEU A 1 58  ? 15.411  5.861   1.348   1.00 20.00 ? 37  LEU A CD2 1 
ATOM   312 N N   . VAL A 1 59  ? 9.734   5.261   -0.693  1.00 18.76 ? 38  VAL A N   1 
ATOM   313 C CA  . VAL A 1 59  ? 8.708   4.217   -0.793  1.00 17.44 ? 38  VAL A CA  1 
ATOM   314 C C   . VAL A 1 59  ? 8.539   3.852   -2.265  1.00 16.59 ? 38  VAL A C   1 
ATOM   315 O O   . VAL A 1 59  ? 8.313   4.724   -3.095  1.00 16.48 ? 38  VAL A O   1 
ATOM   316 C CB  . VAL A 1 59  ? 7.342   4.639   -0.183  1.00 17.31 ? 38  VAL A CB  1 
ATOM   317 C CG1 . VAL A 1 59  ? 6.804   5.916   -0.831  1.00 17.63 ? 38  VAL A CG1 1 
ATOM   318 C CG2 . VAL A 1 59  ? 6.327   3.497   -0.320  1.00 16.86 ? 38  VAL A CG2 1 
ATOM   319 N N   . MET A 1 60  ? 8.692   2.576   -2.604  1.00 15.95 ? 39  MET A N   1 
ATOM   320 C CA  . MET A 1 60  ? 8.463   2.151   -3.974  1.00 15.35 ? 39  MET A CA  1 
ATOM   321 C C   . MET A 1 60  ? 7.064   1.575   -4.036  1.00 15.26 ? 39  MET A C   1 
ATOM   322 O O   . MET A 1 60  ? 6.691   0.738   -3.213  1.00 15.66 ? 39  MET A O   1 
ATOM   323 C CB  . MET A 1 60  ? 9.496   1.117   -4.442  1.00 15.65 ? 39  MET A CB  1 
ATOM   324 C CG  . MET A 1 60  ? 9.547   0.946   -5.983  1.00 16.20 ? 39  MET A CG  1 
ATOM   325 S SD  . MET A 1 60  ? 10.812  -0.216  -6.531  1.00 21.09 ? 39  MET A SD  1 
ATOM   326 C CE  . MET A 1 60  ? 12.309  0.754   -6.406  1.00 16.83 ? 39  MET A CE  1 
ATOM   327 N N   . MET A 1 61  ? 6.290   2.044   -5.004  1.00 15.15 ? 40  MET A N   1 
ATOM   328 C CA  . MET A 1 61  ? 4.869   1.731   -5.088  1.00 15.19 ? 40  MET A CA  1 
ATOM   329 C C   . MET A 1 61  ? 4.570   1.120   -6.441  1.00 15.55 ? 40  MET A C   1 
ATOM   330 O O   . MET A 1 61  ? 4.981   1.655   -7.484  1.00 15.89 ? 40  MET A O   1 
ATOM   331 C CB  . MET A 1 61  ? 4.031   3.010   -4.927  1.00 15.51 ? 40  MET A CB  1 
ATOM   332 C CG  . MET A 1 61  ? 4.184   3.747   -3.610  1.00 15.80 ? 40  MET A CG  1 
ATOM   333 S SD  . MET A 1 61  ? 3.639   5.473   -3.719  1.00 18.83 ? 40  MET A SD  1 
ATOM   334 C CE  . MET A 1 61  ? 5.166   6.320   -4.118  1.00 15.51 ? 40  MET A CE  1 
ATOM   335 N N   . THR A 1 62  ? 3.851   0.002   -6.437  1.00 15.31 ? 41  THR A N   1 
ATOM   336 C CA  . THR A 1 62  ? 3.407   -0.614  -7.663  1.00 15.31 ? 41  THR A CA  1 
ATOM   337 C C   . THR A 1 62  ? 1.887   -0.653  -7.651  1.00 15.80 ? 41  THR A C   1 
ATOM   338 O O   . THR A 1 62  ? 1.264   -0.759  -6.582  1.00 14.59 ? 41  THR A O   1 
ATOM   339 C CB  . THR A 1 62  ? 3.993   -2.041  -7.827  1.00 16.00 ? 41  THR A CB  1 
ATOM   340 O OG1 . THR A 1 62  ? 3.602   -2.854  -6.711  1.00 15.31 ? 41  THR A OG1 1 
ATOM   341 C CG2 . THR A 1 62  ? 5.496   -1.980  -7.868  1.00 16.19 ? 41  THR A CG2 1 
ATOM   342 N N   . PHE A 1 63  ? 1.298   -0.524  -8.840  1.00 14.96 ? 42  PHE A N   1 
ATOM   343 C CA  . PHE A 1 63  ? -0.143  -0.499  -8.991  1.00 14.94 ? 42  PHE A CA  1 
ATOM   344 C C   . PHE A 1 63  ? -0.580  -1.609  -9.934  1.00 14.91 ? 42  PHE A C   1 
ATOM   345 O O   . PHE A 1 63  ? -0.070  -1.719  -11.057 1.00 15.63 ? 42  PHE A O   1 
ATOM   346 C CB  . PHE A 1 63  ? -0.602  0.885   -9.491  1.00 14.37 ? 42  PHE A CB  1 
ATOM   347 C CG  . PHE A 1 63  ? -0.337  1.984   -8.507  1.00 14.84 ? 42  PHE A CG  1 
ATOM   348 C CD1 . PHE A 1 63  ? 0.806   2.761   -8.602  1.00 14.27 ? 42  PHE A CD1 1 
ATOM   349 C CD2 . PHE A 1 63  ? -1.217  2.214   -7.459  1.00 14.54 ? 42  PHE A CD2 1 
ATOM   350 C CE1 . PHE A 1 63  ? 1.062   3.754   -7.679  1.00 12.84 ? 42  PHE A CE1 1 
ATOM   351 C CE2 . PHE A 1 63  ? -0.961  3.212   -6.534  1.00 14.80 ? 42  PHE A CE2 1 
ATOM   352 C CZ  . PHE A 1 63  ? 0.171   3.980   -6.649  1.00 13.36 ? 42  PHE A CZ  1 
ATOM   353 N N   . HIS A 1 64  ? -1.503  -2.445  -9.472  1.00 14.15 ? 43  HIS A N   1 
ATOM   354 C CA  . HIS A 1 64  ? -1.979  -3.577  -10.263 1.00 14.68 ? 43  HIS A CA  1 
ATOM   355 C C   . HIS A 1 64  ? -3.479  -3.528  -10.364 1.00 14.53 ? 43  HIS A C   1 
ATOM   356 O O   . HIS A 1 64  ? -4.196  -4.092  -9.534  1.00 14.71 ? 43  HIS A O   1 
ATOM   357 C CB  . HIS A 1 64  ? -1.533  -4.897  -9.636  1.00 14.62 ? 43  HIS A CB  1 
ATOM   358 C CG  . HIS A 1 64  ? -0.062  -4.962  -9.371  1.00 15.37 ? 43  HIS A CG  1 
ATOM   359 N ND1 . HIS A 1 64  ? 0.497   -4.558  -8.178  1.00 16.43 ? 43  HIS A ND1 1 
ATOM   360 C CD2 . HIS A 1 64  ? 0.968   -5.354  -10.158 1.00 16.13 ? 43  HIS A CD2 1 
ATOM   361 C CE1 . HIS A 1 64  ? 1.809   -4.708  -8.236  1.00 16.75 ? 43  HIS A CE1 1 
ATOM   362 N NE2 . HIS A 1 64  ? 2.120   -5.195  -9.425  1.00 16.61 ? 43  HIS A NE2 1 
ATOM   363 N N   . ASP A 1 65  ? -3.958  -2.868  -11.404 1.00 14.33 ? 44  ASP A N   1 
ATOM   364 C CA  . ASP A 1 65  ? -5.379  -2.617  -11.524 1.00 14.72 ? 44  ASP A CA  1 
ATOM   365 C C   . ASP A 1 65  ? -6.078  -3.676  -12.370 1.00 14.21 ? 44  ASP A C   1 
ATOM   366 O O   . ASP A 1 65  ? -5.436  -4.522  -13.003 1.00 14.48 ? 44  ASP A O   1 
ATOM   367 C CB  . ASP A 1 65  ? -5.629  -1.207  -12.075 1.00 14.80 ? 44  ASP A CB  1 
ATOM   368 C CG  . ASP A 1 65  ? -5.458  -1.124  -13.583 1.00 15.91 ? 44  ASP A CG  1 
ATOM   369 O OD1 . ASP A 1 65  ? -4.872  -2.052  -14.174 1.00 16.72 ? 44  ASP A OD1 1 
ATOM   370 O OD2 . ASP A 1 65  ? -5.922  -0.135  -14.186 1.00 15.63 ? 44  ASP A OD2 1 
ATOM   371 N N   . SER A 1 66  ? -7.398  -3.628  -12.360 1.00 14.21 ? 45  SER A N   1 
ATOM   372 C CA  . SER A 1 66  ? -8.199  -4.590  -13.078 1.00 14.11 ? 45  SER A CA  1 
ATOM   373 C C   . SER A 1 66  ? -7.722  -6.010  -12.815 1.00 13.65 ? 45  SER A C   1 
ATOM   374 O O   . SER A 1 66  ? -7.690  -6.818  -13.721 1.00 14.29 ? 45  SER A O   1 
ATOM   375 C CB  . SER A 1 66  ? -8.189  -4.274  -14.578 1.00 14.35 ? 45  SER A CB  1 
ATOM   376 O OG  . SER A 1 66  ? -8.955  -3.104  -14.820 1.00 14.45 ? 45  SER A OG  1 
ATOM   377 N N   . THR A 1 67  ? -7.369  -6.307  -11.566 1.00 12.92 ? 46  THR A N   1 
ATOM   378 C CA  . THR A 1 67  ? -6.990  -7.672  -11.170 1.00 12.86 ? 46  THR A CA  1 
ATOM   379 C C   . THR A 1 67  ? -8.215  -8.537  -10.919 1.00 12.77 ? 46  THR A C   1 
ATOM   380 O O   . THR A 1 67  ? -9.056  -8.188  -10.097 1.00 12.52 ? 46  THR A O   1 
ATOM   381 C CB  . THR A 1 67  ? -6.178  -7.645  -9.857  1.00 12.96 ? 46  THR A CB  1 
ATOM   382 O OG1 . THR A 1 67  ? -4.996  -6.860  -10.044 1.00 12.40 ? 46  THR A OG1 1 
ATOM   383 C CG2 . THR A 1 67  ? -5.816  -9.071  -9.390  1.00 12.89 ? 46  THR A CG2 1 
ATOM   384 N N   . PRO A 1 68  ? -8.328  -9.684  -11.619 1.00 12.53 ? 47  PRO A N   1 
ATOM   385 C CA  . PRO A 1 68  ? -9.455  -10.549 -11.304 1.00 12.55 ? 47  PRO A CA  1 
ATOM   386 C C   . PRO A 1 68  ? -9.329  -11.089 -9.885  1.00 12.96 ? 47  PRO A C   1 
ATOM   387 O O   . PRO A 1 68  ? -8.313  -11.737 -9.549  1.00 12.93 ? 47  PRO A O   1 
ATOM   388 C CB  . PRO A 1 68  ? -9.328  -11.693 -12.320 1.00 12.91 ? 47  PRO A CB  1 
ATOM   389 C CG  . PRO A 1 68  ? -8.476  -11.128 -13.435 1.00 13.09 ? 47  PRO A CG  1 
ATOM   390 C CD  . PRO A 1 68  ? -7.522  -10.195 -12.737 1.00 12.58 ? 47  PRO A CD  1 
ATOM   391 N N   . MET A 1 69  ? -10.346 -10.828 -9.067  1.00 12.58 ? 48  MET A N   1 
ATOM   392 C CA  . MET A 1 69  ? -10.329 -11.220 -7.655  1.00 13.64 ? 48  MET A CA  1 
ATOM   393 C C   . MET A 1 69  ? -11.658 -11.849 -7.216  1.00 14.92 ? 48  MET A C   1 
ATOM   394 O O   . MET A 1 69  ? -12.667 -11.790 -7.928  1.00 15.26 ? 48  MET A O   1 
ATOM   395 C CB  . MET A 1 69  ? -9.973  -10.012 -6.772  1.00 13.92 ? 48  MET A CB  1 
ATOM   396 C CG  . MET A 1 69  ? -8.658  -9.348  -7.170  1.00 12.68 ? 48  MET A CG  1 
ATOM   397 S SD  . MET A 1 69  ? -8.182  -7.770  -6.405  1.00 14.19 ? 48  MET A SD  1 
ATOM   398 C CE  . MET A 1 69  ? -7.992  -8.247  -4.684  1.00 15.50 ? 48  MET A CE  1 
ATOM   399 N N   . HIS A 1 70  ? -11.655 -12.465 -6.067  1.00 15.45 ? 49  HIS A N   1 
ATOM   400 C CA  . HIS A 1 70  ? -12.799 -13.154 -5.518  1.00 15.82 ? 49  HIS A CA  1 
ATOM   401 C C   . HIS A 1 70  ? -12.611 -13.081 -3.999  1.00 15.98 ? 49  HIS A C   1 
ATOM   402 O O   . HIS A 1 70  ? -11.542 -13.264 -3.484  1.00 15.07 ? 49  HIS A O   1 
ATOM   403 C CB  . HIS A 1 70  ? -12.824 -14.595 -6.058  1.00 16.41 ? 49  HIS A CB  1 
ATOM   404 C CG  . HIS A 1 70  ? -14.128 -15.289 -5.876  1.00 18.06 ? 49  HIS A CG  1 
ATOM   405 N ND1 . HIS A 1 70  ? -14.970 -15.585 -6.918  1.00 21.82 ? 49  HIS A ND1 1 
ATOM   406 C CD2 . HIS A 1 70  ? -14.747 -15.723 -4.763  1.00 18.38 ? 49  HIS A CD2 1 
ATOM   407 C CE1 . HIS A 1 70  ? -16.055 -16.168 -6.446  1.00 21.04 ? 49  HIS A CE1 1 
ATOM   408 N NE2 . HIS A 1 70  ? -15.933 -16.279 -5.148  1.00 20.36 ? 49  HIS A NE2 1 
ATOM   409 N N   . PHE A 1 71  ? -13.697 -12.701 -3.339  1.00 16.00 ? 50  PHE A N   1 
ATOM   410 C CA  . PHE A 1 71  ? -13.746 -12.377 -1.924  1.00 16.62 ? 50  PHE A CA  1 
ATOM   411 C C   . PHE A 1 71  ? -15.200 -12.286 -1.408  1.00 17.47 ? 50  PHE A C   1 
ATOM   412 O O   . PHE A 1 71  ? -16.022 -11.660 -1.993  1.00 17.52 ? 50  PHE A O   1 
ATOM   413 C CB  . PHE A 1 71  ? -13.054 -11.083 -1.653  1.00 16.32 ? 50  PHE A CB  1 
ATOM   414 C CG  . PHE A 1 71  ? -12.975 -10.713 -0.198  1.00 15.72 ? 50  PHE A CG  1 
ATOM   415 C CD1 . PHE A 1 71  ? -12.356 -11.549 0.675   1.00 15.84 ? 50  PHE A CD1 1 
ATOM   416 C CD2 . PHE A 1 71  ? -13.468 -9.507  0.287   1.00 15.73 ? 50  PHE A CD2 1 
ATOM   417 C CE1 . PHE A 1 71  ? -12.253 -11.239 2.005   1.00 14.86 ? 50  PHE A CE1 1 
ATOM   418 C CE2 . PHE A 1 71  ? -13.397 -9.210  1.615   1.00 14.74 ? 50  PHE A CE2 1 
ATOM   419 C CZ  . PHE A 1 71  ? -12.766 -10.068 2.464   1.00 15.09 ? 50  PHE A CZ  1 
ATOM   420 N N   . PHE A 1 72  ? -15.442 -12.955 -0.308  1.00 18.60 ? 51  PHE A N   1 
ATOM   421 C CA  . PHE A 1 72  ? -16.740 -12.948 0.316   1.00 20.12 ? 51  PHE A CA  1 
ATOM   422 C C   . PHE A 1 72  ? -17.816 -13.338 -0.680  1.00 20.48 ? 51  PHE A C   1 
ATOM   423 O O   . PHE A 1 72  ? -18.811 -12.729 -0.706  1.00 21.27 ? 51  PHE A O   1 
ATOM   424 C CB  . PHE A 1 72  ? -17.012 -11.556 0.884   1.00 20.62 ? 51  PHE A CB  1 
ATOM   425 C CG  . PHE A 1 72  ? -17.349 -11.549 2.348   1.00 22.78 ? 51  PHE A CG  1 
ATOM   426 C CD1 . PHE A 1 72  ? -16.432 -11.236 3.273   1.00 24.81 ? 51  PHE A CD1 1 
ATOM   427 C CD2 . PHE A 1 72  ? -18.593 -11.894 2.787   1.00 25.40 ? 51  PHE A CD2 1 
ATOM   428 C CE1 . PHE A 1 72  ? -16.744 -11.263 4.597   1.00 27.08 ? 51  PHE A CE1 1 
ATOM   429 C CE2 . PHE A 1 72  ? -18.896 -11.890 4.113   1.00 26.27 ? 51  PHE A CE2 1 
ATOM   430 C CZ  . PHE A 1 72  ? -17.986 -11.603 4.999   1.00 26.58 ? 51  PHE A CZ  1 
ATOM   431 N N   . GLY A 1 73  ? -17.578 -14.335 -1.519  1.00 20.98 ? 52  GLY A N   1 
ATOM   432 C CA  . GLY A 1 73  ? -18.538 -14.804 -2.491  1.00 20.74 ? 52  GLY A CA  1 
ATOM   433 C C   . GLY A 1 73  ? -18.781 -14.007 -3.760  1.00 21.09 ? 52  GLY A C   1 
ATOM   434 O O   . GLY A 1 73  ? -19.727 -14.209 -4.453  1.00 20.97 ? 52  GLY A O   1 
ATOM   435 N N   . SER A 1 74  ? -17.909 -13.067 -4.058  1.00 20.99 ? 53  SER A N   1 
ATOM   436 C CA  . SER A 1 74  ? -18.097 -12.324 -5.299  1.00 20.95 ? 53  SER A CA  1 
ATOM   437 C C   . SER A 1 74  ? -16.834 -11.695 -5.877  1.00 20.91 ? 53  SER A C   1 
ATOM   438 O O   . SER A 1 74  ? -15.792 -11.630 -5.224  1.00 20.80 ? 53  SER A O   1 
ATOM   439 C CB  . SER A 1 74  ? -19.192 -11.257 -5.140  1.00 21.28 ? 53  SER A CB  1 
ATOM   440 O OG  . SER A 1 74  ? -18.719 -10.107 -4.462  1.00 20.64 ? 53  SER A OG  1 
ATOM   441 N N   . THR A 1 75  ? -16.967 -11.218 -7.108  1.00 20.89 ? 54  THR A N   1 
ATOM   442 C CA  . THR A 1 75  ? -15.901 -10.530 -7.817  1.00 21.28 ? 54  THR A CA  1 
ATOM   443 C C   . THR A 1 75  ? -16.109 -9.014  -7.800  1.00 20.74 ? 54  THR A C   1 
ATOM   444 O O   . THR A 1 75  ? -15.465 -8.292  -8.549  1.00 21.53 ? 54  THR A O   1 
ATOM   445 C CB  . THR A 1 75  ? -15.852 -11.005 -9.274  1.00 21.16 ? 54  THR A CB  1 
ATOM   446 O OG1 . THR A 1 75  ? -17.148 -10.837 -9.853  1.00 22.57 ? 54  THR A OG1 1 
ATOM   447 C CG2 . THR A 1 75  ? -15.492 -12.474 -9.340  1.00 21.61 ? 54  THR A CG2 1 
ATOM   448 N N   . ASP A 1 76  ? -17.007 -8.531  -6.942  1.00 20.33 ? 55  ASP A N   1 
ATOM   449 C CA  . ASP A 1 76  ? -17.257 -7.088  -6.809  1.00 20.09 ? 55  ASP A CA  1 
ATOM   450 C C   . ASP A 1 76  ? -16.009 -6.318  -6.356  1.00 18.88 ? 55  ASP A C   1 
ATOM   451 O O   . ASP A 1 76  ? -15.116 -6.886  -5.720  1.00 19.08 ? 55  ASP A O   1 
ATOM   452 C CB  . ASP A 1 76  ? -18.400 -6.830  -5.829  1.00 20.44 ? 55  ASP A CB  1 
ATOM   453 C CG  . ASP A 1 76  ? -19.758 -7.238  -6.388  1.00 22.70 ? 55  ASP A CG  1 
ATOM   454 O OD1 . ASP A 1 76  ? -19.826 -7.693  -7.557  1.00 24.24 ? 55  ASP A OD1 1 
ATOM   455 O OD2 . ASP A 1 76  ? -20.753 -7.108  -5.647  1.00 21.36 ? 55  ASP A OD2 1 
ATOM   456 N N   . PRO A 1 77  ? -15.947 -5.015  -6.672  1.00 17.81 ? 56  PRO A N   1 
ATOM   457 C CA  . PRO A 1 77  ? -14.757 -4.226  -6.377  1.00 16.63 ? 56  PRO A CA  1 
ATOM   458 C C   . PRO A 1 77  ? -14.133 -4.535  -5.003  1.00 15.60 ? 56  PRO A C   1 
ATOM   459 O O   . PRO A 1 77  ? -14.805 -4.490  -3.960  1.00 14.10 ? 56  PRO A O   1 
ATOM   460 C CB  . PRO A 1 77  ? -15.277 -2.791  -6.465  1.00 17.17 ? 56  PRO A CB  1 
ATOM   461 C CG  . PRO A 1 77  ? -16.292 -2.870  -7.554  1.00 17.88 ? 56  PRO A CG  1 
ATOM   462 C CD  . PRO A 1 77  ? -16.991 -4.203  -7.327  1.00 17.59 ? 56  PRO A CD  1 
ATOM   463 N N   . VAL A 1 78  ? -12.840 -4.838  -5.022  1.00 14.85 ? 57  VAL A N   1 
ATOM   464 C CA  . VAL A 1 78  ? -12.122 -5.330  -3.840  1.00 13.69 ? 57  VAL A CA  1 
ATOM   465 C C   . VAL A 1 78  ? -10.654 -4.932  -3.973  1.00 12.85 ? 57  VAL A C   1 
ATOM   466 O O   . VAL A 1 78  ? -10.148 -4.766  -5.082  1.00 12.18 ? 57  VAL A O   1 
ATOM   467 C CB  . VAL A 1 78  ? -12.243 -6.871  -3.747  1.00 13.76 ? 57  VAL A CB  1 
ATOM   468 C CG1 . VAL A 1 78  ? -11.910 -7.494  -5.086  1.00 14.55 ? 57  VAL A CG1 1 
ATOM   469 C CG2 . VAL A 1 78  ? -11.345 -7.454  -2.660  1.00 13.81 ? 57  VAL A CG2 1 
ATOM   470 N N   . ALA A 1 79  ? -9.970  -4.755  -2.849  1.00 12.12 ? 58  ALA A N   1 
ATOM   471 C CA  . ALA A 1 79  ? -8.574  -4.347  -2.895  1.00 11.63 ? 58  ALA A CA  1 
ATOM   472 C C   . ALA A 1 79  ? -7.723  -5.139  -1.919  1.00 11.84 ? 58  ALA A C   1 
ATOM   473 O O   . ALA A 1 79  ? -8.172  -5.492  -0.831  1.00 11.03 ? 58  ALA A O   1 
ATOM   474 C CB  . ALA A 1 79  ? -8.447  -2.883  -2.584  1.00 11.12 ? 58  ALA A CB  1 
ATOM   475 N N   . CYS A 1 80  ? -6.488  -5.411  -2.321  1.00 11.91 ? 59  CYS A N   1 
ATOM   476 C CA  . CYS A 1 80  ? -5.511  -5.970  -1.401  1.00 12.67 ? 59  CYS A CA  1 
ATOM   477 C C   . CYS A 1 80  ? -4.236  -5.151  -1.489  1.00 12.18 ? 59  CYS A C   1 
ATOM   478 O O   . CYS A 1 80  ? -3.614  -5.041  -2.549  1.00 11.19 ? 59  CYS A O   1 
ATOM   479 C CB  . CYS A 1 80  ? -5.241  -7.440  -1.726  1.00 12.58 ? 59  CYS A CB  1 
ATOM   480 S SG  . CYS A 1 80  ? -4.138  -8.195  -0.533  1.00 16.95 ? 59  CYS A SG  1 
ATOM   481 N N   . VAL A 1 81  ? -3.864  -4.533  -0.372  1.00 12.77 ? 60  VAL A N   1 
ATOM   482 C CA  . VAL A 1 81  ? -2.657  -3.745  -0.336  1.00 12.71 ? 60  VAL A CA  1 
ATOM   483 C C   . VAL A 1 81  ? -1.621  -4.484  0.520   1.00 13.48 ? 60  VAL A C   1 
ATOM   484 O O   . VAL A 1 81  ? -1.921  -4.911  1.646   1.00 12.85 ? 60  VAL A O   1 
ATOM   485 C CB  . VAL A 1 81  ? -2.925  -2.314  0.195   1.00 13.47 ? 60  VAL A CB  1 
ATOM   486 C CG1 . VAL A 1 81  ? -1.637  -1.553  0.323   1.00 11.86 ? 60  VAL A CG1 1 
ATOM   487 C CG2 . VAL A 1 81  ? -3.906  -1.554  -0.724  1.00 13.10 ? 60  VAL A CG2 1 
ATOM   488 N N   . ARG A 1 82  ? -0.417  -4.653  -0.028  1.00 12.72 ? 61  ARG A N   1 
ATOM   489 C CA  . ARG A 1 82  ? 0.703   -5.235  0.704   1.00 14.01 ? 61  ARG A CA  1 
ATOM   490 C C   . ARG A 1 82  ? 1.775   -4.215  1.047   1.00 13.55 ? 61  ARG A C   1 
ATOM   491 O O   . ARG A 1 82  ? 2.255   -3.467  0.189   1.00 12.54 ? 61  ARG A O   1 
ATOM   492 C CB  . ARG A 1 82  ? 1.356   -6.343  -0.124  1.00 14.57 ? 61  ARG A CB  1 
ATOM   493 C CG  . ARG A 1 82  ? 0.388   -7.409  -0.541  1.00 17.57 ? 61  ARG A CG  1 
ATOM   494 C CD  . ARG A 1 82  ? 0.881   -8.147  -1.799  1.00 23.51 ? 61  ARG A CD  1 
ATOM   495 N NE  . ARG A 1 82  ? -0.084  -9.180  -2.132  1.00 27.42 ? 61  ARG A NE  1 
ATOM   496 C CZ  . ARG A 1 82  ? -0.257  -10.264 -1.389  1.00 28.36 ? 61  ARG A CZ  1 
ATOM   497 N NH1 . ARG A 1 82  ? 0.495   -10.438 -0.314  1.00 29.94 ? 61  ARG A NH1 1 
ATOM   498 N NH2 . ARG A 1 82  ? -1.168  -11.166 -1.720  1.00 29.98 ? 61  ARG A NH2 1 
ATOM   499 N N   . VAL A 1 83  ? 2.179   -4.224  2.307   1.00 13.53 ? 62  VAL A N   1 
ATOM   500 C CA  . VAL A 1 83  ? 3.189   -3.311  2.804   1.00 13.22 ? 62  VAL A CA  1 
ATOM   501 C C   . VAL A 1 83  ? 4.408   -4.107  3.275   1.00 14.06 ? 62  VAL A C   1 
ATOM   502 O O   . VAL A 1 83  ? 4.288   -5.016  4.103   1.00 13.93 ? 62  VAL A O   1 
ATOM   503 C CB  . VAL A 1 83  ? 2.625   -2.447  3.965   1.00 13.42 ? 62  VAL A CB  1 
ATOM   504 C CG1 . VAL A 1 83  ? 3.664   -1.421  4.419   1.00 13.29 ? 62  VAL A CG1 1 
ATOM   505 C CG2 . VAL A 1 83  ? 1.330   -1.762  3.542   1.00 12.62 ? 62  VAL A CG2 1 
ATOM   506 N N   . GLU A 1 84  ? 5.580   -3.777  2.738   1.00 13.76 ? 63  GLU A N   1 
ATOM   507 C CA  . GLU A 1 84  ? 6.807   -4.452  3.134   1.00 15.01 ? 63  GLU A CA  1 
ATOM   508 C C   . GLU A 1 84  ? 7.803   -3.434  3.687   1.00 15.13 ? 63  GLU A C   1 
ATOM   509 O O   . GLU A 1 84  ? 8.144   -2.465  3.010   1.00 16.23 ? 63  GLU A O   1 
ATOM   510 C CB  . GLU A 1 84  ? 7.387   -5.190  1.932   1.00 14.64 ? 63  GLU A CB  1 
ATOM   511 C CG  . GLU A 1 84  ? 6.462   -6.314  1.459   1.00 17.51 ? 63  GLU A CG  1 
ATOM   512 C CD  . GLU A 1 84  ? 6.652   -6.664  -0.003  1.00 21.84 ? 63  GLU A CD  1 
ATOM   513 O OE1 . GLU A 1 84  ? 7.154   -5.812  -0.763  1.00 23.40 ? 63  GLU A OE1 1 
ATOM   514 O OE2 . GLU A 1 84  ? 6.286   -7.790  -0.395  1.00 24.40 ? 63  GLU A OE2 1 
ATOM   515 N N   . ALA A 1 85  ? 8.249   -3.636  4.919   1.00 14.87 ? 64  ALA A N   1 
ATOM   516 C CA  . ALA A 1 85  ? 9.229   -2.725  5.504   1.00 15.30 ? 64  ALA A CA  1 
ATOM   517 C C   . ALA A 1 85  ? 10.293  -3.474  6.285   1.00 15.28 ? 64  ALA A C   1 
ATOM   518 O O   . ALA A 1 85  ? 9.985   -4.200  7.216   1.00 14.73 ? 64  ALA A O   1 
ATOM   519 C CB  . ALA A 1 85  ? 8.551   -1.716  6.394   1.00 15.10 ? 64  ALA A CB  1 
ATOM   520 N N   . LEU A 1 86  ? 11.538  -3.257  5.929   1.00 16.45 ? 65  LEU A N   1 
ATOM   521 C CA  . LEU A 1 86  ? 12.660  -3.833  6.610   1.00 17.58 ? 65  LEU A CA  1 
ATOM   522 C C   . LEU A 1 86  ? 12.697  -3.369  8.078   1.00 18.32 ? 65  LEU A C   1 
ATOM   523 O O   . LEU A 1 86  ? 12.581  -2.239  8.326   1.00 18.93 ? 65  LEU A O   1 
ATOM   524 C CB  . LEU A 1 86  ? 13.921  -3.380  5.898   1.00 20.00 ? 65  LEU A CB  1 
ATOM   525 C CG  . LEU A 1 86  ? 15.196  -4.007  6.317   1.00 20.00 ? 65  LEU A CG  1 
ATOM   526 C CD1 . LEU A 1 86  ? 15.093  -5.374  5.963   1.00 20.00 ? 65  LEU A CD1 1 
ATOM   527 C CD2 . LEU A 1 86  ? 16.334  -3.340  5.752   1.00 20.00 ? 65  LEU A CD2 1 
ATOM   528 N N   . GLY A 1 87  ? 12.840  -4.255  9.017   1.00 18.83 ? 66  GLY A N   1 
ATOM   529 C CA  . GLY A 1 87  ? 12.837  -3.860  10.421  1.00 20.33 ? 66  GLY A CA  1 
ATOM   530 C C   . GLY A 1 87  ? 11.456  -3.743  11.054  1.00 20.83 ? 66  GLY A C   1 
ATOM   531 O O   . GLY A 1 87  ? 11.326  -3.364  12.224  1.00 21.06 ? 66  GLY A O   1 
ATOM   532 N N   . GLY A 1 88  ? 10.414  -4.062  10.294  1.00 20.90 ? 67  GLY A N   1 
ATOM   533 C CA  . GLY A 1 88  ? 9.091   -4.196  10.891  1.00 20.37 ? 67  GLY A CA  1 
ATOM   534 C C   . GLY A 1 88  ? 8.464   -2.858  11.217  1.00 19.99 ? 67  GLY A C   1 
ATOM   535 O O   . GLY A 1 88  ? 8.784   -1.855  10.587  1.00 20.41 ? 67  GLY A O   1 
ATOM   536 N N   . TYR A 1 89  ? 7.577   -2.835  12.209  1.00 19.22 ? 68  TYR A N   1 
ATOM   537 C CA  . TYR A 1 89  ? 6.759   -1.643  12.480  1.00 18.27 ? 68  TYR A CA  1 
ATOM   538 C C   . TYR A 1 89  ? 6.697   -1.276  13.956  1.00 17.96 ? 68  TYR A C   1 
ATOM   539 O O   . TYR A 1 89  ? 6.778   -2.144  14.826  1.00 17.70 ? 68  TYR A O   1 
ATOM   540 C CB  . TYR A 1 89  ? 5.336   -1.857  11.935  1.00 18.06 ? 68  TYR A CB  1 
ATOM   541 C CG  . TYR A 1 89  ? 5.337   -2.299  10.481  1.00 17.08 ? 68  TYR A CG  1 
ATOM   542 C CD1 . TYR A 1 89  ? 5.407   -3.647  10.147  1.00 15.73 ? 68  TYR A CD1 1 
ATOM   543 C CD2 . TYR A 1 89  ? 5.289   -1.366  9.445   1.00 17.49 ? 68  TYR A CD2 1 
ATOM   544 C CE1 . TYR A 1 89  ? 5.433   -4.052  8.825   1.00 15.29 ? 68  TYR A CE1 1 
ATOM   545 C CE2 . TYR A 1 89  ? 5.319   -1.767  8.116   1.00 16.10 ? 68  TYR A CE2 1 
ATOM   546 C CZ  . TYR A 1 89  ? 5.383   -3.116  7.821   1.00 15.30 ? 68  TYR A CZ  1 
ATOM   547 O OH  . TYR A 1 89  ? 5.421   -3.548  6.520   1.00 15.30 ? 68  TYR A OH  1 
ATOM   548 N N   . GLY A 1 90  ? 6.562   0.018   14.223  1.00 17.96 ? 69  GLY A N   1 
ATOM   549 C CA  . GLY A 1 90  ? 6.328   0.526   15.577  1.00 18.10 ? 69  GLY A CA  1 
ATOM   550 C C   . GLY A 1 90  ? 4.974   0.043   16.063  1.00 17.78 ? 69  GLY A C   1 
ATOM   551 O O   . GLY A 1 90  ? 4.150   -0.399  15.268  1.00 17.26 ? 69  GLY A O   1 
ATOM   552 N N   . PRO A 1 91  ? 4.733   0.119   17.375  1.00 17.95 ? 70  PRO A N   1 
ATOM   553 C CA  . PRO A 1 91  ? 3.532   -0.508  17.936  1.00 18.02 ? 70  PRO A CA  1 
ATOM   554 C C   . PRO A 1 91  ? 2.198   0.043   17.402  1.00 18.15 ? 70  PRO A C   1 
ATOM   555 O O   . PRO A 1 91  ? 1.278   -0.737  17.178  1.00 18.71 ? 70  PRO A O   1 
ATOM   556 C CB  . PRO A 1 91  ? 3.682   -0.287  19.450  1.00 17.95 ? 70  PRO A CB  1 
ATOM   557 C CG  . PRO A 1 91  ? 5.123   0.029   19.648  1.00 17.68 ? 70  PRO A CG  1 
ATOM   558 C CD  . PRO A 1 91  ? 5.553   0.761   18.412  1.00 17.78 ? 70  PRO A CD  1 
ATOM   559 N N   . SER A 1 92  ? 2.085   1.346   17.165  1.00 18.61 ? 71  SER A N   1 
ATOM   560 C CA  . SER A 1 92  ? 0.821   1.888   16.652  1.00 18.63 ? 71  SER A CA  1 
ATOM   561 C C   . SER A 1 92  ? 0.789   2.140   15.140  1.00 18.24 ? 71  SER A C   1 
ATOM   562 O O   . SER A 1 92  ? -0.222  2.584   14.607  1.00 18.55 ? 71  SER A O   1 
ATOM   563 C CB  . SER A 1 92  ? 0.445   3.174   17.379  1.00 18.88 ? 71  SER A CB  1 
ATOM   564 O OG  . SER A 1 92  ? 1.479   4.135   17.218  1.00 22.09 ? 71  SER A OG  1 
ATOM   565 N N   . GLU A 1 93  ? 1.881   1.846   14.448  1.00 17.83 ? 72  GLU A N   1 
ATOM   566 C CA  . GLU A 1 93  ? 1.967   2.155   13.023  1.00 16.99 ? 72  GLU A CA  1 
ATOM   567 C C   . GLU A 1 93  ? 1.027   1.360   12.097  1.00 16.57 ? 72  GLU A C   1 
ATOM   568 O O   . GLU A 1 93  ? 0.357   1.943   11.247  1.00 15.65 ? 72  GLU A O   1 
ATOM   569 C CB  . GLU A 1 93  ? 3.419   2.101   12.559  1.00 17.18 ? 72  GLU A CB  1 
ATOM   570 C CG  . GLU A 1 93  ? 4.281   3.148   13.255  1.00 18.65 ? 72  GLU A CG  1 
ATOM   571 C CD  . GLU A 1 93  ? 5.751   3.034   12.912  1.00 21.18 ? 72  GLU A CD  1 
ATOM   572 O OE1 . GLU A 1 93  ? 6.116   2.129   12.139  1.00 21.59 ? 72  GLU A OE1 1 
ATOM   573 O OE2 . GLU A 1 93  ? 6.550   3.855   13.422  1.00 25.09 ? 72  GLU A OE2 1 
ATOM   574 N N   . PRO A 1 94  ? 0.980   0.026   12.233  1.00 16.29 ? 73  PRO A N   1 
ATOM   575 C CA  . PRO A 1 94  ? 0.077   -0.657  11.309  1.00 16.31 ? 73  PRO A CA  1 
ATOM   576 C C   . PRO A 1 94  ? -1.388  -0.220  11.397  1.00 16.45 ? 73  PRO A C   1 
ATOM   577 O O   . PRO A 1 94  ? -2.043  -0.096  10.359  1.00 16.50 ? 73  PRO A O   1 
ATOM   578 C CB  . PRO A 1 94  ? 0.253   -2.138  11.682  1.00 16.30 ? 73  PRO A CB  1 
ATOM   579 C CG  . PRO A 1 94  ? 1.645   -2.207  12.174  1.00 15.94 ? 73  PRO A CG  1 
ATOM   580 C CD  . PRO A 1 94  ? 1.853   -0.925  12.943  1.00 16.14 ? 73  PRO A CD  1 
ATOM   581 N N   . GLU A 1 95  ? -1.911  0.018   12.601  1.00 16.39 ? 74  GLU A N   1 
ATOM   582 C CA  . GLU A 1 95  ? -3.311  0.462   12.702  1.00 17.01 ? 74  GLU A CA  1 
ATOM   583 C C   . GLU A 1 95  ? -3.540  1.799   11.964  1.00 16.61 ? 74  GLU A C   1 
ATOM   584 O O   . GLU A 1 95  ? -4.545  1.981   11.276  1.00 16.22 ? 74  GLU A O   1 
ATOM   585 C CB  . GLU A 1 95  ? -3.781  0.534   14.168  1.00 17.43 ? 74  GLU A CB  1 
ATOM   586 C CG  . GLU A 1 95  ? -2.909  1.387   15.104  1.00 21.23 ? 74  GLU A CG  1 
ATOM   587 C CD  . GLU A 1 95  ? -3.343  1.283   16.577  1.00 24.67 ? 74  GLU A CD  1 
ATOM   588 O OE1 . GLU A 1 95  ? -2.746  0.467   17.326  1.00 25.45 ? 74  GLU A OE1 1 
ATOM   589 O OE2 . GLU A 1 95  ? -4.291  2.002   16.978  1.00 25.99 ? 74  GLU A OE2 1 
ATOM   590 N N   . LYS A 1 96  ? -2.598  2.722   12.094  1.00 16.34 ? 75  LYS A N   1 
ATOM   591 C CA  . LYS A 1 96  ? -2.688  4.008   11.416  1.00 16.62 ? 75  LYS A CA  1 
ATOM   592 C C   . LYS A 1 96  ? -2.632  3.852   9.898   1.00 15.73 ? 75  LYS A C   1 
ATOM   593 O O   . LYS A 1 96  ? -3.422  4.441   9.162   1.00 15.85 ? 75  LYS A O   1 
ATOM   594 C CB  . LYS A 1 96  ? -1.535  4.916   11.845  1.00 17.35 ? 75  LYS A CB  1 
ATOM   595 C CG  . LYS A 1 96  ? -1.554  5.372   13.299  1.00 19.00 ? 75  LYS A CG  1 
ATOM   596 C CD  . LYS A 1 96  ? -0.279  6.185   13.583  1.00 22.34 ? 75  LYS A CD  1 
ATOM   597 C CE  . LYS A 1 96  ? -0.483  7.169   14.723  1.00 24.13 ? 75  LYS A CE  1 
ATOM   598 N NZ  . LYS A 1 96  ? -0.813  6.484   15.999  1.00 24.08 ? 75  LYS A NZ  1 
ATOM   599 N N   . VAL A 1 97  ? -1.657  3.088   9.431   1.00 15.29 ? 76  VAL A N   1 
ATOM   600 C CA  . VAL A 1 97  ? -1.508  2.849   8.007   1.00 14.73 ? 76  VAL A CA  1 
ATOM   601 C C   . VAL A 1 97  ? -2.790  2.234   7.447   1.00 14.74 ? 76  VAL A C   1 
ATOM   602 O O   . VAL A 1 97  ? -3.316  2.675   6.414   1.00 15.04 ? 76  VAL A O   1 
ATOM   603 C CB  . VAL A 1 97  ? -0.291  1.946   7.725   1.00 14.97 ? 76  VAL A CB  1 
ATOM   604 C CG1 . VAL A 1 97  ? -0.199  1.629   6.244   1.00 14.98 ? 76  VAL A CG1 1 
ATOM   605 C CG2 . VAL A 1 97  ? 0.993   2.644   8.202   1.00 15.42 ? 76  VAL A CG2 1 
ATOM   606 N N   . THR A 1 98  ? -3.309  1.226   8.139   1.00 14.21 ? 77  THR A N   1 
ATOM   607 C CA  . THR A 1 98  ? -4.530  0.560   7.678   1.00 13.79 ? 77  THR A CA  1 
ATOM   608 C C   . THR A 1 98  ? -5.706  1.525   7.594   1.00 14.32 ? 77  THR A C   1 
ATOM   609 O O   . THR A 1 98  ? -6.479  1.506   6.628   1.00 14.14 ? 77  THR A O   1 
ATOM   610 C CB  . THR A 1 98  ? -4.890  -0.643  8.558   1.00 13.32 ? 77  THR A CB  1 
ATOM   611 O OG1 . THR A 1 98  ? -3.910  -1.671  8.358   1.00 12.67 ? 77  THR A OG1 1 
ATOM   612 C CG2 . THR A 1 98  ? -6.278  -1.193  8.183   1.00 13.14 ? 77  THR A CG2 1 
ATOM   613 N N   . SER A 1 99  ? -5.835  2.373   8.604   1.00 14.35 ? 78  SER A N   1 
ATOM   614 C CA  . SER A 1 99  ? -6.898  3.362   8.616   1.00 15.44 ? 78  SER A CA  1 
ATOM   615 C C   . SER A 1 99  ? -6.818  4.341   7.417   1.00 14.50 ? 78  SER A C   1 
ATOM   616 O O   . SER A 1 99  ? -7.808  4.584   6.727   1.00 14.63 ? 78  SER A O   1 
ATOM   617 C CB  . SER A 1 99  ? -6.876  4.126   9.942   1.00 15.43 ? 78  SER A CB  1 
ATOM   618 O OG  . SER A 1 99  ? -7.842  5.155   9.907   1.00 21.12 ? 78  SER A OG  1 
ATOM   619 N N   . ILE A 1 100 ? -5.630  4.876   7.170   1.00 14.52 ? 79  ILE A N   1 
ATOM   620 C CA  . ILE A 1 100 ? -5.388  5.840   6.089   1.00 13.69 ? 79  ILE A CA  1 
ATOM   621 C C   . ILE A 1 100 ? -5.465  5.233   4.690   1.00 13.72 ? 79  ILE A C   1 
ATOM   622 O O   . ILE A 1 100 ? -6.099  5.790   3.773   1.00 13.85 ? 79  ILE A O   1 
ATOM   623 C CB  . ILE A 1 100 ? -3.994  6.482   6.285   1.00 13.93 ? 79  ILE A CB  1 
ATOM   624 C CG1 . ILE A 1 100 ? -3.970  7.246   7.620   1.00 14.58 ? 79  ILE A CG1 1 
ATOM   625 C CG2 . ILE A 1 100 ? -3.625  7.357   5.095   1.00 13.47 ? 79  ILE A CG2 1 
ATOM   626 C CD1 . ILE A 1 100 ? -2.656  7.948   7.886   1.00 17.59 ? 79  ILE A CD1 1 
ATOM   627 N N   . VAL A 1 101 ? -4.804  4.100   4.508   1.00 13.02 ? 80  VAL A N   1 
ATOM   628 C CA  . VAL A 1 101 ? -4.861  3.420   3.221   1.00 13.11 ? 80  VAL A CA  1 
ATOM   629 C C   . VAL A 1 101 ? -6.297  2.990   2.861   1.00 13.27 ? 80  VAL A C   1 
ATOM   630 O O   . VAL A 1 101 ? -6.716  3.133   1.714   1.00 12.73 ? 80  VAL A O   1 
ATOM   631 C CB  . VAL A 1 101 ? -3.920  2.191   3.173   1.00 12.46 ? 80  VAL A CB  1 
ATOM   632 C CG1 . VAL A 1 101 ? -4.085  1.445   1.842   1.00 12.08 ? 80  VAL A CG1 1 
ATOM   633 C CG2 . VAL A 1 101 ? -2.486  2.625   3.358   1.00 12.24 ? 80  VAL A CG2 1 
ATOM   634 N N   . THR A 1 102 ? -7.037  2.440   3.827   1.00 13.93 ? 81  THR A N   1 
ATOM   635 C CA  . THR A 1 102 ? -8.413  1.994   3.572   1.00 14.59 ? 81  THR A CA  1 
ATOM   636 C C   . THR A 1 102 ? -9.281  3.173   3.116   1.00 14.91 ? 81  THR A C   1 
ATOM   637 O O   . THR A 1 102 ? -9.876  3.142   2.037   1.00 15.18 ? 81  THR A O   1 
ATOM   638 C CB  . THR A 1 102 ? -9.036  1.340   4.814   1.00 14.47 ? 81  THR A CB  1 
ATOM   639 O OG1 . THR A 1 102 ? -8.239  0.217   5.215   1.00 16.44 ? 81  THR A OG1 1 
ATOM   640 C CG2 . THR A 1 102 ? -10.460 0.869   4.516   1.00 15.74 ? 81  THR A CG2 1 
ATOM   641 N N   . ALA A 1 103 ? -9.334  4.223   3.928   1.00 14.89 ? 82  ALA A N   1 
ATOM   642 C CA  . ALA A 1 103 ? -10.083 5.414   3.546   1.00 15.27 ? 82  ALA A CA  1 
ATOM   643 C C   . ALA A 1 103 ? -9.665  5.942   2.170   1.00 15.20 ? 82  ALA A C   1 
ATOM   644 O O   . ALA A 1 103 ? -10.517 6.327   1.385   1.00 15.45 ? 82  ALA A O   1 
ATOM   645 C CB  . ALA A 1 103 ? -9.971  6.516   4.626   1.00 15.54 ? 82  ALA A CB  1 
ATOM   646 N N   . ALA A 1 104 ? -8.366  5.947   1.871   1.00 15.03 ? 83  ALA A N   1 
ATOM   647 C CA  . ALA A 1 104 ? -7.887  6.446   0.570   1.00 15.53 ? 83  ALA A CA  1 
ATOM   648 C C   . ALA A 1 104 ? -8.321  5.589   -0.622  1.00 15.62 ? 83  ALA A C   1 
ATOM   649 O O   . ALA A 1 104 ? -8.648  6.113   -1.685  1.00 15.87 ? 83  ALA A O   1 
ATOM   650 C CB  . ALA A 1 104 ? -6.375  6.618   0.573   1.00 16.05 ? 83  ALA A CB  1 
ATOM   651 N N   . ILE A 1 105 ? -8.300  4.273   -0.448  1.00 15.41 ? 84  ILE A N   1 
ATOM   652 C CA  . ILE A 1 105 ? -8.766  3.369   -1.479  1.00 15.70 ? 84  ILE A CA  1 
ATOM   653 C C   . ILE A 1 105 ? -10.288 3.511   -1.647  1.00 15.97 ? 84  ILE A C   1 
ATOM   654 O O   . ILE A 1 105 ? -10.800 3.491   -2.762  1.00 16.10 ? 84  ILE A O   1 
ATOM   655 C CB  . ILE A 1 105 ? -8.377  1.913   -1.151  1.00 15.40 ? 84  ILE A CB  1 
ATOM   656 C CG1 . ILE A 1 105 ? -6.864  1.709   -1.305  1.00 16.55 ? 84  ILE A CG1 1 
ATOM   657 C CG2 . ILE A 1 105 ? -9.134  0.929   -2.038  1.00 15.24 ? 84  ILE A CG2 1 
ATOM   658 C CD1 . ILE A 1 105 ? -6.376  1.817   -2.708  1.00 19.12 ? 84  ILE A CD1 1 
ATOM   659 N N   . THR A 1 106 ? -11.011 3.658   -0.541  1.00 15.92 ? 85  THR A N   1 
ATOM   660 C CA  . THR A 1 106 ? -12.452 3.924   -0.621  1.00 16.38 ? 85  THR A CA  1 
ATOM   661 C C   . THR A 1 106 ? -12.738 5.250   -1.346  1.00 16.33 ? 85  THR A C   1 
ATOM   662 O O   . THR A 1 106 ? -13.591 5.309   -2.238  1.00 15.84 ? 85  THR A O   1 
ATOM   663 C CB  . THR A 1 106 ? -13.113 3.953   0.762   1.00 16.45 ? 85  THR A CB  1 
ATOM   664 O OG1 . THR A 1 106 ? -13.075 2.641   1.334   1.00 16.73 ? 85  THR A OG1 1 
ATOM   665 C CG2 . THR A 1 106 ? -14.576 4.381   0.627   1.00 17.92 ? 85  THR A CG2 1 
ATOM   666 N N   . LYS A 1 107 ? -12.009 6.300   -0.965  1.00 16.75 ? 86  LYS A N   1 
ATOM   667 C CA  . LYS A 1 107 ? -12.096 7.604   -1.644  1.00 17.71 ? 86  LYS A CA  1 
ATOM   668 C C   . LYS A 1 107 ? -11.835 7.522   -3.144  1.00 17.78 ? 86  LYS A C   1 
ATOM   669 O O   . LYS A 1 107 ? -12.705 7.868   -3.950  1.00 18.56 ? 86  LYS A O   1 
ATOM   670 C CB  . LYS A 1 107 ? -11.131 8.623   -1.022  1.00 17.97 ? 86  LYS A CB  1 
ATOM   671 C CG  . LYS A 1 107 ? -11.146 10.015  -1.707  1.00 19.07 ? 86  LYS A CG  1 
ATOM   672 C CD  . LYS A 1 107 ? -10.282 11.031  -0.954  1.00 23.85 ? 86  LYS A CD  1 
ATOM   673 C CE  . LYS A 1 107 ? -8.815  10.571  -0.865  1.00 26.47 ? 86  LYS A CE  1 
ATOM   674 N NZ  . LYS A 1 107 ? -7.959  11.384  0.072   1.00 29.13 ? 86  LYS A NZ  1 
ATOM   675 N N   . GLU A 1 108 ? -10.642 7.069   -3.524  1.00 17.74 ? 87  GLU A N   1 
ATOM   676 C CA  . GLU A 1 108 ? -10.230 7.099   -4.929  1.00 16.97 ? 87  GLU A CA  1 
ATOM   677 C C   . GLU A 1 108 ? -10.911 6.070   -5.826  1.00 16.97 ? 87  GLU A C   1 
ATOM   678 O O   . GLU A 1 108 ? -11.177 6.347   -7.001  1.00 16.51 ? 87  GLU A O   1 
ATOM   679 C CB  . GLU A 1 108 ? -8.717  6.924   -5.057  1.00 16.97 ? 87  GLU A CB  1 
ATOM   680 C CG  . GLU A 1 108 ? -7.902  7.957   -4.314  1.00 18.11 ? 87  GLU A CG  1 
ATOM   681 C CD  . GLU A 1 108 ? -8.259  9.363   -4.728  1.00 17.72 ? 87  GLU A CD  1 
ATOM   682 O OE1 . GLU A 1 108 ? -8.463  9.591   -5.934  1.00 18.94 ? 87  GLU A OE1 1 
ATOM   683 O OE2 . GLU A 1 108 ? -8.329  10.233  -3.842  1.00 20.91 ? 87  GLU A OE2 1 
ATOM   684 N N   . CYS A 1 109 ? -11.147 4.874   -5.288  1.00 16.14 ? 88  CYS A N   1 
ATOM   685 C CA  . CYS A 1 109 ? -11.606 3.739   -6.092  1.00 15.91 ? 88  CYS A CA  1 
ATOM   686 C C   . CYS A 1 109 ? -13.074 3.403   -5.881  1.00 15.69 ? 88  CYS A C   1 
ATOM   687 O O   . CYS A 1 109 ? -13.674 2.718   -6.704  1.00 16.06 ? 88  CYS A O   1 
ATOM   688 C CB  . CYS A 1 109 ? -10.746 2.497   -5.799  1.00 15.62 ? 88  CYS A CB  1 
ATOM   689 S SG  . CYS A 1 109 ? -8.959  2.757   -6.098  1.00 15.95 ? 88  CYS A SG  1 
ATOM   690 N N   . GLY A 1 110 ? -13.661 3.880   -4.792  1.00 16.01 ? 89  GLY A N   1 
ATOM   691 C CA  . GLY A 1 110 ? -15.058 3.556   -4.502  1.00 16.10 ? 89  GLY A CA  1 
ATOM   692 C C   . GLY A 1 110 ? -15.256 2.167   -3.925  1.00 16.61 ? 89  GLY A C   1 
ATOM   693 O O   . GLY A 1 110 ? -16.393 1.700   -3.767  1.00 16.72 ? 89  GLY A O   1 
ATOM   694 N N   . ILE A 1 111 ? -14.145 1.504   -3.613  1.00 16.37 ? 90  ILE A N   1 
ATOM   695 C CA  . ILE A 1 111 ? -14.162 0.189   -2.971  1.00 15.91 ? 90  ILE A CA  1 
ATOM   696 C C   . ILE A 1 111 ? -14.502 0.317   -1.475  1.00 15.92 ? 90  ILE A C   1 
ATOM   697 O O   . ILE A 1 111 ? -13.884 1.089   -0.750  1.00 16.16 ? 90  ILE A O   1 
ATOM   698 C CB  . ILE A 1 111 ? -12.813 -0.535  -3.178  1.00 16.01 ? 90  ILE A CB  1 
ATOM   699 C CG1 . ILE A 1 111 ? -12.550 -0.733  -4.680  1.00 14.97 ? 90  ILE A CG1 1 
ATOM   700 C CG2 . ILE A 1 111 ? -12.779 -1.873  -2.439  1.00 15.36 ? 90  ILE A CG2 1 
ATOM   701 C CD1 . ILE A 1 111 ? -11.102 -1.071  -5.010  1.00 14.29 ? 90  ILE A CD1 1 
ATOM   702 N N   . VAL A 1 112 ? -15.503 -0.426  -1.030  1.00 15.67 ? 91  VAL A N   1 
ATOM   703 C CA  . VAL A 1 112 ? -15.927 -0.365  0.365   1.00 16.44 ? 91  VAL A CA  1 
ATOM   704 C C   . VAL A 1 112 ? -14.909 -0.972  1.324   1.00 16.30 ? 91  VAL A C   1 
ATOM   705 O O   . VAL A 1 112 ? -14.227 -1.944  0.983   1.00 15.76 ? 91  VAL A O   1 
ATOM   706 C CB  . VAL A 1 112 ? -17.315 -1.004  0.569   1.00 16.45 ? 91  VAL A CB  1 
ATOM   707 C CG1 . VAL A 1 112 ? -18.338 -0.259  -0.276  1.00 17.58 ? 91  VAL A CG1 1 
ATOM   708 C CG2 . VAL A 1 112 ? -17.296 -2.455  0.182   1.00 17.44 ? 91  VAL A CG2 1 
ATOM   709 N N   . ALA A 1 113 ? -14.822 -0.392  2.526   1.00 16.37 ? 92  ALA A N   1 
ATOM   710 C CA  . ALA A 1 113 ? -13.831 -0.802  3.529   1.00 16.04 ? 92  ALA A CA  1 
ATOM   711 C C   . ALA A 1 113 ? -13.821 -2.304  3.851   1.00 16.49 ? 92  ALA A C   1 
ATOM   712 O O   . ALA A 1 113 ? -12.769 -2.873  4.142   1.00 16.09 ? 92  ALA A O   1 
ATOM   713 C CB  . ALA A 1 113 ? -14.025 -0.005  4.797   1.00 16.40 ? 92  ALA A CB  1 
ATOM   714 N N   . ASP A 1 114 ? -14.985 -2.943  3.816   1.00 16.23 ? 93  ASP A N   1 
ATOM   715 C CA  . ASP A 1 114 ? -15.059 -4.357  4.156   1.00 16.76 ? 93  ASP A CA  1 
ATOM   716 C C   . ASP A 1 114 ? -14.700 -5.217  2.952   1.00 15.86 ? 93  ASP A C   1 
ATOM   717 O O   . ASP A 1 114 ? -14.844 -6.434  2.976   1.00 16.17 ? 93  ASP A O   1 
ATOM   718 C CB  . ASP A 1 114 ? -16.461 -4.696  4.617   1.00 17.81 ? 93  ASP A CB  1 
ATOM   719 C CG  . ASP A 1 114 ? -17.486 -4.155  3.682   1.00 20.80 ? 93  ASP A CG  1 
ATOM   720 O OD1 . ASP A 1 114 ? -17.568 -2.909  3.568   1.00 26.38 ? 93  ASP A OD1 1 
ATOM   721 O OD2 . ASP A 1 114 ? -18.179 -4.955  3.031   1.00 25.41 ? 93  ASP A OD2 1 
ATOM   722 N N   . ARG A 1 115 ? -14.226 -4.582  1.894   1.00 15.27 ? 94  ARG A N   1 
ATOM   723 C CA  . ARG A 1 115 ? -13.639 -5.314  0.797   1.00 14.36 ? 94  ARG A CA  1 
ATOM   724 C C   . ARG A 1 115 ? -12.219 -4.825  0.549   1.00 13.62 ? 94  ARG A C   1 
ATOM   725 O O   . ARG A 1 115 ? -11.748 -4.848  -0.576  1.00 13.84 ? 94  ARG A O   1 
ATOM   726 C CB  . ARG A 1 115 ? -14.488 -5.198  -0.473  1.00 14.54 ? 94  ARG A CB  1 
ATOM   727 C CG  . ARG A 1 115 ? -15.804 -5.943  -0.352  1.00 13.86 ? 94  ARG A CG  1 
ATOM   728 C CD  . ARG A 1 115 ? -16.601 -5.993  -1.656  1.00 15.14 ? 94  ARG A CD  1 
ATOM   729 N NE  . ARG A 1 115 ? -16.051 -6.873  -2.694  1.00 13.49 ? 94  ARG A NE  1 
ATOM   730 C CZ  . ARG A 1 115 ? -16.117 -8.204  -2.693  1.00 12.82 ? 94  ARG A CZ  1 
ATOM   731 N NH1 . ARG A 1 115 ? -16.685 -8.856  -1.685  1.00 14.47 ? 94  ARG A NH1 1 
ATOM   732 N NH2 . ARG A 1 115 ? -15.592 -8.887  -3.702  1.00 13.40 ? 94  ARG A NH2 1 
ATOM   733 N N   . ILE A 1 116 ? -11.543 -4.398  1.613   1.00 12.42 ? 95  ILE A N   1 
ATOM   734 C CA  . ILE A 1 116 ? -10.151 -3.942  1.519   1.00 11.85 ? 95  ILE A CA  1 
ATOM   735 C C   . ILE A 1 116 ? -9.292  -4.652  2.568   1.00 11.90 ? 95  ILE A C   1 
ATOM   736 O O   . ILE A 1 116 ? -9.589  -4.594  3.759   1.00 12.74 ? 95  ILE A O   1 
ATOM   737 C CB  . ILE A 1 116 ? -10.026 -2.400  1.729   1.00 11.19 ? 95  ILE A CB  1 
ATOM   738 C CG1 . ILE A 1 116 ? -10.782 -1.637  0.640   1.00 9.86  ? 95  ILE A CG1 1 
ATOM   739 C CG2 . ILE A 1 116 ? -8.559  -1.982  1.725   1.00 11.75 ? 95  ILE A CG2 1 
ATOM   740 C CD1 . ILE A 1 116 ? -10.957 -0.137  0.918   1.00 10.34 ? 95  ILE A CD1 1 
ATOM   741 N N   . PHE A 1 117 ? -8.252  -5.352  2.120   1.00 12.21 ? 96  PHE A N   1 
ATOM   742 C CA  . PHE A 1 117 ? -7.266  -5.959  3.014   1.00 12.58 ? 96  PHE A CA  1 
ATOM   743 C C   . PHE A 1 117 ? -5.983  -5.154  2.924   1.00 12.60 ? 96  PHE A C   1 
ATOM   744 O O   . PHE A 1 117 ? -5.653  -4.607  1.871   1.00 12.55 ? 96  PHE A O   1 
ATOM   745 C CB  . PHE A 1 117 ? -6.894  -7.362  2.549   1.00 13.01 ? 96  PHE A CB  1 
ATOM   746 C CG  . PHE A 1 117 ? -7.715  -8.455  3.130   1.00 14.65 ? 96  PHE A CG  1 
ATOM   747 C CD1 . PHE A 1 117 ? -8.904  -8.193  3.808   1.00 14.15 ? 96  PHE A CD1 1 
ATOM   748 C CD2 . PHE A 1 117 ? -7.309  -9.778  2.962   1.00 14.52 ? 96  PHE A CD2 1 
ATOM   749 C CE1 . PHE A 1 117 ? -9.655  -9.242  4.324   1.00 16.47 ? 96  PHE A CE1 1 
ATOM   750 C CE2 . PHE A 1 117 ? -8.060  -10.816 3.469   1.00 16.36 ? 96  PHE A CE2 1 
ATOM   751 C CZ  . PHE A 1 117 ? -9.243  -10.545 4.154   1.00 16.38 ? 96  PHE A CZ  1 
ATOM   752 N N   . VAL A 1 118 ? -5.246  -5.103  4.025   1.00 12.19 ? 97  VAL A N   1 
ATOM   753 C CA  . VAL A 1 118 ? -3.919  -4.515  4.040   1.00 12.03 ? 97  VAL A CA  1 
ATOM   754 C C   . VAL A 1 118 ? -3.056  -5.493  4.812   1.00 12.07 ? 97  VAL A C   1 
ATOM   755 O O   . VAL A 1 118 ? -3.299  -5.730  5.997   1.00 12.48 ? 97  VAL A O   1 
ATOM   756 C CB  . VAL A 1 118 ? -3.893  -3.146  4.755   1.00 11.76 ? 97  VAL A CB  1 
ATOM   757 C CG1 . VAL A 1 118 ? -2.598  -2.403  4.445   1.00 11.94 ? 97  VAL A CG1 1 
ATOM   758 C CG2 . VAL A 1 118 ? -5.110  -2.313  4.349   1.00 12.67 ? 97  VAL A CG2 1 
ATOM   759 N N   . LEU A 1 119 ? -2.072  -6.083  4.136   1.00 11.35 ? 98  LEU A N   1 
ATOM   760 C CA  . LEU A 1 119 ? -1.169  -7.038  4.778   1.00 12.53 ? 98  LEU A CA  1 
ATOM   761 C C   . LEU A 1 119 ? 0.209   -6.417  5.006   1.00 11.63 ? 98  LEU A C   1 
ATOM   762 O O   . LEU A 1 119 ? 0.685   -5.655  4.176   1.00 11.65 ? 98  LEU A O   1 
ATOM   763 C CB  . LEU A 1 119 ? -1.040  -8.298  3.924   1.00 12.66 ? 98  LEU A CB  1 
ATOM   764 C CG  . LEU A 1 119 ? -2.065  -9.398  4.232   1.00 16.55 ? 98  LEU A CG  1 
ATOM   765 C CD1 . LEU A 1 119 ? -3.494  -8.926  4.023   1.00 18.99 ? 98  LEU A CD1 1 
ATOM   766 C CD2 . LEU A 1 119 ? -1.779  -10.624 3.384   1.00 19.08 ? 98  LEU A CD2 1 
ATOM   767 N N   . TYR A 1 120 ? 0.829   -6.751  6.134   1.00 11.29 ? 99  TYR A N   1 
ATOM   768 C CA  . TYR A 1 120 ? 2.128   -6.204  6.515   1.00 11.21 ? 99  TYR A CA  1 
ATOM   769 C C   . TYR A 1 120 ? 3.180   -7.312  6.623   1.00 11.95 ? 99  TYR A C   1 
ATOM   770 O O   . TYR A 1 120 ? 2.997   -8.307  7.343   1.00 11.68 ? 99  TYR A O   1 
ATOM   771 C CB  . TYR A 1 120 ? 2.015   -5.462  7.856   1.00 10.92 ? 99  TYR A CB  1 
ATOM   772 C CG  . TYR A 1 120 ? 1.085   -4.282  7.781   1.00 10.65 ? 99  TYR A CG  1 
ATOM   773 C CD1 . TYR A 1 120 ? -0.287  -4.453  7.893   1.00 10.29 ? 99  TYR A CD1 1 
ATOM   774 C CD2 . TYR A 1 120 ? 1.581   -2.995  7.569   1.00 11.81 ? 99  TYR A CD2 1 
ATOM   775 C CE1 . TYR A 1 120 ? -1.141  -3.380  7.813   1.00 12.15 ? 99  TYR A CE1 1 
ATOM   776 C CE2 . TYR A 1 120 ? 0.737   -1.914  7.473   1.00 12.33 ? 99  TYR A CE2 1 
ATOM   777 C CZ  . TYR A 1 120 ? -0.627  -2.114  7.596   1.00 11.49 ? 99  TYR A CZ  1 
ATOM   778 O OH  . TYR A 1 120 ? -1.482  -1.057  7.505   1.00 12.63 ? 99  TYR A OH  1 
ATOM   779 N N   . PHE A 1 121 ? 4.293   -7.130  5.924   1.00 12.25 ? 100 PHE A N   1 
ATOM   780 C CA  . PHE A 1 121 ? 5.398   -8.056  6.021   1.00 13.75 ? 100 PHE A CA  1 
ATOM   781 C C   . PHE A 1 121 ? 6.663   -7.271  6.279   1.00 14.20 ? 100 PHE A C   1 
ATOM   782 O O   . PHE A 1 121 ? 6.673   -6.033  6.222   1.00 13.94 ? 100 PHE A O   1 
ATOM   783 C CB  . PHE A 1 121 ? 5.573   -8.843  4.714   1.00 14.29 ? 100 PHE A CB  1 
ATOM   784 C CG  . PHE A 1 121 ? 4.322   -9.503  4.211   1.00 15.77 ? 100 PHE A CG  1 
ATOM   785 C CD1 . PHE A 1 121 ? 3.427   -8.799  3.415   1.00 17.87 ? 100 PHE A CD1 1 
ATOM   786 C CD2 . PHE A 1 121 ? 4.059   -10.840 4.494   1.00 18.49 ? 100 PHE A CD2 1 
ATOM   787 C CE1 . PHE A 1 121 ? 2.284   -9.409  2.932   1.00 19.19 ? 100 PHE A CE1 1 
ATOM   788 C CE2 . PHE A 1 121 ? 2.913   -11.466 4.005   1.00 17.92 ? 100 PHE A CE2 1 
ATOM   789 C CZ  . PHE A 1 121 ? 2.023   -10.749 3.235   1.00 19.25 ? 100 PHE A CZ  1 
ATOM   790 N N   . SER A 1 122 ? 7.741   -7.987  6.556   1.00 14.90 ? 101 SER A N   1 
ATOM   791 C CA  . SER A 1 122 ? 9.049   -7.359  6.576   1.00 16.10 ? 101 SER A CA  1 
ATOM   792 C C   . SER A 1 122 ? 10.070  -8.316  5.975   1.00 15.69 ? 101 SER A C   1 
ATOM   793 O O   . SER A 1 122 ? 10.201  -9.450  6.435   1.00 16.57 ? 101 SER A O   1 
ATOM   794 C CB  . SER A 1 122 ? 9.428   -6.919  7.994   1.00 15.84 ? 101 SER A CB  1 
ATOM   795 O OG  . SER A 1 122 ? 9.832   -8.009  8.785   1.00 20.69 ? 101 SER A OG  1 
ATOM   796 N N   . PRO A 1 123 ? 10.783  -7.871  4.934   1.00 15.55 ? 102 PRO A N   1 
ATOM   797 C CA  . PRO A 1 123 ? 11.755  -8.737  4.299   1.00 15.16 ? 102 PRO A CA  1 
ATOM   798 C C   . PRO A 1 123 ? 12.956  -8.903  5.209   1.00 14.82 ? 102 PRO A C   1 
ATOM   799 O O   . PRO A 1 123 ? 13.136  -8.116  6.152   1.00 14.44 ? 102 PRO A O   1 
ATOM   800 C CB  . PRO A 1 123 ? 12.162  -7.952  3.049   1.00 15.31 ? 102 PRO A CB  1 
ATOM   801 C CG  . PRO A 1 123 ? 11.989  -6.561  3.415   1.00 15.57 ? 102 PRO A CG  1 
ATOM   802 C CD  . PRO A 1 123 ? 10.856  -6.494  4.417   1.00 15.73 ? 102 PRO A CD  1 
ATOM   803 N N   . LEU A 1 124 ? 13.768  -9.918  4.927   1.00 14.15 ? 103 LEU A N   1 
ATOM   804 C CA  . LEU A 1 124 ? 15.002  -10.145 5.676   1.00 14.29 ? 103 LEU A CA  1 
ATOM   805 C C   . LEU A 1 124 ? 16.073  -9.149  5.276   1.00 14.43 ? 103 LEU A C   1 
ATOM   806 O O   . LEU A 1 124 ? 16.858  -8.684  6.121   1.00 13.81 ? 103 LEU A O   1 
ATOM   807 C CB  . LEU A 1 124 ? 15.543  -11.562 5.416   1.00 14.24 ? 103 LEU A CB  1 
ATOM   808 C CG  . LEU A 1 124 ? 14.796  -12.737 6.022   1.00 15.94 ? 103 LEU A CG  1 
ATOM   809 C CD1 . LEU A 1 124 ? 14.555  -12.515 7.521   1.00 17.53 ? 103 LEU A CD1 1 
ATOM   810 C CD2 . LEU A 1 124 ? 13.498  -12.913 5.302   1.00 19.89 ? 103 LEU A CD2 1 
ATOM   811 N N   . HIS A 1 125 ? 16.128  -8.860  3.974   1.00 14.08 ? 104 HIS A N   1 
ATOM   812 C CA  . HIS A 1 125 ? 17.146  -7.976  3.407   1.00 14.57 ? 104 HIS A CA  1 
ATOM   813 C C   . HIS A 1 125 ? 16.536  -7.126  2.310   1.00 15.36 ? 104 HIS A C   1 
ATOM   814 O O   . HIS A 1 125 ? 15.528  -7.497  1.715   1.00 13.67 ? 104 HIS A O   1 
ATOM   815 C CB  . HIS A 1 125 ? 18.300  -8.777  2.798   1.00 14.52 ? 104 HIS A CB  1 
ATOM   816 C CG  . HIS A 1 125 ? 18.853  -9.829  3.707   1.00 14.59 ? 104 HIS A CG  1 
ATOM   817 N ND1 . HIS A 1 125 ? 18.476  -11.150 3.627   1.00 14.85 ? 104 HIS A ND1 1 
ATOM   818 C CD2 . HIS A 1 125 ? 19.750  -9.753  4.721   1.00 11.65 ? 104 HIS A CD2 1 
ATOM   819 C CE1 . HIS A 1 125 ? 19.104  -11.846 4.558   1.00 14.23 ? 104 HIS A CE1 1 
ATOM   820 N NE2 . HIS A 1 125 ? 19.883  -11.023 5.235   1.00 13.85 ? 104 HIS A NE2 1 
ATOM   821 N N   . CYS A 1 126 ? 17.161  -5.981  2.053   1.00 16.09 ? 105 CYS A N   1 
ATOM   822 C CA  A CYS A 1 126 ? 16.717  -5.099  0.988   0.50 17.22 ? 105 CYS A CA  1 
ATOM   823 C CA  B CYS A 1 126 ? 16.723  -5.061  1.002   0.50 16.97 ? 105 CYS A CA  1 
ATOM   824 C C   . CYS A 1 126 ? 17.912  -4.469  0.295   1.00 17.00 ? 105 CYS A C   1 
ATOM   825 O O   . CYS A 1 126 ? 18.803  -3.921  0.943   1.00 17.36 ? 105 CYS A O   1 
ATOM   826 C CB  A CYS A 1 126 ? 15.789  -4.014  1.535   0.50 17.51 ? 105 CYS A CB  1 
ATOM   827 C CB  B CYS A 1 126 ? 15.924  -3.908  1.593   0.50 17.24 ? 105 CYS A CB  1 
ATOM   828 S SG  A CYS A 1 126 ? 15.114  -2.949  0.255   0.50 21.21 ? 105 CYS A SG  1 
ATOM   829 S SG  B CYS A 1 126 ? 14.401  -4.413  2.314   0.50 19.41 ? 105 CYS A SG  1 
ATOM   830 N N   . GLY A 1 127 ? 17.922  -4.572  -1.025  1.00 17.22 ? 106 GLY A N   1 
ATOM   831 C CA  . GLY A 1 127 ? 18.945  -3.945  -1.831  1.00 17.19 ? 106 GLY A CA  1 
ATOM   832 C C   . GLY A 1 127 ? 18.374  -2.726  -2.537  1.00 17.07 ? 106 GLY A C   1 
ATOM   833 O O   . GLY A 1 127 ? 17.231  -2.729  -2.994  1.00 16.00 ? 106 GLY A O   1 
ATOM   834 N N   . TRP A 1 128 ? 19.182  -1.673  -2.614  1.00 17.07 ? 107 TRP A N   1 
ATOM   835 C CA  . TRP A 1 128 ? 18.860  -0.507  -3.419  1.00 17.33 ? 107 TRP A CA  1 
ATOM   836 C C   . TRP A 1 128 ? 20.176  0.066   -3.905  1.00 17.44 ? 107 TRP A C   1 
ATOM   837 O O   . TRP A 1 128 ? 21.157  0.092   -3.153  1.00 16.89 ? 107 TRP A O   1 
ATOM   838 C CB  . TRP A 1 128 ? 18.105  0.540   -2.599  1.00 17.84 ? 107 TRP A CB  1 
ATOM   839 C CG  . TRP A 1 128 ? 18.008  1.882   -3.289  1.00 18.97 ? 107 TRP A CG  1 
ATOM   840 C CD1 . TRP A 1 128 ? 17.229  2.191   -4.369  1.00 18.17 ? 107 TRP A CD1 1 
ATOM   841 C CD2 . TRP A 1 128 ? 18.724  3.082   -2.951  1.00 20.92 ? 107 TRP A CD2 1 
ATOM   842 N NE1 . TRP A 1 128 ? 17.419  3.506   -4.724  1.00 19.84 ? 107 TRP A NE1 1 
ATOM   843 C CE2 . TRP A 1 128 ? 18.320  4.078   -3.864  1.00 21.00 ? 107 TRP A CE2 1 
ATOM   844 C CE3 . TRP A 1 128 ? 19.668  3.409   -1.965  1.00 23.38 ? 107 TRP A CE3 1 
ATOM   845 C CZ2 . TRP A 1 128 ? 18.828  5.384   -3.825  1.00 22.18 ? 107 TRP A CZ2 1 
ATOM   846 C CZ3 . TRP A 1 128 ? 20.174  4.708   -1.923  1.00 23.07 ? 107 TRP A CZ3 1 
ATOM   847 C CH2 . TRP A 1 128 ? 19.752  5.678   -2.850  1.00 23.92 ? 107 TRP A CH2 1 
ATOM   848 N N   . ASN A 1 129 ? 20.203  0.517   -5.154  1.00 17.77 ? 108 ASN A N   1 
ATOM   849 C CA  . ASN A 1 129 ? 21.416  1.082   -5.735  1.00 18.85 ? 108 ASN A CA  1 
ATOM   850 C C   . ASN A 1 129 ? 22.575  0.085   -5.707  1.00 19.16 ? 108 ASN A C   1 
ATOM   851 O O   . ASN A 1 129 ? 23.714  0.452   -5.444  1.00 18.90 ? 108 ASN A O   1 
ATOM   852 C CB  . ASN A 1 129 ? 21.815  2.372   -5.000  1.00 19.24 ? 108 ASN A CB  1 
ATOM   853 C CG  . ASN A 1 129 ? 22.535  3.362   -5.910  1.00 20.44 ? 108 ASN A CG  1 
ATOM   854 O OD1 . ASN A 1 129 ? 22.524  3.228   -7.139  1.00 21.51 ? 108 ASN A OD1 1 
ATOM   855 N ND2 . ASN A 1 129 ? 23.154  4.359   -5.313  1.00 21.82 ? 108 ASN A ND2 1 
ATOM   856 N N   . GLY A 1 130 ? 22.266  -1.183  -5.951  1.00 19.31 ? 109 GLY A N   1 
ATOM   857 C CA  . GLY A 1 130 ? 23.265  -2.243  -5.965  1.00 19.87 ? 109 GLY A CA  1 
ATOM   858 C C   . GLY A 1 130 ? 23.779  -2.719  -4.611  1.00 20.56 ? 109 GLY A C   1 
ATOM   859 O O   . GLY A 1 130 ? 24.577  -3.650  -4.549  1.00 20.96 ? 109 GLY A O   1 
ATOM   860 N N   . THR A 1 131 ? 23.328  -2.114  -3.520  1.00 20.58 ? 110 THR A N   1 
ATOM   861 C CA  A THR A 1 131 ? 23.840  -2.481  -2.206  0.50 20.98 ? 110 THR A CA  1 
ATOM   862 C CA  B THR A 1 131 ? 23.841  -2.466  -2.194  0.50 20.83 ? 110 THR A CA  1 
ATOM   863 C C   . THR A 1 131 ? 22.719  -2.797  -1.214  1.00 20.92 ? 110 THR A C   1 
ATOM   864 O O   . THR A 1 131 ? 21.618  -2.260  -1.324  1.00 20.58 ? 110 THR A O   1 
ATOM   865 C CB  A THR A 1 131 ? 24.765  -1.373  -1.658  0.50 20.86 ? 110 THR A CB  1 
ATOM   866 C CB  B THR A 1 131 ? 24.693  -1.323  -1.599  0.50 20.69 ? 110 THR A CB  1 
ATOM   867 O OG1 A THR A 1 131 ? 25.079  -1.640  -0.288  0.50 21.11 ? 110 THR A OG1 1 
ATOM   868 O OG1 B THR A 1 131 ? 23.834  -0.302  -1.078  0.50 21.52 ? 110 THR A OG1 1 
ATOM   869 C CG2 A THR A 1 131 ? 24.094  -0.016  -1.772  0.50 21.41 ? 110 THR A CG2 1 
ATOM   870 C CG2 B THR A 1 131 ? 25.594  -0.724  -2.658  0.50 19.85 ? 110 THR A CG2 1 
ATOM   871 N N   . ASN A 1 132 ? 23.006  -3.675  -0.250  1.00 21.37 ? 111 ASN A N   1 
ATOM   872 C CA  . ASN A 1 132 ? 22.014  -4.072  0.759   1.00 21.89 ? 111 ASN A CA  1 
ATOM   873 C C   . ASN A 1 132 ? 22.014  -3.226  2.019   1.00 22.98 ? 111 ASN A C   1 
ATOM   874 O O   . ASN A 1 132 ? 23.049  -2.738  2.473   1.00 21.65 ? 111 ASN A O   1 
ATOM   875 C CB  . ASN A 1 132 ? 22.181  -5.530  1.177   1.00 21.83 ? 111 ASN A CB  1 
ATOM   876 C CG  . ASN A 1 132 ? 21.605  -6.502  0.169   1.00 21.63 ? 111 ASN A CG  1 
ATOM   877 O OD1 . ASN A 1 132 ? 21.736  -7.709  0.329   1.00 22.67 ? 111 ASN A OD1 1 
ATOM   878 N ND2 . ASN A 1 132 ? 20.970  -5.984  -0.873  1.00 18.50 ? 111 ASN A ND2 1 
ATOM   879 N N   . PHE A 1 133 ? 20.832  -3.079  2.597   1.00 24.49 ? 112 PHE A N   1 
ATOM   880 C CA  . PHE A 1 133 ? 20.700  -2.348  3.832   1.00 26.65 ? 112 PHE A CA  1 
ATOM   881 C C   . PHE A 1 133 ? 20.104  -3.271  4.890   1.00 26.86 ? 112 PHE A C   1 
ATOM   882 O O   . PHE A 1 133 ? 20.476  -3.211  6.053   1.00 27.41 ? 112 PHE A O   1 
ATOM   883 C CB  . PHE A 1 133 ? 19.871  -1.082  3.596   1.00 27.23 ? 112 PHE A CB  1 
ATOM   884 C CG  . PHE A 1 133 ? 20.475  -0.166  2.551   1.00 29.82 ? 112 PHE A CG  1 
ATOM   885 C CD1 . PHE A 1 133 ? 20.384  -0.474  1.199   1.00 31.47 ? 112 PHE A CD1 1 
ATOM   886 C CD2 . PHE A 1 133 ? 21.158  0.987   2.921   1.00 31.94 ? 112 PHE A CD2 1 
ATOM   887 C CE1 . PHE A 1 133 ? 20.952  0.361   0.232   1.00 31.37 ? 112 PHE A CE1 1 
ATOM   888 C CE2 . PHE A 1 133 ? 21.723  1.823   1.963   1.00 32.25 ? 112 PHE A CE2 1 
ATOM   889 C CZ  . PHE A 1 133 ? 21.621  1.504   0.614   1.00 32.74 ? 112 PHE A CZ  1 
ATOM   890 O OXT . PHE A 1 133 ? 19.267  -4.132  4.601   1.00 27.78 ? 112 PHE A OXT 1 
HETATM 891 O O   . HOH B 2 .   ? 1.143   0.826   -4.467  1.00 17.56 ? 113 HOH A O   1 
HETATM 892 O O   . HOH B 2 .   ? 19.546  -2.444  -6.109  1.00 16.47 ? 114 HOH A O   1 
HETATM 893 O O   . HOH B 2 .   ? -18.291 -8.291  0.684   1.00 16.03 ? 115 HOH A O   1 
HETATM 894 O O   . HOH B 2 .   ? 9.383   12.587  3.143   1.00 40.38 ? 116 HOH A O   1 
HETATM 895 O O   . HOH B 2 .   ? 13.260  -6.515  8.684   1.00 27.36 ? 117 HOH A O   1 
HETATM 896 O O   . HOH B 2 .   ? -16.463 -2.565  -3.045  1.00 18.15 ? 118 HOH A O   1 
HETATM 897 O O   . HOH B 2 .   ? -15.077 -15.728 -2.101  1.00 20.63 ? 119 HOH A O   1 
HETATM 898 O O   . HOH B 2 .   ? -6.828  8.470   3.745   1.00 16.48 ? 120 HOH A O   1 
HETATM 899 O O   . HOH B 2 .   ? -0.875  -1.011  15.204  1.00 14.29 ? 121 HOH A O   1 
HETATM 900 O O   . HOH B 2 .   ? -4.016  11.929  -2.488  1.00 21.50 ? 122 HOH A O   1 
HETATM 901 O O   . HOH B 2 .   ? -10.017 1.828   -9.306  1.00 20.66 ? 123 HOH A O   1 
HETATM 902 O O   . HOH B 2 .   ? 8.624   7.446   -3.237  1.00 18.23 ? 124 HOH A O   1 
HETATM 903 O O   . HOH B 2 .   ? -10.277 4.005   7.697   1.00 22.04 ? 125 HOH A O   1 
HETATM 904 O O   . HOH B 2 .   ? -11.730 -7.280  -12.021 1.00 23.43 ? 126 HOH A O   1 
HETATM 905 O O   . HOH B 2 .   ? -13.317 3.454   3.875   1.00 23.96 ? 127 HOH A O   1 
HETATM 906 O O   . HOH B 2 .   ? 3.785   3.404   17.303  1.00 29.87 ? 128 HOH A O   1 
HETATM 907 O O   . HOH B 2 .   ? 4.468   -4.756  -0.809  1.00 22.02 ? 129 HOH A O   1 
HETATM 908 O O   . HOH B 2 .   ? -2.078  -1.341  -12.889 1.00 28.83 ? 130 HOH A O   1 
HETATM 909 O O   . HOH B 2 .   ? 7.017   -10.774 7.247   1.00 25.10 ? 131 HOH A O   1 
HETATM 910 O O   . HOH B 2 .   ? -16.968 -8.206  2.929   1.00 23.84 ? 132 HOH A O   1 
HETATM 911 O O   . HOH B 2 .   ? -19.484 -12.318 -8.256  1.00 35.59 ? 133 HOH A O   1 
HETATM 912 O O   . HOH B 2 .   ? -3.700  -4.245  -15.584 1.00 39.13 ? 134 HOH A O   1 
HETATM 913 O O   . HOH B 2 .   ? -16.506 -16.782 -9.873  1.00 37.61 ? 135 HOH A O   1 
HETATM 914 O O   . HOH B 2 .   ? 12.756  11.172  0.559   1.00 49.23 ? 136 HOH A O   1 
HETATM 915 O O   . HOH B 2 .   ? -14.375 -5.730  -9.505  1.00 20.18 ? 137 HOH A O   1 
HETATM 916 O O   . HOH B 2 .   ? 25.157  -5.389  -0.049  1.00 35.72 ? 138 HOH A O   1 
HETATM 917 O O   . HOH B 2 .   ? -1.526  1.522   19.602  1.00 31.86 ? 139 HOH A O   1 
HETATM 918 O O   . HOH B 2 .   ? 19.455  -5.810  4.022   1.00 18.92 ? 140 HOH A O   1 
HETATM 919 O O   . HOH B 2 .   ? -12.760 -9.369  -9.982  1.00 23.10 ? 141 HOH A O   1 
HETATM 920 O O   . HOH B 2 .   ? -11.506 -3.410  -14.422 1.00 32.88 ? 142 HOH A O   1 
HETATM 921 O O   . HOH B 2 .   ? -6.681  11.582  -2.148  1.00 28.73 ? 143 HOH A O   1 
HETATM 922 O O   . HOH B 2 .   ? -10.676 -7.817  -14.596 1.00 35.09 ? 144 HOH A O   1 
HETATM 923 O O   . HOH B 2 .   ? 11.899  -0.491  4.461   1.00 29.25 ? 145 HOH A O   1 
HETATM 924 O O   . HOH B 2 .   ? -9.543  12.343  -3.992  1.00 40.03 ? 146 HOH A O   1 
HETATM 925 O O   . HOH B 2 .   ? 16.226  -7.909  8.584   1.00 20.41 ? 147 HOH A O   1 
HETATM 926 O O   . HOH B 2 .   ? -19.409 -5.223  0.833   1.00 28.84 ? 148 HOH A O   1 
HETATM 927 O O   . HOH B 2 .   ? 9.675   -7.545  11.604  1.00 36.62 ? 149 HOH A O   1 
HETATM 928 O O   . HOH B 2 .   ? -3.261  -7.339  -12.024 1.00 34.76 ? 150 HOH A O   1 
HETATM 929 O O   . HOH B 2 .   ? 16.316  -10.026 9.426   1.00 27.90 ? 151 HOH A O   1 
HETATM 930 O O   . HOH B 2 .   ? -5.002  10.635  3.973   1.00 34.47 ? 152 HOH A O   1 
HETATM 931 O O   . HOH B 2 .   ? -2.680  1.411   -13.465 1.00 25.35 ? 153 HOH A O   1 
HETATM 932 O O   . HOH B 2 .   ? 0.078   -0.277  21.091  1.00 22.13 ? 154 HOH A O   1 
HETATM 933 O O   . HOH B 2 .   ? -10.507 4.351   -12.873 1.00 24.38 ? 155 HOH A O   1 
HETATM 934 O O   . HOH B 2 .   ? -10.606 4.120   -15.853 1.00 25.42 ? 156 HOH A O   1 
HETATM 935 O O   . HOH B 2 .   ? -16.077 1.859   3.256   1.00 26.09 ? 157 HOH A O   1 
HETATM 936 O O   . HOH B 2 .   ? -11.006 8.978   -7.653  1.00 24.70 ? 158 HOH A O   1 
HETATM 937 O O   . HOH B 2 .   ? -13.161 10.163  -7.386  1.00 30.20 ? 159 HOH A O   1 
HETATM 938 O O   . HOH B 2 .   ? 5.733   -5.463  13.566  1.00 24.20 ? 160 HOH A O   1 
HETATM 939 O O   . HOH B 2 .   ? 14.565  0.608   6.792   1.00 35.12 ? 161 HOH A O   1 
HETATM 940 O O   . HOH B 2 .   ? -6.563  10.274  -14.958 1.00 21.58 ? 162 HOH A O   1 
HETATM 941 O O   . HOH B 2 .   ? 4.581   4.022   19.938  1.00 35.67 ? 163 HOH A O   1 
HETATM 942 O O   . HOH B 2 .   ? -0.816  4.384   20.638  1.00 30.35 ? 164 HOH A O   1 
HETATM 943 O O   . HOH B 2 .   ? 27.566  -0.117  -5.347  1.00 43.33 ? 165 HOH A O   1 
HETATM 944 O O   . HOH B 2 .   ? 27.039  -3.663  -6.933  1.00 32.69 ? 166 HOH A O   1 
HETATM 945 O O   . HOH B 2 .   ? 25.157  -5.643  -2.849  1.00 23.61 ? 167 HOH A O   1 
HETATM 946 O O   . HOH B 2 .   ? 25.075  1.984   -2.489  1.00 42.19 ? 168 HOH A O   1 
# 
loop_
_pdbx_poly_seq_scheme.asym_id 
_pdbx_poly_seq_scheme.entity_id 
_pdbx_poly_seq_scheme.seq_id 
_pdbx_poly_seq_scheme.mon_id 
_pdbx_poly_seq_scheme.ndb_seq_num 
_pdbx_poly_seq_scheme.pdb_seq_num 
_pdbx_poly_seq_scheme.auth_seq_num 
_pdbx_poly_seq_scheme.pdb_mon_id 
_pdbx_poly_seq_scheme.auth_mon_id 
_pdbx_poly_seq_scheme.pdb_strand_id 
_pdbx_poly_seq_scheme.pdb_ins_code 
_pdbx_poly_seq_scheme.hetero 
A 1 1   MET 1   -20 ?   ?   ?   A . n 
A 1 2   GLY 2   -19 ?   ?   ?   A . n 
A 1 3   SER 3   -18 ?   ?   ?   A . n 
A 1 4   SER 4   -17 ?   ?   ?   A . n 
A 1 5   HIS 5   -16 ?   ?   ?   A . n 
A 1 6   HIS 6   -15 ?   ?   ?   A . n 
A 1 7   HIS 7   -14 ?   ?   ?   A . n 
A 1 8   HIS 8   -13 ?   ?   ?   A . n 
A 1 9   HIS 9   -12 ?   ?   ?   A . n 
A 1 10  HIS 10  -11 ?   ?   ?   A . n 
A 1 11  SER 11  -10 ?   ?   ?   A . n 
A 1 12  SER 12  -9  ?   ?   ?   A . n 
A 1 13  GLY 13  -8  ?   ?   ?   A . n 
A 1 14  LEU 14  -7  ?   ?   ?   A . n 
A 1 15  VAL 15  -6  ?   ?   ?   A . n 
A 1 16  PRO 16  -5  ?   ?   ?   A . n 
A 1 17  ARG 17  -4  ?   ?   ?   A . n 
A 1 18  GLY 18  -3  ?   ?   ?   A . n 
A 1 19  SER 19  -2  ?   ?   ?   A . n 
A 1 20  HIS 20  -1  ?   ?   ?   A . n 
A 1 21  MET 21  0   0   MET MET A . n 
A 1 22  PRO 22  1   1   PRO PRO A . n 
A 1 23  VAL 23  2   2   VAL VAL A . n 
A 1 24  ILE 24  3   3   ILE ILE A . n 
A 1 25  GLN 25  4   4   GLN GLN A . n 
A 1 26  THR 26  5   5   THR THR A . n 
A 1 27  PHE 27  6   6   PHE PHE A . n 
A 1 28  VAL 28  7   7   VAL VAL A . n 
A 1 29  SER 29  8   8   SER SER A . n 
A 1 30  THR 30  9   9   THR THR A . n 
A 1 31  PRO 31  10  10  PRO PRO A . n 
A 1 32  LEU 32  11  11  LEU LEU A . n 
A 1 33  ASP 33  12  12  ASP ASP A . n 
A 1 34  HIS 34  13  13  HIS HIS A . n 
A 1 35  HIS 35  14  14  HIS HIS A . n 
A 1 36  LYS 36  15  15  LYS LYS A . n 
A 1 37  ARG 37  16  16  ARG ARG A . n 
A 1 38  GLU 38  17  17  GLU GLU A . n 
A 1 39  ASN 39  18  18  ASN ASN A . n 
A 1 40  LEU 40  19  19  LEU LEU A . n 
A 1 41  ALA 41  20  20  ALA ALA A . n 
A 1 42  GLN 42  21  21  GLN GLN A . n 
A 1 43  VAL 43  22  22  VAL VAL A . n 
A 1 44  TYR 44  23  23  TYR TYR A . n 
A 1 45  ARG 45  24  24  ARG ARG A . n 
A 1 46  ALA 46  25  25  ALA ALA A . n 
A 1 47  VAL 47  26  26  VAL VAL A . n 
A 1 48  THR 48  27  27  THR THR A . n 
A 1 49  ARG 49  28  28  ARG ARG A . n 
A 1 50  ASP 50  29  29  ASP ASP A . n 
A 1 51  VAL 51  30  30  VAL VAL A . n 
A 1 52  LEU 52  31  31  LEU LEU A . n 
A 1 53  GLY 53  32  32  GLY GLY A . n 
A 1 54  LYS 54  33  33  LYS LYS A . n 
A 1 55  PRO 55  34  34  PRO PRO A . n 
A 1 56  GLU 56  35  35  GLU GLU A . n 
A 1 57  ASP 57  36  36  ASP ASP A . n 
A 1 58  LEU 58  37  37  LEU LEU A . n 
A 1 59  VAL 59  38  38  VAL VAL A . n 
A 1 60  MET 60  39  39  MET MET A . n 
A 1 61  MET 61  40  40  MET MET A . n 
A 1 62  THR 62  41  41  THR THR A . n 
A 1 63  PHE 63  42  42  PHE PHE A . n 
A 1 64  HIS 64  43  43  HIS HIS A . n 
A 1 65  ASP 65  44  44  ASP ASP A . n 
A 1 66  SER 66  45  45  SER SER A . n 
A 1 67  THR 67  46  46  THR THR A . n 
A 1 68  PRO 68  47  47  PRO PRO A . n 
A 1 69  MET 69  48  48  MET MET A . n 
A 1 70  HIS 70  49  49  HIS HIS A . n 
A 1 71  PHE 71  50  50  PHE PHE A . n 
A 1 72  PHE 72  51  51  PHE PHE A . n 
A 1 73  GLY 73  52  52  GLY GLY A . n 
A 1 74  SER 74  53  53  SER SER A . n 
A 1 75  THR 75  54  54  THR THR A . n 
A 1 76  ASP 76  55  55  ASP ASP A . n 
A 1 77  PRO 77  56  56  PRO PRO A . n 
A 1 78  VAL 78  57  57  VAL VAL A . n 
A 1 79  ALA 79  58  58  ALA ALA A . n 
A 1 80  CYS 80  59  59  CYS CYS A . n 
A 1 81  VAL 81  60  60  VAL VAL A . n 
A 1 82  ARG 82  61  61  ARG ARG A . n 
A 1 83  VAL 83  62  62  VAL VAL A . n 
A 1 84  GLU 84  63  63  GLU GLU A . n 
A 1 85  ALA 85  64  64  ALA ALA A . n 
A 1 86  LEU 86  65  65  LEU LEU A . n 
A 1 87  GLY 87  66  66  GLY GLY A . n 
A 1 88  GLY 88  67  67  GLY GLY A . n 
A 1 89  TYR 89  68  68  TYR TYR A . n 
A 1 90  GLY 90  69  69  GLY GLY A . n 
A 1 91  PRO 91  70  70  PRO PRO A . n 
A 1 92  SER 92  71  71  SER SER A . n 
A 1 93  GLU 93  72  72  GLU GLU A . n 
A 1 94  PRO 94  73  73  PRO PRO A . n 
A 1 95  GLU 95  74  74  GLU GLU A . n 
A 1 96  LYS 96  75  75  LYS LYS A . n 
A 1 97  VAL 97  76  76  VAL VAL A . n 
A 1 98  THR 98  77  77  THR THR A . n 
A 1 99  SER 99  78  78  SER SER A . n 
A 1 100 ILE 100 79  79  ILE ILE A . n 
A 1 101 VAL 101 80  80  VAL VAL A . n 
A 1 102 THR 102 81  81  THR THR A . n 
A 1 103 ALA 103 82  82  ALA ALA A . n 
A 1 104 ALA 104 83  83  ALA ALA A . n 
A 1 105 ILE 105 84  84  ILE ILE A . n 
A 1 106 THR 106 85  85  THR THR A . n 
A 1 107 LYS 107 86  86  LYS LYS A . n 
A 1 108 GLU 108 87  87  GLU GLU A . n 
A 1 109 CYS 109 88  88  CYS CYS A . n 
A 1 110 GLY 110 89  89  GLY GLY A . n 
A 1 111 ILE 111 90  90  ILE ILE A . n 
A 1 112 VAL 112 91  91  VAL VAL A . n 
A 1 113 ALA 113 92  92  ALA ALA A . n 
A 1 114 ASP 114 93  93  ASP ASP A . n 
A 1 115 ARG 115 94  94  ARG ARG A . n 
A 1 116 ILE 116 95  95  ILE ILE A . n 
A 1 117 PHE 117 96  96  PHE PHE A . n 
A 1 118 VAL 118 97  97  VAL VAL A . n 
A 1 119 LEU 119 98  98  LEU LEU A . n 
A 1 120 TYR 120 99  99  TYR TYR A . n 
A 1 121 PHE 121 100 100 PHE PHE A . n 
A 1 122 SER 122 101 101 SER SER A . n 
A 1 123 PRO 123 102 102 PRO PRO A . n 
A 1 124 LEU 124 103 103 LEU LEU A . n 
A 1 125 HIS 125 104 104 HIS HIS A . n 
A 1 126 CYS 126 105 105 CYS CYS A . n 
A 1 127 GLY 127 106 106 GLY GLY A . n 
A 1 128 TRP 128 107 107 TRP TRP A . n 
A 1 129 ASN 129 108 108 ASN ASN A . n 
A 1 130 GLY 130 109 109 GLY GLY A . n 
A 1 131 THR 131 110 110 THR THR A . n 
A 1 132 ASN 132 111 111 ASN ASN A . n 
A 1 133 PHE 133 112 112 PHE PHE A . n 
# 
loop_
_pdbx_nonpoly_scheme.asym_id 
_pdbx_nonpoly_scheme.entity_id 
_pdbx_nonpoly_scheme.mon_id 
_pdbx_nonpoly_scheme.ndb_seq_num 
_pdbx_nonpoly_scheme.pdb_seq_num 
_pdbx_nonpoly_scheme.auth_seq_num 
_pdbx_nonpoly_scheme.pdb_mon_id 
_pdbx_nonpoly_scheme.auth_mon_id 
_pdbx_nonpoly_scheme.pdb_strand_id 
_pdbx_nonpoly_scheme.pdb_ins_code 
B 2 HOH 1  113 1  HOH HOH A . 
B 2 HOH 2  114 2  HOH HOH A . 
B 2 HOH 3  115 3  HOH HOH A . 
B 2 HOH 4  116 4  HOH HOH A . 
B 2 HOH 5  117 5  HOH HOH A . 
B 2 HOH 6  118 6  HOH HOH A . 
B 2 HOH 7  119 7  HOH HOH A . 
B 2 HOH 8  120 8  HOH HOH A . 
B 2 HOH 9  121 9  HOH HOH A . 
B 2 HOH 10 122 10 HOH HOH A . 
B 2 HOH 11 123 11 HOH HOH A . 
B 2 HOH 12 124 12 HOH HOH A . 
B 2 HOH 13 125 13 HOH HOH A . 
B 2 HOH 14 126 14 HOH HOH A . 
B 2 HOH 15 127 15 HOH HOH A . 
B 2 HOH 16 128 16 HOH HOH A . 
B 2 HOH 17 129 17 HOH HOH A . 
B 2 HOH 18 130 18 HOH HOH A . 
B 2 HOH 19 131 19 HOH HOH A . 
B 2 HOH 20 132 20 HOH HOH A . 
B 2 HOH 21 133 21 HOH HOH A . 
B 2 HOH 22 134 22 HOH HOH A . 
B 2 HOH 23 135 23 HOH HOH A . 
B 2 HOH 24 136 24 HOH HOH A . 
B 2 HOH 25 137 25 HOH HOH A . 
B 2 HOH 26 138 26 HOH HOH A . 
B 2 HOH 27 139 27 HOH HOH A . 
B 2 HOH 28 140 28 HOH HOH A . 
B 2 HOH 29 141 29 HOH HOH A . 
B 2 HOH 30 142 30 HOH HOH A . 
B 2 HOH 31 143 31 HOH HOH A . 
B 2 HOH 32 144 32 HOH HOH A . 
B 2 HOH 33 145 33 HOH HOH A . 
B 2 HOH 34 146 34 HOH HOH A . 
B 2 HOH 35 147 35 HOH HOH A . 
B 2 HOH 36 148 36 HOH HOH A . 
B 2 HOH 37 149 37 HOH HOH A . 
B 2 HOH 38 150 38 HOH HOH A . 
B 2 HOH 39 151 39 HOH HOH A . 
B 2 HOH 40 152 40 HOH HOH A . 
B 2 HOH 41 153 41 HOH HOH A . 
B 2 HOH 42 154 44 HOH HOH A . 
B 2 HOH 43 155 45 HOH HOH A . 
B 2 HOH 44 156 46 HOH HOH A . 
B 2 HOH 45 157 47 HOH HOH A . 
B 2 HOH 46 158 48 HOH HOH A . 
B 2 HOH 47 159 49 HOH HOH A . 
B 2 HOH 48 160 50 HOH HOH A . 
B 2 HOH 49 161 51 HOH HOH A . 
B 2 HOH 50 162 52 HOH HOH A . 
B 2 HOH 51 163 53 HOH HOH A . 
B 2 HOH 52 164 54 HOH HOH A . 
B 2 HOH 53 165 55 HOH HOH A . 
B 2 HOH 54 166 56 HOH HOH A . 
B 2 HOH 55 167 57 HOH HOH A . 
B 2 HOH 56 168 58 HOH HOH A . 
# 
_pdbx_struct_assembly.id                   1 
_pdbx_struct_assembly.details              author_and_software_defined_assembly 
_pdbx_struct_assembly.method_details       PISA 
_pdbx_struct_assembly.oligomeric_details   trimeric 
_pdbx_struct_assembly.oligomeric_count     3 
# 
_pdbx_struct_assembly_gen.assembly_id       1 
_pdbx_struct_assembly_gen.oper_expression   1,2,3 
_pdbx_struct_assembly_gen.asym_id_list      A,B 
# 
loop_
_pdbx_struct_assembly_prop.biol_id 
_pdbx_struct_assembly_prop.type 
_pdbx_struct_assembly_prop.value 
_pdbx_struct_assembly_prop.details 
1 'ABSA (A^2)' 6970  ? 
1 MORE         -52   ? 
1 'SSA (A^2)'  12230 ? 
# 
loop_
_pdbx_struct_oper_list.id 
_pdbx_struct_oper_list.type 
_pdbx_struct_oper_list.name 
_pdbx_struct_oper_list.symmetry_operation 
_pdbx_struct_oper_list.matrix[1][1] 
_pdbx_struct_oper_list.matrix[1][2] 
_pdbx_struct_oper_list.matrix[1][3] 
_pdbx_struct_oper_list.vector[1] 
_pdbx_struct_oper_list.matrix[2][1] 
_pdbx_struct_oper_list.matrix[2][2] 
_pdbx_struct_oper_list.matrix[2][3] 
_pdbx_struct_oper_list.vector[2] 
_pdbx_struct_oper_list.matrix[3][1] 
_pdbx_struct_oper_list.matrix[3][2] 
_pdbx_struct_oper_list.matrix[3][3] 
_pdbx_struct_oper_list.vector[3] 
1 'identity operation'         1_555 x,y,z     1.0000000000  0.0000000000  0.0000000000 0.0000000000  0.0000000000  1.0000000000  0.0000000000  0.0000000000   0.0000000000 0.0000000000  1.0000000000 0.0000000000  
2 'crystal symmetry operation' 2_555 -y,x-y,z  -0.2940661891 -0.9075099742 0.2999178607 -3.5653607925 0.6506927682  -0.4199317040 -0.6326581110 -20.1766815422 0.7000885643 0.0091110233  0.7139978931 -3.7132384522 
3 'crystal symmetry operation' 3_555 -x+y,-x,z -0.2940661891 0.6506927682  0.7000885643 14.6799644811 -0.9075099742 -0.4199317040 0.0091110233  -11.6745973395 0.2999178607 -0.6326581110 0.7139978931 -9.0443814178 
# 
loop_
_pdbx_audit_revision_history.ordinal 
_pdbx_audit_revision_history.data_content_type 
_pdbx_audit_revision_history.major_revision 
_pdbx_audit_revision_history.minor_revision 
_pdbx_audit_revision_history.revision_date 
1 'Structure model' 1 0 2009-03-24 
2 'Structure model' 1 1 2011-07-13 
3 'Structure model' 1 2 2023-09-06 
# 
_pdbx_audit_revision_details.ordinal             1 
_pdbx_audit_revision_details.revision_ordinal    1 
_pdbx_audit_revision_details.data_content_type   'Structure model' 
_pdbx_audit_revision_details.provider            repository 
_pdbx_audit_revision_details.type                'Initial release' 
_pdbx_audit_revision_details.description         ? 
_pdbx_audit_revision_details.details             ? 
# 
loop_
_pdbx_audit_revision_group.ordinal 
_pdbx_audit_revision_group.revision_ordinal 
_pdbx_audit_revision_group.data_content_type 
_pdbx_audit_revision_group.group 
1 2 'Structure model' 'Version format compliance' 
2 3 'Structure model' 'Data collection'           
3 3 'Structure model' 'Database references'       
4 3 'Structure model' 'Refinement description'    
# 
loop_
_pdbx_audit_revision_category.ordinal 
_pdbx_audit_revision_category.revision_ordinal 
_pdbx_audit_revision_category.data_content_type 
_pdbx_audit_revision_category.category 
1 3 'Structure model' chem_comp_atom                
2 3 'Structure model' chem_comp_bond                
3 3 'Structure model' database_2                    
4 3 'Structure model' pdbx_initial_refinement_model 
5 3 'Structure model' struct_ref_seq_dif            
# 
loop_
_pdbx_audit_revision_item.ordinal 
_pdbx_audit_revision_item.revision_ordinal 
_pdbx_audit_revision_item.data_content_type 
_pdbx_audit_revision_item.item 
1 3 'Structure model' '_database_2.pdbx_DOI'                
2 3 'Structure model' '_database_2.pdbx_database_accession' 
3 3 'Structure model' '_struct_ref_seq_dif.details'         
# 
_phasing.method   MR 
# 
loop_
_software.name 
_software.version 
_software.date 
_software.type 
_software.contact_author 
_software.contact_author_email 
_software.classification 
_software.location 
_software.language 
_software.citation_id 
_software.pdbx_ordinal 
SCALA       .        ?               other   'Phil R. Evans'      pre@mrc-lmb.cam.ac.uk  'data scaling'    
http://www.ccp4.ac.uk/dist/html/scala.html   Fortran_77 ? 1 
MOLREP      .        ?               program 'Alexei Vaguine'     alexei@ysbl.york.ac.uk phasing           
http://www.ccp4.ac.uk/dist/html/molrep.html  Fortran_77 ? 2 
REFMAC      5.5.0066 ?               program 'Garib N. Murshudov' garib@ysbl.york.ac.uk  refinement        
http://www.ccp4.ac.uk/dist/html/refmac5.html Fortran_77 ? 3 
PDB_EXTRACT 3.006    'June 11, 2008' package PDB                  help@deposit.rcsb.org  'data extraction' 
http://sw-tools.pdb.org/apps/PDB_EXTRACT/    C++        ? 4 
ADSC        Quantum  ?               ?       ?                    ?                      'data collection' ? ?          ? 5 
MOSFLM      .        ?               ?       ?                    ?                      'data reduction'  ? ?          ? 6 
# 
_pdbx_validate_close_contact.id               1 
_pdbx_validate_close_contact.PDB_model_num    1 
_pdbx_validate_close_contact.auth_atom_id_1   OXT 
_pdbx_validate_close_contact.auth_asym_id_1   A 
_pdbx_validate_close_contact.auth_comp_id_1   PHE 
_pdbx_validate_close_contact.auth_seq_id_1    112 
_pdbx_validate_close_contact.PDB_ins_code_1   ? 
_pdbx_validate_close_contact.label_alt_id_1   ? 
_pdbx_validate_close_contact.auth_atom_id_2   O 
_pdbx_validate_close_contact.auth_asym_id_2   A 
_pdbx_validate_close_contact.auth_comp_id_2   HOH 
_pdbx_validate_close_contact.auth_seq_id_2    140 
_pdbx_validate_close_contact.PDB_ins_code_2   ? 
_pdbx_validate_close_contact.label_alt_id_2   ? 
_pdbx_validate_close_contact.dist             1.78 
# 
loop_
_pdbx_validate_symm_contact.id 
_pdbx_validate_symm_contact.PDB_model_num 
_pdbx_validate_symm_contact.auth_atom_id_1 
_pdbx_validate_symm_contact.auth_asym_id_1 
_pdbx_validate_symm_contact.auth_comp_id_1 
_pdbx_validate_symm_contact.auth_seq_id_1 
_pdbx_validate_symm_contact.PDB_ins_code_1 
_pdbx_validate_symm_contact.label_alt_id_1 
_pdbx_validate_symm_contact.site_symmetry_1 
_pdbx_validate_symm_contact.auth_atom_id_2 
_pdbx_validate_symm_contact.auth_asym_id_2 
_pdbx_validate_symm_contact.auth_comp_id_2 
_pdbx_validate_symm_contact.auth_seq_id_2 
_pdbx_validate_symm_contact.PDB_ins_code_2 
_pdbx_validate_symm_contact.label_alt_id_2 
_pdbx_validate_symm_contact.site_symmetry_2 
_pdbx_validate_symm_contact.dist 
1 1 OE1 A GLU 17 ? ? 1_555 O A HOH 135 ? ? 3_555 1.77 
2 1 ND1 A HIS 14 ? ? 1_555 O A HOH 151 ? ? 9_444 2.18 
# 
loop_
_pdbx_unobs_or_zero_occ_residues.id 
_pdbx_unobs_or_zero_occ_residues.PDB_model_num 
_pdbx_unobs_or_zero_occ_residues.polymer_flag 
_pdbx_unobs_or_zero_occ_residues.occupancy_flag 
_pdbx_unobs_or_zero_occ_residues.auth_asym_id 
_pdbx_unobs_or_zero_occ_residues.auth_comp_id 
_pdbx_unobs_or_zero_occ_residues.auth_seq_id 
_pdbx_unobs_or_zero_occ_residues.PDB_ins_code 
_pdbx_unobs_or_zero_occ_residues.label_asym_id 
_pdbx_unobs_or_zero_occ_residues.label_comp_id 
_pdbx_unobs_or_zero_occ_residues.label_seq_id 
1  1 Y 1 A MET -20 ? A MET 1  
2  1 Y 1 A GLY -19 ? A GLY 2  
3  1 Y 1 A SER -18 ? A SER 3  
4  1 Y 1 A SER -17 ? A SER 4  
5  1 Y 1 A HIS -16 ? A HIS 5  
6  1 Y 1 A HIS -15 ? A HIS 6  
7  1 Y 1 A HIS -14 ? A HIS 7  
8  1 Y 1 A HIS -13 ? A HIS 8  
9  1 Y 1 A HIS -12 ? A HIS 9  
10 1 Y 1 A HIS -11 ? A HIS 10 
11 1 Y 1 A SER -10 ? A SER 11 
12 1 Y 1 A SER -9  ? A SER 12 
13 1 Y 1 A GLY -8  ? A GLY 13 
14 1 Y 1 A LEU -7  ? A LEU 14 
15 1 Y 1 A VAL -6  ? A VAL 15 
16 1 Y 1 A PRO -5  ? A PRO 16 
17 1 Y 1 A ARG -4  ? A ARG 17 
18 1 Y 1 A GLY -3  ? A GLY 18 
19 1 Y 1 A SER -2  ? A SER 19 
20 1 Y 1 A HIS -1  ? A HIS 20 
# 
loop_
_chem_comp_atom.comp_id 
_chem_comp_atom.atom_id 
_chem_comp_atom.type_symbol 
_chem_comp_atom.pdbx_aromatic_flag 
_chem_comp_atom.pdbx_stereo_config 
_chem_comp_atom.pdbx_ordinal 
ALA N    N N N 1   
ALA CA   C N S 2   
ALA C    C N N 3   
ALA O    O N N 4   
ALA CB   C N N 5   
ALA OXT  O N N 6   
ALA H    H N N 7   
ALA H2   H N N 8   
ALA HA   H N N 9   
ALA HB1  H N N 10  
ALA HB2  H N N 11  
ALA HB3  H N N 12  
ALA HXT  H N N 13  
ARG N    N N N 14  
ARG CA   C N S 15  
ARG C    C N N 16  
ARG O    O N N 17  
ARG CB   C N N 18  
ARG CG   C N N 19  
ARG CD   C N N 20  
ARG NE   N N N 21  
ARG CZ   C N N 22  
ARG NH1  N N N 23  
ARG NH2  N N N 24  
ARG OXT  O N N 25  
ARG H    H N N 26  
ARG H2   H N N 27  
ARG HA   H N N 28  
ARG HB2  H N N 29  
ARG HB3  H N N 30  
ARG HG2  H N N 31  
ARG HG3  H N N 32  
ARG HD2  H N N 33  
ARG HD3  H N N 34  
ARG HE   H N N 35  
ARG HH11 H N N 36  
ARG HH12 H N N 37  
ARG HH21 H N N 38  
ARG HH22 H N N 39  
ARG HXT  H N N 40  
ASN N    N N N 41  
ASN CA   C N S 42  
ASN C    C N N 43  
ASN O    O N N 44  
ASN CB   C N N 45  
ASN CG   C N N 46  
ASN OD1  O N N 47  
ASN ND2  N N N 48  
ASN OXT  O N N 49  
ASN H    H N N 50  
ASN H2   H N N 51  
ASN HA   H N N 52  
ASN HB2  H N N 53  
ASN HB3  H N N 54  
ASN HD21 H N N 55  
ASN HD22 H N N 56  
ASN HXT  H N N 57  
ASP N    N N N 58  
ASP CA   C N S 59  
ASP C    C N N 60  
ASP O    O N N 61  
ASP CB   C N N 62  
ASP CG   C N N 63  
ASP OD1  O N N 64  
ASP OD2  O N N 65  
ASP OXT  O N N 66  
ASP H    H N N 67  
ASP H2   H N N 68  
ASP HA   H N N 69  
ASP HB2  H N N 70  
ASP HB3  H N N 71  
ASP HD2  H N N 72  
ASP HXT  H N N 73  
CYS N    N N N 74  
CYS CA   C N R 75  
CYS C    C N N 76  
CYS O    O N N 77  
CYS CB   C N N 78  
CYS SG   S N N 79  
CYS OXT  O N N 80  
CYS H    H N N 81  
CYS H2   H N N 82  
CYS HA   H N N 83  
CYS HB2  H N N 84  
CYS HB3  H N N 85  
CYS HG   H N N 86  
CYS HXT  H N N 87  
GLN N    N N N 88  
GLN CA   C N S 89  
GLN C    C N N 90  
GLN O    O N N 91  
GLN CB   C N N 92  
GLN CG   C N N 93  
GLN CD   C N N 94  
GLN OE1  O N N 95  
GLN NE2  N N N 96  
GLN OXT  O N N 97  
GLN H    H N N 98  
GLN H2   H N N 99  
GLN HA   H N N 100 
GLN HB2  H N N 101 
GLN HB3  H N N 102 
GLN HG2  H N N 103 
GLN HG3  H N N 104 
GLN HE21 H N N 105 
GLN HE22 H N N 106 
GLN HXT  H N N 107 
GLU N    N N N 108 
GLU CA   C N S 109 
GLU C    C N N 110 
GLU O    O N N 111 
GLU CB   C N N 112 
GLU CG   C N N 113 
GLU CD   C N N 114 
GLU OE1  O N N 115 
GLU OE2  O N N 116 
GLU OXT  O N N 117 
GLU H    H N N 118 
GLU H2   H N N 119 
GLU HA   H N N 120 
GLU HB2  H N N 121 
GLU HB3  H N N 122 
GLU HG2  H N N 123 
GLU HG3  H N N 124 
GLU HE2  H N N 125 
GLU HXT  H N N 126 
GLY N    N N N 127 
GLY CA   C N N 128 
GLY C    C N N 129 
GLY O    O N N 130 
GLY OXT  O N N 131 
GLY H    H N N 132 
GLY H2   H N N 133 
GLY HA2  H N N 134 
GLY HA3  H N N 135 
GLY HXT  H N N 136 
HIS N    N N N 137 
HIS CA   C N S 138 
HIS C    C N N 139 
HIS O    O N N 140 
HIS CB   C N N 141 
HIS CG   C Y N 142 
HIS ND1  N Y N 143 
HIS CD2  C Y N 144 
HIS CE1  C Y N 145 
HIS NE2  N Y N 146 
HIS OXT  O N N 147 
HIS H    H N N 148 
HIS H2   H N N 149 
HIS HA   H N N 150 
HIS HB2  H N N 151 
HIS HB3  H N N 152 
HIS HD1  H N N 153 
HIS HD2  H N N 154 
HIS HE1  H N N 155 
HIS HE2  H N N 156 
HIS HXT  H N N 157 
HOH O    O N N 158 
HOH H1   H N N 159 
HOH H2   H N N 160 
ILE N    N N N 161 
ILE CA   C N S 162 
ILE C    C N N 163 
ILE O    O N N 164 
ILE CB   C N S 165 
ILE CG1  C N N 166 
ILE CG2  C N N 167 
ILE CD1  C N N 168 
ILE OXT  O N N 169 
ILE H    H N N 170 
ILE H2   H N N 171 
ILE HA   H N N 172 
ILE HB   H N N 173 
ILE HG12 H N N 174 
ILE HG13 H N N 175 
ILE HG21 H N N 176 
ILE HG22 H N N 177 
ILE HG23 H N N 178 
ILE HD11 H N N 179 
ILE HD12 H N N 180 
ILE HD13 H N N 181 
ILE HXT  H N N 182 
LEU N    N N N 183 
LEU CA   C N S 184 
LEU C    C N N 185 
LEU O    O N N 186 
LEU CB   C N N 187 
LEU CG   C N N 188 
LEU CD1  C N N 189 
LEU CD2  C N N 190 
LEU OXT  O N N 191 
LEU H    H N N 192 
LEU H2   H N N 193 
LEU HA   H N N 194 
LEU HB2  H N N 195 
LEU HB3  H N N 196 
LEU HG   H N N 197 
LEU HD11 H N N 198 
LEU HD12 H N N 199 
LEU HD13 H N N 200 
LEU HD21 H N N 201 
LEU HD22 H N N 202 
LEU HD23 H N N 203 
LEU HXT  H N N 204 
LYS N    N N N 205 
LYS CA   C N S 206 
LYS C    C N N 207 
LYS O    O N N 208 
LYS CB   C N N 209 
LYS CG   C N N 210 
LYS CD   C N N 211 
LYS CE   C N N 212 
LYS NZ   N N N 213 
LYS OXT  O N N 214 
LYS H    H N N 215 
LYS H2   H N N 216 
LYS HA   H N N 217 
LYS HB2  H N N 218 
LYS HB3  H N N 219 
LYS HG2  H N N 220 
LYS HG3  H N N 221 
LYS HD2  H N N 222 
LYS HD3  H N N 223 
LYS HE2  H N N 224 
LYS HE3  H N N 225 
LYS HZ1  H N N 226 
LYS HZ2  H N N 227 
LYS HZ3  H N N 228 
LYS HXT  H N N 229 
MET N    N N N 230 
MET CA   C N S 231 
MET C    C N N 232 
MET O    O N N 233 
MET CB   C N N 234 
MET CG   C N N 235 
MET SD   S N N 236 
MET CE   C N N 237 
MET OXT  O N N 238 
MET H    H N N 239 
MET H2   H N N 240 
MET HA   H N N 241 
MET HB2  H N N 242 
MET HB3  H N N 243 
MET HG2  H N N 244 
MET HG3  H N N 245 
MET HE1  H N N 246 
MET HE2  H N N 247 
MET HE3  H N N 248 
MET HXT  H N N 249 
PHE N    N N N 250 
PHE CA   C N S 251 
PHE C    C N N 252 
PHE O    O N N 253 
PHE CB   C N N 254 
PHE CG   C Y N 255 
PHE CD1  C Y N 256 
PHE CD2  C Y N 257 
PHE CE1  C Y N 258 
PHE CE2  C Y N 259 
PHE CZ   C Y N 260 
PHE OXT  O N N 261 
PHE H    H N N 262 
PHE H2   H N N 263 
PHE HA   H N N 264 
PHE HB2  H N N 265 
PHE HB3  H N N 266 
PHE HD1  H N N 267 
PHE HD2  H N N 268 
PHE HE1  H N N 269 
PHE HE2  H N N 270 
PHE HZ   H N N 271 
PHE HXT  H N N 272 
PRO N    N N N 273 
PRO CA   C N S 274 
PRO C    C N N 275 
PRO O    O N N 276 
PRO CB   C N N 277 
PRO CG   C N N 278 
PRO CD   C N N 279 
PRO OXT  O N N 280 
PRO H    H N N 281 
PRO HA   H N N 282 
PRO HB2  H N N 283 
PRO HB3  H N N 284 
PRO HG2  H N N 285 
PRO HG3  H N N 286 
PRO HD2  H N N 287 
PRO HD3  H N N 288 
PRO HXT  H N N 289 
SER N    N N N 290 
SER CA   C N S 291 
SER C    C N N 292 
SER O    O N N 293 
SER CB   C N N 294 
SER OG   O N N 295 
SER OXT  O N N 296 
SER H    H N N 297 
SER H2   H N N 298 
SER HA   H N N 299 
SER HB2  H N N 300 
SER HB3  H N N 301 
SER HG   H N N 302 
SER HXT  H N N 303 
THR N    N N N 304 
THR CA   C N S 305 
THR C    C N N 306 
THR O    O N N 307 
THR CB   C N R 308 
THR OG1  O N N 309 
THR CG2  C N N 310 
THR OXT  O N N 311 
THR H    H N N 312 
THR H2   H N N 313 
THR HA   H N N 314 
THR HB   H N N 315 
THR HG1  H N N 316 
THR HG21 H N N 317 
THR HG22 H N N 318 
THR HG23 H N N 319 
THR HXT  H N N 320 
TRP N    N N N 321 
TRP CA   C N S 322 
TRP C    C N N 323 
TRP O    O N N 324 
TRP CB   C N N 325 
TRP CG   C Y N 326 
TRP CD1  C Y N 327 
TRP CD2  C Y N 328 
TRP NE1  N Y N 329 
TRP CE2  C Y N 330 
TRP CE3  C Y N 331 
TRP CZ2  C Y N 332 
TRP CZ3  C Y N 333 
TRP CH2  C Y N 334 
TRP OXT  O N N 335 
TRP H    H N N 336 
TRP H2   H N N 337 
TRP HA   H N N 338 
TRP HB2  H N N 339 
TRP HB3  H N N 340 
TRP HD1  H N N 341 
TRP HE1  H N N 342 
TRP HE3  H N N 343 
TRP HZ2  H N N 344 
TRP HZ3  H N N 345 
TRP HH2  H N N 346 
TRP HXT  H N N 347 
TYR N    N N N 348 
TYR CA   C N S 349 
TYR C    C N N 350 
TYR O    O N N 351 
TYR CB   C N N 352 
TYR CG   C Y N 353 
TYR CD1  C Y N 354 
TYR CD2  C Y N 355 
TYR CE1  C Y N 356 
TYR CE2  C Y N 357 
TYR CZ   C Y N 358 
TYR OH   O N N 359 
TYR OXT  O N N 360 
TYR H    H N N 361 
TYR H2   H N N 362 
TYR HA   H N N 363 
TYR HB2  H N N 364 
TYR HB3  H N N 365 
TYR HD1  H N N 366 
TYR HD2  H N N 367 
TYR HE1  H N N 368 
TYR HE2  H N N 369 
TYR HH   H N N 370 
TYR HXT  H N N 371 
VAL N    N N N 372 
VAL CA   C N S 373 
VAL C    C N N 374 
VAL O    O N N 375 
VAL CB   C N N 376 
VAL CG1  C N N 377 
VAL CG2  C N N 378 
VAL OXT  O N N 379 
VAL H    H N N 380 
VAL H2   H N N 381 
VAL HA   H N N 382 
VAL HB   H N N 383 
VAL HG11 H N N 384 
VAL HG12 H N N 385 
VAL HG13 H N N 386 
VAL HG21 H N N 387 
VAL HG22 H N N 388 
VAL HG23 H N N 389 
VAL HXT  H N N 390 
# 
loop_
_chem_comp_bond.comp_id 
_chem_comp_bond.atom_id_1 
_chem_comp_bond.atom_id_2 
_chem_comp_bond.value_order 
_chem_comp_bond.pdbx_aromatic_flag 
_chem_comp_bond.pdbx_stereo_config 
_chem_comp_bond.pdbx_ordinal 
ALA N   CA   sing N N 1   
ALA N   H    sing N N 2   
ALA N   H2   sing N N 3   
ALA CA  C    sing N N 4   
ALA CA  CB   sing N N 5   
ALA CA  HA   sing N N 6   
ALA C   O    doub N N 7   
ALA C   OXT  sing N N 8   
ALA CB  HB1  sing N N 9   
ALA CB  HB2  sing N N 10  
ALA CB  HB3  sing N N 11  
ALA OXT HXT  sing N N 12  
ARG N   CA   sing N N 13  
ARG N   H    sing N N 14  
ARG N   H2   sing N N 15  
ARG CA  C    sing N N 16  
ARG CA  CB   sing N N 17  
ARG CA  HA   sing N N 18  
ARG C   O    doub N N 19  
ARG C   OXT  sing N N 20  
ARG CB  CG   sing N N 21  
ARG CB  HB2  sing N N 22  
ARG CB  HB3  sing N N 23  
ARG CG  CD   sing N N 24  
ARG CG  HG2  sing N N 25  
ARG CG  HG3  sing N N 26  
ARG CD  NE   sing N N 27  
ARG CD  HD2  sing N N 28  
ARG CD  HD3  sing N N 29  
ARG NE  CZ   sing N N 30  
ARG NE  HE   sing N N 31  
ARG CZ  NH1  sing N N 32  
ARG CZ  NH2  doub N N 33  
ARG NH1 HH11 sing N N 34  
ARG NH1 HH12 sing N N 35  
ARG NH2 HH21 sing N N 36  
ARG NH2 HH22 sing N N 37  
ARG OXT HXT  sing N N 38  
ASN N   CA   sing N N 39  
ASN N   H    sing N N 40  
ASN N   H2   sing N N 41  
ASN CA  C    sing N N 42  
ASN CA  CB   sing N N 43  
ASN CA  HA   sing N N 44  
ASN C   O    doub N N 45  
ASN C   OXT  sing N N 46  
ASN CB  CG   sing N N 47  
ASN CB  HB2  sing N N 48  
ASN CB  HB3  sing N N 49  
ASN CG  OD1  doub N N 50  
ASN CG  ND2  sing N N 51  
ASN ND2 HD21 sing N N 52  
ASN ND2 HD22 sing N N 53  
ASN OXT HXT  sing N N 54  
ASP N   CA   sing N N 55  
ASP N   H    sing N N 56  
ASP N   H2   sing N N 57  
ASP CA  C    sing N N 58  
ASP CA  CB   sing N N 59  
ASP CA  HA   sing N N 60  
ASP C   O    doub N N 61  
ASP C   OXT  sing N N 62  
ASP CB  CG   sing N N 63  
ASP CB  HB2  sing N N 64  
ASP CB  HB3  sing N N 65  
ASP CG  OD1  doub N N 66  
ASP CG  OD2  sing N N 67  
ASP OD2 HD2  sing N N 68  
ASP OXT HXT  sing N N 69  
CYS N   CA   sing N N 70  
CYS N   H    sing N N 71  
CYS N   H2   sing N N 72  
CYS CA  C    sing N N 73  
CYS CA  CB   sing N N 74  
CYS CA  HA   sing N N 75  
CYS C   O    doub N N 76  
CYS C   OXT  sing N N 77  
CYS CB  SG   sing N N 78  
CYS CB  HB2  sing N N 79  
CYS CB  HB3  sing N N 80  
CYS SG  HG   sing N N 81  
CYS OXT HXT  sing N N 82  
GLN N   CA   sing N N 83  
GLN N   H    sing N N 84  
GLN N   H2   sing N N 85  
GLN CA  C    sing N N 86  
GLN CA  CB   sing N N 87  
GLN CA  HA   sing N N 88  
GLN C   O    doub N N 89  
GLN C   OXT  sing N N 90  
GLN CB  CG   sing N N 91  
GLN CB  HB2  sing N N 92  
GLN CB  HB3  sing N N 93  
GLN CG  CD   sing N N 94  
GLN CG  HG2  sing N N 95  
GLN CG  HG3  sing N N 96  
GLN CD  OE1  doub N N 97  
GLN CD  NE2  sing N N 98  
GLN NE2 HE21 sing N N 99  
GLN NE2 HE22 sing N N 100 
GLN OXT HXT  sing N N 101 
GLU N   CA   sing N N 102 
GLU N   H    sing N N 103 
GLU N   H2   sing N N 104 
GLU CA  C    sing N N 105 
GLU CA  CB   sing N N 106 
GLU CA  HA   sing N N 107 
GLU C   O    doub N N 108 
GLU C   OXT  sing N N 109 
GLU CB  CG   sing N N 110 
GLU CB  HB2  sing N N 111 
GLU CB  HB3  sing N N 112 
GLU CG  CD   sing N N 113 
GLU CG  HG2  sing N N 114 
GLU CG  HG3  sing N N 115 
GLU CD  OE1  doub N N 116 
GLU CD  OE2  sing N N 117 
GLU OE2 HE2  sing N N 118 
GLU OXT HXT  sing N N 119 
GLY N   CA   sing N N 120 
GLY N   H    sing N N 121 
GLY N   H2   sing N N 122 
GLY CA  C    sing N N 123 
GLY CA  HA2  sing N N 124 
GLY CA  HA3  sing N N 125 
GLY C   O    doub N N 126 
GLY C   OXT  sing N N 127 
GLY OXT HXT  sing N N 128 
HIS N   CA   sing N N 129 
HIS N   H    sing N N 130 
HIS N   H2   sing N N 131 
HIS CA  C    sing N N 132 
HIS CA  CB   sing N N 133 
HIS CA  HA   sing N N 134 
HIS C   O    doub N N 135 
HIS C   OXT  sing N N 136 
HIS CB  CG   sing N N 137 
HIS CB  HB2  sing N N 138 
HIS CB  HB3  sing N N 139 
HIS CG  ND1  sing Y N 140 
HIS CG  CD2  doub Y N 141 
HIS ND1 CE1  doub Y N 142 
HIS ND1 HD1  sing N N 143 
HIS CD2 NE2  sing Y N 144 
HIS CD2 HD2  sing N N 145 
HIS CE1 NE2  sing Y N 146 
HIS CE1 HE1  sing N N 147 
HIS NE2 HE2  sing N N 148 
HIS OXT HXT  sing N N 149 
HOH O   H1   sing N N 150 
HOH O   H2   sing N N 151 
ILE N   CA   sing N N 152 
ILE N   H    sing N N 153 
ILE N   H2   sing N N 154 
ILE CA  C    sing N N 155 
ILE CA  CB   sing N N 156 
ILE CA  HA   sing N N 157 
ILE C   O    doub N N 158 
ILE C   OXT  sing N N 159 
ILE CB  CG1  sing N N 160 
ILE CB  CG2  sing N N 161 
ILE CB  HB   sing N N 162 
ILE CG1 CD1  sing N N 163 
ILE CG1 HG12 sing N N 164 
ILE CG1 HG13 sing N N 165 
ILE CG2 HG21 sing N N 166 
ILE CG2 HG22 sing N N 167 
ILE CG2 HG23 sing N N 168 
ILE CD1 HD11 sing N N 169 
ILE CD1 HD12 sing N N 170 
ILE CD1 HD13 sing N N 171 
ILE OXT HXT  sing N N 172 
LEU N   CA   sing N N 173 
LEU N   H    sing N N 174 
LEU N   H2   sing N N 175 
LEU CA  C    sing N N 176 
LEU CA  CB   sing N N 177 
LEU CA  HA   sing N N 178 
LEU C   O    doub N N 179 
LEU C   OXT  sing N N 180 
LEU CB  CG   sing N N 181 
LEU CB  HB2  sing N N 182 
LEU CB  HB3  sing N N 183 
LEU CG  CD1  sing N N 184 
LEU CG  CD2  sing N N 185 
LEU CG  HG   sing N N 186 
LEU CD1 HD11 sing N N 187 
LEU CD1 HD12 sing N N 188 
LEU CD1 HD13 sing N N 189 
LEU CD2 HD21 sing N N 190 
LEU CD2 HD22 sing N N 191 
LEU CD2 HD23 sing N N 192 
LEU OXT HXT  sing N N 193 
LYS N   CA   sing N N 194 
LYS N   H    sing N N 195 
LYS N   H2   sing N N 196 
LYS CA  C    sing N N 197 
LYS CA  CB   sing N N 198 
LYS CA  HA   sing N N 199 
LYS C   O    doub N N 200 
LYS C   OXT  sing N N 201 
LYS CB  CG   sing N N 202 
LYS CB  HB2  sing N N 203 
LYS CB  HB3  sing N N 204 
LYS CG  CD   sing N N 205 
LYS CG  HG2  sing N N 206 
LYS CG  HG3  sing N N 207 
LYS CD  CE   sing N N 208 
LYS CD  HD2  sing N N 209 
LYS CD  HD3  sing N N 210 
LYS CE  NZ   sing N N 211 
LYS CE  HE2  sing N N 212 
LYS CE  HE3  sing N N 213 
LYS NZ  HZ1  sing N N 214 
LYS NZ  HZ2  sing N N 215 
LYS NZ  HZ3  sing N N 216 
LYS OXT HXT  sing N N 217 
MET N   CA   sing N N 218 
MET N   H    sing N N 219 
MET N   H2   sing N N 220 
MET CA  C    sing N N 221 
MET CA  CB   sing N N 222 
MET CA  HA   sing N N 223 
MET C   O    doub N N 224 
MET C   OXT  sing N N 225 
MET CB  CG   sing N N 226 
MET CB  HB2  sing N N 227 
MET CB  HB3  sing N N 228 
MET CG  SD   sing N N 229 
MET CG  HG2  sing N N 230 
MET CG  HG3  sing N N 231 
MET SD  CE   sing N N 232 
MET CE  HE1  sing N N 233 
MET CE  HE2  sing N N 234 
MET CE  HE3  sing N N 235 
MET OXT HXT  sing N N 236 
PHE N   CA   sing N N 237 
PHE N   H    sing N N 238 
PHE N   H2   sing N N 239 
PHE CA  C    sing N N 240 
PHE CA  CB   sing N N 241 
PHE CA  HA   sing N N 242 
PHE C   O    doub N N 243 
PHE C   OXT  sing N N 244 
PHE CB  CG   sing N N 245 
PHE CB  HB2  sing N N 246 
PHE CB  HB3  sing N N 247 
PHE CG  CD1  doub Y N 248 
PHE CG  CD2  sing Y N 249 
PHE CD1 CE1  sing Y N 250 
PHE CD1 HD1  sing N N 251 
PHE CD2 CE2  doub Y N 252 
PHE CD2 HD2  sing N N 253 
PHE CE1 CZ   doub Y N 254 
PHE CE1 HE1  sing N N 255 
PHE CE2 CZ   sing Y N 256 
PHE CE2 HE2  sing N N 257 
PHE CZ  HZ   sing N N 258 
PHE OXT HXT  sing N N 259 
PRO N   CA   sing N N 260 
PRO N   CD   sing N N 261 
PRO N   H    sing N N 262 
PRO CA  C    sing N N 263 
PRO CA  CB   sing N N 264 
PRO CA  HA   sing N N 265 
PRO C   O    doub N N 266 
PRO C   OXT  sing N N 267 
PRO CB  CG   sing N N 268 
PRO CB  HB2  sing N N 269 
PRO CB  HB3  sing N N 270 
PRO CG  CD   sing N N 271 
PRO CG  HG2  sing N N 272 
PRO CG  HG3  sing N N 273 
PRO CD  HD2  sing N N 274 
PRO CD  HD3  sing N N 275 
PRO OXT HXT  sing N N 276 
SER N   CA   sing N N 277 
SER N   H    sing N N 278 
SER N   H2   sing N N 279 
SER CA  C    sing N N 280 
SER CA  CB   sing N N 281 
SER CA  HA   sing N N 282 
SER C   O    doub N N 283 
SER C   OXT  sing N N 284 
SER CB  OG   sing N N 285 
SER CB  HB2  sing N N 286 
SER CB  HB3  sing N N 287 
SER OG  HG   sing N N 288 
SER OXT HXT  sing N N 289 
THR N   CA   sing N N 290 
THR N   H    sing N N 291 
THR N   H2   sing N N 292 
THR CA  C    sing N N 293 
THR CA  CB   sing N N 294 
THR CA  HA   sing N N 295 
THR C   O    doub N N 296 
THR C   OXT  sing N N 297 
THR CB  OG1  sing N N 298 
THR CB  CG2  sing N N 299 
THR CB  HB   sing N N 300 
THR OG1 HG1  sing N N 301 
THR CG2 HG21 sing N N 302 
THR CG2 HG22 sing N N 303 
THR CG2 HG23 sing N N 304 
THR OXT HXT  sing N N 305 
TRP N   CA   sing N N 306 
TRP N   H    sing N N 307 
TRP N   H2   sing N N 308 
TRP CA  C    sing N N 309 
TRP CA  CB   sing N N 310 
TRP CA  HA   sing N N 311 
TRP C   O    doub N N 312 
TRP C   OXT  sing N N 313 
TRP CB  CG   sing N N 314 
TRP CB  HB2  sing N N 315 
TRP CB  HB3  sing N N 316 
TRP CG  CD1  doub Y N 317 
TRP CG  CD2  sing Y N 318 
TRP CD1 NE1  sing Y N 319 
TRP CD1 HD1  sing N N 320 
TRP CD2 CE2  doub Y N 321 
TRP CD2 CE3  sing Y N 322 
TRP NE1 CE2  sing Y N 323 
TRP NE1 HE1  sing N N 324 
TRP CE2 CZ2  sing Y N 325 
TRP CE3 CZ3  doub Y N 326 
TRP CE3 HE3  sing N N 327 
TRP CZ2 CH2  doub Y N 328 
TRP CZ2 HZ2  sing N N 329 
TRP CZ3 CH2  sing Y N 330 
TRP CZ3 HZ3  sing N N 331 
TRP CH2 HH2  sing N N 332 
TRP OXT HXT  sing N N 333 
TYR N   CA   sing N N 334 
TYR N   H    sing N N 335 
TYR N   H2   sing N N 336 
TYR CA  C    sing N N 337 
TYR CA  CB   sing N N 338 
TYR CA  HA   sing N N 339 
TYR C   O    doub N N 340 
TYR C   OXT  sing N N 341 
TYR CB  CG   sing N N 342 
TYR CB  HB2  sing N N 343 
TYR CB  HB3  sing N N 344 
TYR CG  CD1  doub Y N 345 
TYR CG  CD2  sing Y N 346 
TYR CD1 CE1  sing Y N 347 
TYR CD1 HD1  sing N N 348 
TYR CD2 CE2  doub Y N 349 
TYR CD2 HD2  sing N N 350 
TYR CE1 CZ   doub Y N 351 
TYR CE1 HE1  sing N N 352 
TYR CE2 CZ   sing Y N 353 
TYR CE2 HE2  sing N N 354 
TYR CZ  OH   sing N N 355 
TYR OH  HH   sing N N 356 
TYR OXT HXT  sing N N 357 
VAL N   CA   sing N N 358 
VAL N   H    sing N N 359 
VAL N   H2   sing N N 360 
VAL CA  C    sing N N 361 
VAL CA  CB   sing N N 362 
VAL CA  HA   sing N N 363 
VAL C   O    doub N N 364 
VAL C   OXT  sing N N 365 
VAL CB  CG1  sing N N 366 
VAL CB  CG2  sing N N 367 
VAL CB  HB   sing N N 368 
VAL CG1 HG11 sing N N 369 
VAL CG1 HG12 sing N N 370 
VAL CG1 HG13 sing N N 371 
VAL CG2 HG21 sing N N 372 
VAL CG2 HG22 sing N N 373 
VAL CG2 HG23 sing N N 374 
VAL OXT HXT  sing N N 375 
# 
_pdbx_entity_nonpoly.entity_id   2 
_pdbx_entity_nonpoly.name        water 
_pdbx_entity_nonpoly.comp_id     HOH 
# 
_pdbx_initial_refinement_model.id               1 
_pdbx_initial_refinement_model.entity_id_list   ? 
_pdbx_initial_refinement_model.type             'experimental model' 
_pdbx_initial_refinement_model.source_name      PDB 
_pdbx_initial_refinement_model.accession_code   1UIZ 
_pdbx_initial_refinement_model.details          'PDB entry 1UIZ' 
# 
